data_7AHD
#
_entry.id   7AHD
#
_cell.length_a   1.00
_cell.length_b   1.00
_cell.length_c   1.00
_cell.angle_alpha   90.00
_cell.angle_beta   90.00
_cell.angle_gamma   90.00
#
_symmetry.space_group_name_H-M   'P 1'
#
loop_
_entity.id
_entity.type
_entity.pdbx_description
1 polymer 'ABC-type proline/glycine betaine transport system ATPase component'
2 polymer 'ABC transporter permease subunit'
3 non-polymer "ADENOSINE-5'-TRIPHOSPHATE"
4 non-polymer 'TRIMETHYL GLYCINE'
#
loop_
_entity_poly.entity_id
_entity_poly.type
_entity_poly.pdbx_seq_one_letter_code
_entity_poly.pdbx_strand_id
1 'polypeptide(L)'
;MAVKIKIEHLTKIFGKRIKTALTMVEKGEPKNEILKKTGATVGVYDTNFEINEGEIFVIMGLSGSGKSTLLRLLNRLIEP
TSGKIFIDNQDVATLNKEDLLQVRRKTMSMVFQNFGLFPHRTILENTEYGLEVQNVPKEERRKRAEKALDNANLLDFKDQ
YPKQLSGGMQQRVGLARALANDPEILLMDQAFSALDPLIRREMQDELLELQAKFQKTIIFVSHDLNEALRIGDRIAIMKD
GKIMQIGTGEEILTNPANDYVKTFVEDVDRAKVITAENIMIPALTTNIDVDGPSVALKKMKTEEVSSLMAVDKKRQFRGV
VTSEQAIAARKNNQPLKDVMTTDVGTVSKEMLVRDILPIIYDAPTPLAVVDDNGFLKGVLIRGSVLEALADIPDEDEVEE
IEKEEENK
;
C,D
2 'polypeptide(L)'
;MIDLAIGQVPIANWVSSATDWITSTFSSGFDVIQKSGTVLMNGITGALTAVPFWLMIAVVTILAILVSGKKIAFPLFTFI
GLSLIANQGLWSDLMSTITLVLLSSLLSIIIGVPLGIWMAKSDLVAKIVQPILDFMQTMPGFVYLIPAVAFFGIGVVPGV
FASVIFALPPTVRMTNLGIRQVSTELVEAADSFGSTARQKLFKLEFPLAKGTIMAGVNQTIMLALSMVVIASMIGAPGLG
RGVLAAVQSADIGKGFVSGISLVILAIIIDRFTQKLNVSPLEKQGNPTVKKWKRGIALVSLLALIIGAFSGMSFGKTASD
KKVDLVYMNWDSEVASINVLTQAMKEHGFDVKTTALDNAVAWQTVANGQADGMVSAWLPNTHKTQWQKYGKSVDLLGPNL
KGAKVGFVVPSYMNVNSIEDLTNQANKTITGIEPGAGVMAASEKTLNSYDNLKDWKLVPSSSGAMTVALGEAIKQHKDIV
ITGWSPHWMFNKYDLKYLADPKGTMGTSENINTIVRKGLKKENPEAYKVLDKFNWTTKDMEAVMLDIQNGKTPEEAAKNW
IKDHQKEVDKWFKGSIEGRHHHHHH
;
A,B
#
# COMPACT_ATOMS: atom_id res chain seq x y z
N VAL A 3 30.92 0.23 43.67
CA VAL A 3 29.53 0.42 43.27
C VAL A 3 29.45 0.79 41.81
N LYS A 4 28.45 0.24 41.12
CA LYS A 4 28.26 0.47 39.69
C LYS A 4 26.93 1.12 39.37
N ILE A 5 25.84 0.65 39.97
CA ILE A 5 24.51 1.17 39.68
C ILE A 5 23.82 1.54 40.97
N LYS A 6 23.10 2.67 40.92
CA LYS A 6 22.16 3.05 41.96
C LYS A 6 20.77 3.17 41.36
N ILE A 7 19.77 2.88 42.19
CA ILE A 7 18.37 3.05 41.84
C ILE A 7 17.68 3.64 43.05
N GLU A 8 17.03 4.80 42.86
CA GLU A 8 16.42 5.52 43.96
C GLU A 8 14.98 5.87 43.61
N HIS A 9 14.05 5.41 44.44
CA HIS A 9 12.62 5.66 44.28
C HIS A 9 12.20 5.48 42.83
N LEU A 10 12.75 4.45 42.20
CA LEU A 10 12.39 4.13 40.83
C LEU A 10 10.95 3.67 40.77
N THR A 11 10.20 4.19 39.79
CA THR A 11 8.80 3.87 39.66
C THR A 11 8.39 4.03 38.20
N LYS A 12 7.57 3.08 37.74
CA LYS A 12 7.07 3.10 36.37
C LYS A 12 5.66 2.53 36.38
N ILE A 13 4.69 3.34 35.98
CA ILE A 13 3.28 2.96 35.99
C ILE A 13 2.74 3.14 34.58
N PHE A 14 2.11 2.09 34.07
CA PHE A 14 1.64 2.06 32.69
C PHE A 14 0.23 2.60 32.60
N GLY A 15 -0.33 2.52 31.40
CA GLY A 15 -1.68 2.98 31.21
C GLY A 15 -1.77 4.48 31.47
N LYS A 16 -2.95 4.88 31.90
CA LYS A 16 -3.23 6.28 32.14
C LYS A 16 -3.85 6.43 33.52
N ARG A 17 -4.32 7.63 33.85
CA ARG A 17 -4.79 7.91 35.19
C ARG A 17 -3.68 7.68 36.20
N ILE A 18 -2.43 7.88 35.78
CA ILE A 18 -1.29 7.54 36.61
C ILE A 18 -1.33 8.25 37.95
N LYS A 19 -1.98 9.41 38.01
CA LYS A 19 -1.98 10.19 39.25
C LYS A 19 -2.69 9.43 40.37
N THR A 20 -3.93 9.01 40.10
CA THR A 20 -4.68 8.31 41.14
C THR A 20 -4.04 6.97 41.49
N ALA A 21 -3.50 6.27 40.50
CA ALA A 21 -2.83 5.01 40.77
C ALA A 21 -1.61 5.21 41.68
N LEU A 22 -0.83 6.26 41.39
CA LEU A 22 0.32 6.56 42.23
C LEU A 22 -0.11 6.92 43.63
N THR A 23 -1.21 7.66 43.77
CA THR A 23 -1.75 7.96 45.10
C THR A 23 -2.16 6.67 45.81
N MET A 24 -2.83 5.78 45.09
CA MET A 24 -3.29 4.52 45.67
C MET A 24 -2.12 3.74 46.23
N VAL A 25 -1.05 3.61 45.44
CA VAL A 25 0.11 2.86 45.92
C VAL A 25 0.76 3.59 47.09
N GLU A 26 0.74 4.93 47.04
CA GLU A 26 1.23 5.69 48.18
C GLU A 26 0.49 5.32 49.46
N LYS A 27 -0.81 5.00 49.36
CA LYS A 27 -1.49 4.44 50.52
C LYS A 27 -1.05 3.02 50.78
N GLY A 28 -0.85 2.24 49.71
CA GLY A 28 -0.42 0.86 49.84
C GLY A 28 -1.47 -0.14 49.40
N GLU A 29 -2.37 0.27 48.51
CA GLU A 29 -3.36 -0.64 47.97
C GLU A 29 -2.71 -1.61 47.00
N PRO A 30 -3.29 -2.80 46.82
CA PRO A 30 -2.69 -3.79 45.93
C PRO A 30 -2.81 -3.41 44.46
N LYS A 31 -2.16 -4.19 43.60
CA LYS A 31 -2.09 -3.90 42.18
C LYS A 31 -3.41 -4.17 41.47
N ASN A 32 -4.07 -5.27 41.80
CA ASN A 32 -5.29 -5.66 41.08
C ASN A 32 -6.42 -4.68 41.30
N GLU A 33 -6.61 -4.20 42.54
CA GLU A 33 -7.66 -3.24 42.80
C GLU A 33 -7.41 -1.94 42.05
N ILE A 34 -6.15 -1.51 42.01
CA ILE A 34 -5.76 -0.32 41.27
C ILE A 34 -6.08 -0.49 39.80
N LEU A 35 -5.73 -1.64 39.23
CA LEU A 35 -6.07 -1.92 37.84
C LEU A 35 -7.58 -1.89 37.63
N LYS A 36 -8.34 -2.42 38.59
CA LYS A 36 -9.78 -2.47 38.45
C LYS A 36 -10.37 -1.07 38.35
N LYS A 37 -9.99 -0.19 39.28
CA LYS A 37 -10.51 1.19 39.22
C LYS A 37 -10.01 1.92 37.99
N THR A 38 -8.70 1.90 37.75
CA THR A 38 -8.08 2.83 36.83
C THR A 38 -7.60 2.19 35.53
N GLY A 39 -7.31 0.90 35.54
CA GLY A 39 -6.71 0.27 34.39
C GLY A 39 -5.22 0.49 34.26
N ALA A 40 -4.61 1.18 35.22
CA ALA A 40 -3.17 1.43 35.22
C ALA A 40 -2.50 0.34 36.04
N THR A 41 -1.71 -0.49 35.36
CA THR A 41 -1.02 -1.58 36.00
C THR A 41 0.34 -1.10 36.49
N VAL A 42 0.53 -1.09 37.81
CA VAL A 42 1.78 -0.62 38.39
C VAL A 42 2.87 -1.63 38.08
N GLY A 43 3.74 -1.28 37.13
CA GLY A 43 4.82 -2.16 36.75
C GLY A 43 5.83 -2.35 37.86
N VAL A 44 6.16 -1.28 38.55
CA VAL A 44 7.14 -1.33 39.63
C VAL A 44 7.00 -0.06 40.46
N TYR A 45 7.22 -0.19 41.77
CA TYR A 45 6.99 0.91 42.70
C TYR A 45 8.15 1.02 43.67
N ASP A 46 8.65 2.24 43.86
CA ASP A 46 9.65 2.58 44.85
C ASP A 46 10.71 1.49 44.97
N THR A 47 11.28 1.13 43.82
CA THR A 47 12.41 0.21 43.79
C THR A 47 13.69 0.99 44.00
N ASN A 48 14.39 0.67 45.09
CA ASN A 48 15.56 1.41 45.51
C ASN A 48 16.60 0.39 45.95
N PHE A 49 17.76 0.38 45.30
CA PHE A 49 18.83 -0.52 45.69
C PHE A 49 20.11 -0.12 44.97
N GLU A 50 21.12 -0.97 45.09
CA GLU A 50 22.46 -0.72 44.58
C GLU A 50 23.06 -2.01 44.05
N ILE A 51 23.77 -1.91 42.95
CA ILE A 51 24.46 -3.05 42.35
C ILE A 51 25.94 -2.72 42.23
N ASN A 52 26.78 -3.60 42.77
CA ASN A 52 28.22 -3.41 42.74
C ASN A 52 28.83 -4.09 41.52
N GLU A 53 30.09 -3.75 41.27
CA GLU A 53 30.79 -4.26 40.10
C GLU A 53 31.17 -5.72 40.31
N GLY A 54 31.25 -6.47 39.21
CA GLY A 54 31.62 -7.86 39.28
C GLY A 54 30.66 -8.72 40.07
N GLU A 55 29.36 -8.51 39.88
CA GLU A 55 28.35 -9.14 40.72
C GLU A 55 27.19 -9.62 39.85
N ILE A 56 26.76 -10.86 40.07
CA ILE A 56 25.60 -11.41 39.38
C ILE A 56 24.40 -11.13 40.27
N PHE A 57 23.78 -9.98 40.06
CA PHE A 57 22.56 -9.61 40.77
C PHE A 57 21.39 -10.32 40.12
N VAL A 58 20.99 -11.45 40.69
CA VAL A 58 19.87 -12.22 40.17
C VAL A 58 18.58 -11.58 40.67
N ILE A 59 17.60 -11.45 39.78
CA ILE A 59 16.29 -10.93 40.11
C ILE A 59 15.28 -12.04 39.86
N MET A 60 14.31 -12.16 40.75
CA MET A 60 13.40 -13.28 40.76
C MET A 60 12.06 -12.79 41.26
N GLY A 61 11.00 -13.47 40.87
CA GLY A 61 9.68 -13.06 41.28
C GLY A 61 8.60 -13.67 40.42
N LEU A 62 7.37 -13.45 40.86
CA LEU A 62 6.22 -13.96 40.14
C LEU A 62 6.08 -13.29 38.79
N SER A 63 5.60 -14.05 37.82
CA SER A 63 5.29 -13.50 36.51
C SER A 63 4.20 -12.45 36.66
N GLY A 64 4.55 -11.19 36.43
CA GLY A 64 3.65 -10.09 36.68
C GLY A 64 4.08 -9.30 37.91
N SER A 65 5.39 -9.21 38.12
CA SER A 65 5.95 -8.53 39.27
C SER A 65 6.89 -7.38 38.93
N GLY A 66 7.18 -7.16 37.65
CA GLY A 66 7.97 -6.02 37.26
C GLY A 66 9.47 -6.27 37.21
N LYS A 67 9.87 -7.29 36.45
CA LYS A 67 11.28 -7.60 36.27
C LYS A 67 11.80 -7.08 34.94
N SER A 68 11.17 -7.47 33.84
CA SER A 68 11.58 -6.97 32.53
C SER A 68 11.48 -5.46 32.48
N THR A 69 10.48 -4.88 33.16
CA THR A 69 10.36 -3.43 33.18
C THR A 69 11.58 -2.78 33.82
N LEU A 70 12.07 -3.36 34.91
CA LEU A 70 13.24 -2.81 35.57
C LEU A 70 14.45 -2.86 34.65
N LEU A 71 14.65 -3.99 33.98
CA LEU A 71 15.77 -4.11 33.05
C LEU A 71 15.67 -3.09 31.94
N ARG A 72 14.47 -2.91 31.39
CA ARG A 72 14.27 -1.92 30.34
C ARG A 72 14.54 -0.51 30.84
N LEU A 73 14.10 -0.21 32.06
CA LEU A 73 14.35 1.11 32.64
C LEU A 73 15.83 1.37 32.81
N LEU A 74 16.58 0.35 33.24
CA LEU A 74 18.02 0.52 33.40
C LEU A 74 18.67 0.92 32.09
N ASN A 75 18.24 0.31 30.98
CA ASN A 75 18.74 0.65 29.66
C ASN A 75 18.00 1.85 29.06
N ARG A 76 17.03 2.39 29.79
CA ARG A 76 16.23 3.54 29.38
C ARG A 76 15.57 3.31 28.02
N LEU A 77 15.15 2.09 27.75
CA LEU A 77 14.25 1.85 26.62
C LEU A 77 12.87 2.41 26.91
N ILE A 78 12.56 2.65 28.17
CA ILE A 78 11.33 3.32 28.57
C ILE A 78 11.66 4.20 29.78
N GLU A 79 10.93 5.30 29.89
CA GLU A 79 11.28 6.24 30.95
C GLU A 79 10.35 6.08 32.13
N PRO A 80 10.86 6.17 33.36
CA PRO A 80 9.99 6.05 34.54
C PRO A 80 9.18 7.31 34.76
N THR A 81 8.11 7.15 35.54
CA THR A 81 7.28 8.28 35.94
C THR A 81 7.89 9.03 37.12
N SER A 82 8.77 8.37 37.87
CA SER A 82 9.39 8.97 39.04
C SER A 82 10.53 8.10 39.50
N GLY A 83 11.68 8.72 39.77
CA GLY A 83 12.82 7.98 40.28
C GLY A 83 14.07 8.23 39.49
N LYS A 84 15.21 7.74 39.98
CA LYS A 84 16.50 8.02 39.38
C LYS A 84 17.30 6.74 39.24
N ILE A 85 17.91 6.58 38.07
CA ILE A 85 18.78 5.46 37.76
C ILE A 85 20.16 6.04 37.48
N PHE A 86 21.14 5.68 38.32
CA PHE A 86 22.50 6.16 38.17
C PHE A 86 23.38 5.00 37.71
N ILE A 87 24.15 5.23 36.65
CA ILE A 87 25.05 4.25 36.10
C ILE A 87 26.42 4.91 36.05
N ASP A 88 27.29 4.55 36.97
CA ASP A 88 28.60 5.19 37.11
C ASP A 88 28.45 6.67 37.45
N ASN A 89 27.61 6.95 38.45
CA ASN A 89 27.36 8.32 38.89
C ASN A 89 26.89 9.20 37.72
N GLN A 90 25.90 8.69 36.98
CA GLN A 90 25.44 9.36 35.77
C GLN A 90 23.97 8.99 35.58
N ASP A 91 23.07 9.94 35.85
CA ASP A 91 21.66 9.69 35.64
C ASP A 91 21.39 9.51 34.15
N VAL A 92 21.02 8.30 33.77
CA VAL A 92 20.80 8.00 32.36
C VAL A 92 19.74 8.91 31.75
N ALA A 93 18.82 9.41 32.56
CA ALA A 93 17.78 10.30 32.05
C ALA A 93 18.32 11.69 31.71
N THR A 94 19.54 12.02 32.12
CA THR A 94 20.19 13.29 31.82
C THR A 94 21.38 13.10 30.90
N LEU A 95 21.25 12.20 29.92
CA LEU A 95 22.33 11.88 29.00
C LEU A 95 21.93 12.30 27.60
N ASN A 96 22.78 13.09 26.95
CA ASN A 96 22.57 13.40 25.55
C ASN A 96 22.76 12.16 24.71
N LYS A 97 22.26 12.20 23.48
CA LYS A 97 22.16 10.99 22.67
C LYS A 97 23.50 10.31 22.47
N GLU A 98 24.58 11.09 22.31
CA GLU A 98 25.87 10.49 22.04
C GLU A 98 26.38 9.69 23.24
N ASP A 99 26.31 10.27 24.44
CA ASP A 99 26.77 9.55 25.62
C ASP A 99 25.88 8.36 25.91
N LEU A 100 24.56 8.52 25.76
CA LEU A 100 23.67 7.37 25.89
C LEU A 100 24.06 6.27 24.92
N LEU A 101 24.48 6.65 23.72
CA LEU A 101 24.79 5.67 22.70
C LEU A 101 26.07 4.93 23.05
N GLN A 102 27.07 5.66 23.53
CA GLN A 102 28.29 5.01 24.01
C GLN A 102 27.98 4.08 25.17
N VAL A 103 27.10 4.50 26.07
CA VAL A 103 26.73 3.66 27.20
C VAL A 103 26.06 2.38 26.73
N ARG A 104 25.07 2.52 25.83
CA ARG A 104 24.34 1.36 25.34
C ARG A 104 25.23 0.44 24.52
N ARG A 105 26.31 0.95 23.94
CA ARG A 105 27.22 0.11 23.17
C ARG A 105 28.23 -0.61 24.05
N LYS A 106 28.86 0.11 24.98
CA LYS A 106 29.96 -0.45 25.75
C LYS A 106 29.58 -0.83 27.16
N THR A 107 28.85 0.03 27.87
CA THR A 107 28.57 -0.20 29.28
C THR A 107 27.63 -1.37 29.51
N MET A 108 26.52 -1.43 28.79
CA MET A 108 25.47 -2.39 29.07
C MET A 108 24.86 -2.93 27.79
N SER A 109 24.58 -4.24 27.79
CA SER A 109 23.90 -4.88 26.68
C SER A 109 22.81 -5.78 27.23
N MET A 110 21.72 -5.92 26.48
CA MET A 110 20.49 -6.50 26.95
C MET A 110 20.13 -7.78 26.20
N VAL A 111 19.47 -8.69 26.92
CA VAL A 111 18.95 -9.94 26.39
C VAL A 111 17.49 -10.04 26.78
N PHE A 112 16.63 -10.28 25.82
CA PHE A 112 15.18 -10.17 26.00
C PHE A 112 14.53 -11.55 26.15
N GLN A 113 13.30 -11.55 26.66
CA GLN A 113 12.54 -12.78 26.74
C GLN A 113 12.15 -13.30 25.37
N ASN A 114 11.79 -12.40 24.46
CA ASN A 114 11.33 -12.76 23.12
C ASN A 114 12.46 -12.87 22.11
N PHE A 115 13.71 -12.71 22.56
CA PHE A 115 14.95 -12.93 21.81
C PHE A 115 15.26 -11.78 20.86
N GLY A 116 14.35 -10.86 20.62
CA GLY A 116 14.63 -9.68 19.80
C GLY A 116 15.50 -9.95 18.60
N LEU A 117 15.07 -10.84 17.70
CA LEU A 117 15.89 -11.31 16.60
C LEU A 117 15.40 -10.73 15.27
N PHE A 118 16.34 -10.51 14.36
CA PHE A 118 16.03 -9.96 13.05
C PHE A 118 15.85 -11.10 12.06
N PRO A 119 14.64 -11.33 11.54
CA PRO A 119 14.47 -12.45 10.60
C PRO A 119 15.32 -12.35 9.35
N HIS A 120 15.52 -11.14 8.84
CA HIS A 120 16.20 -10.96 7.56
C HIS A 120 17.70 -11.15 7.65
N ARG A 121 18.24 -11.49 8.82
CA ARG A 121 19.67 -11.61 9.02
C ARG A 121 19.97 -12.98 9.60
N THR A 122 21.07 -13.57 9.13
CA THR A 122 21.49 -14.86 9.64
C THR A 122 21.91 -14.73 11.11
N ILE A 123 22.24 -15.88 11.70
CA ILE A 123 22.74 -15.88 13.07
C ILE A 123 24.03 -15.08 13.15
N LEU A 124 24.92 -15.27 12.19
CA LEU A 124 26.18 -14.56 12.21
C LEU A 124 26.01 -13.06 11.99
N GLU A 125 24.85 -12.64 11.50
CA GLU A 125 24.59 -11.23 11.27
C GLU A 125 23.80 -10.58 12.40
N ASN A 126 23.00 -11.37 13.12
CA ASN A 126 22.41 -10.90 14.37
C ASN A 126 23.41 -10.93 15.52
N THR A 127 24.27 -11.94 15.55
CA THR A 127 25.25 -12.07 16.62
C THR A 127 26.28 -10.96 16.61
N GLU A 128 26.55 -10.37 15.45
CA GLU A 128 27.54 -9.31 15.33
C GLU A 128 26.91 -7.94 15.11
N TYR A 129 25.60 -7.83 15.30
CA TYR A 129 24.93 -6.55 15.16
C TYR A 129 25.49 -5.54 16.16
N GLY A 130 25.71 -5.98 17.41
CA GLY A 130 26.25 -5.10 18.41
C GLY A 130 27.68 -4.66 18.12
N LEU A 131 28.32 -5.30 17.14
CA LEU A 131 29.65 -4.94 16.70
C LEU A 131 29.65 -4.13 15.41
N GLU A 132 28.67 -4.36 14.54
CA GLU A 132 28.55 -3.55 13.34
C GLU A 132 28.31 -2.09 13.71
N VAL A 133 27.41 -1.84 14.66
CA VAL A 133 27.10 -0.48 15.06
C VAL A 133 28.30 0.22 15.68
N GLN A 134 29.25 -0.53 16.22
CA GLN A 134 30.44 0.05 16.81
C GLN A 134 31.51 0.31 15.77
N ASN A 135 31.20 0.07 14.50
CA ASN A 135 32.12 0.28 13.38
C ASN A 135 33.31 -0.66 13.47
N VAL A 136 33.13 -1.79 14.13
CA VAL A 136 34.20 -2.80 14.17
C VAL A 136 34.38 -3.39 12.78
N PRO A 137 35.61 -3.70 12.36
CA PRO A 137 35.79 -4.30 11.04
C PRO A 137 35.05 -5.61 10.88
N LYS A 138 35.03 -6.13 9.65
CA LYS A 138 34.25 -7.33 9.37
C LYS A 138 34.92 -8.52 10.02
N GLU A 139 36.24 -8.48 10.04
CA GLU A 139 37.07 -9.63 10.32
C GLU A 139 36.97 -10.02 11.79
N GLU A 140 37.32 -9.08 12.66
CA GLU A 140 37.31 -9.32 14.09
C GLU A 140 35.91 -9.59 14.60
N ARG A 141 34.92 -8.83 14.12
CA ARG A 141 33.55 -9.07 14.57
C ARG A 141 33.04 -10.41 14.08
N ARG A 142 33.40 -10.79 12.85
CA ARG A 142 32.97 -12.07 12.32
C ARG A 142 33.46 -13.17 13.25
N LYS A 143 34.73 -13.09 13.63
CA LYS A 143 35.37 -14.15 14.40
C LYS A 143 34.87 -14.16 15.84
N ARG A 144 34.65 -12.98 16.43
CA ARG A 144 34.08 -12.92 17.77
C ARG A 144 32.70 -13.57 17.79
N ALA A 145 31.89 -13.28 16.77
CA ALA A 145 30.57 -13.90 16.68
C ALA A 145 30.70 -15.42 16.55
N GLU A 146 31.62 -15.87 15.69
CA GLU A 146 31.80 -17.31 15.54
C GLU A 146 32.22 -17.96 16.85
N LYS A 147 33.12 -17.31 17.58
CA LYS A 147 33.59 -17.86 18.84
C LYS A 147 32.46 -17.94 19.85
N ALA A 148 31.64 -16.88 19.89
CA ALA A 148 30.48 -16.89 20.78
C ALA A 148 29.51 -18.00 20.43
N LEU A 149 29.25 -18.20 19.14
CA LEU A 149 28.35 -19.26 18.73
C LEU A 149 28.91 -20.63 19.10
N ASP A 150 30.21 -20.83 18.90
CA ASP A 150 30.81 -22.10 19.30
C ASP A 150 30.68 -22.32 20.79
N ASN A 151 30.88 -21.28 21.59
CA ASN A 151 30.58 -21.39 23.02
C ASN A 151 29.12 -21.71 23.27
N ALA A 152 28.22 -21.28 22.39
CA ALA A 152 26.80 -21.54 22.52
C ALA A 152 26.36 -22.74 21.71
N ASN A 153 27.28 -23.42 21.04
CA ASN A 153 26.98 -24.61 20.25
C ASN A 153 25.97 -24.29 19.16
N LEU A 154 26.34 -23.35 18.31
CA LEU A 154 25.52 -22.99 17.15
C LEU A 154 26.38 -22.72 15.92
N LEU A 155 27.67 -23.02 15.95
CA LEU A 155 28.55 -22.65 14.85
C LEU A 155 28.17 -23.32 13.55
N ASP A 156 27.47 -24.45 13.61
CA ASP A 156 26.99 -25.12 12.41
C ASP A 156 25.77 -24.43 11.80
N PHE A 157 25.08 -23.60 12.57
CA PHE A 157 23.88 -22.91 12.11
C PHE A 157 24.14 -21.44 11.79
N LYS A 158 25.40 -21.02 11.74
CA LYS A 158 25.72 -19.62 11.54
C LYS A 158 25.15 -19.07 10.24
N ASP A 159 24.91 -19.92 9.25
CA ASP A 159 24.40 -19.49 7.96
C ASP A 159 22.89 -19.58 7.85
N GLN A 160 22.20 -20.04 8.89
CA GLN A 160 20.76 -20.21 8.86
C GLN A 160 20.05 -18.96 9.36
N TYR A 161 18.72 -18.99 9.24
CA TYR A 161 17.89 -17.88 9.67
C TYR A 161 17.03 -18.30 10.85
N PRO A 162 16.60 -17.34 11.67
CA PRO A 162 15.86 -17.70 12.90
C PRO A 162 14.65 -18.58 12.66
N LYS A 163 13.90 -18.33 11.58
CA LYS A 163 12.76 -19.18 11.26
C LYS A 163 13.18 -20.62 10.99
N GLN A 164 14.45 -20.85 10.69
CA GLN A 164 15.00 -22.19 10.57
C GLN A 164 15.50 -22.73 11.90
N LEU A 165 15.16 -22.07 13.00
CA LEU A 165 15.69 -22.40 14.31
C LEU A 165 14.55 -22.52 15.31
N SER A 166 14.87 -23.08 16.47
CA SER A 166 13.92 -23.32 17.54
C SER A 166 14.05 -22.22 18.60
N GLY A 167 13.31 -22.37 19.69
CA GLY A 167 13.36 -21.41 20.77
C GLY A 167 14.69 -21.36 21.49
N GLY A 168 15.24 -22.52 21.80
CA GLY A 168 16.49 -22.56 22.53
C GLY A 168 17.65 -21.98 21.75
N MET A 169 17.75 -22.32 20.47
CA MET A 169 18.83 -21.80 19.65
C MET A 169 18.70 -20.30 19.46
N GLN A 170 17.47 -19.80 19.30
CA GLN A 170 17.26 -18.36 19.20
C GLN A 170 17.63 -17.65 20.50
N GLN A 171 17.30 -18.27 21.63
CA GLN A 171 17.69 -17.71 22.92
C GLN A 171 19.20 -17.62 23.03
N ARG A 172 19.89 -18.69 22.64
CA ARG A 172 21.35 -18.67 22.68
C ARG A 172 21.91 -17.64 21.71
N VAL A 173 21.21 -17.40 20.60
CA VAL A 173 21.64 -16.36 19.67
C VAL A 173 21.58 -15.00 20.34
N GLY A 174 20.47 -14.70 21.01
CA GLY A 174 20.37 -13.43 21.72
C GLY A 174 21.45 -13.31 22.78
N LEU A 175 21.66 -14.38 23.53
CA LEU A 175 22.70 -14.37 24.55
C LEU A 175 24.07 -14.09 23.94
N ALA A 176 24.40 -14.78 22.85
CA ALA A 176 25.70 -14.59 22.23
C ALA A 176 25.85 -13.16 21.71
N ARG A 177 24.80 -12.64 21.08
CA ARG A 177 24.83 -11.27 20.61
C ARG A 177 25.12 -10.30 21.74
N ALA A 178 24.55 -10.57 22.93
CA ALA A 178 24.90 -9.74 24.08
C ALA A 178 26.35 -9.94 24.50
N LEU A 179 26.85 -11.17 24.49
CA LEU A 179 28.20 -11.45 24.97
C LEU A 179 29.25 -10.95 24.00
N ALA A 180 29.01 -11.17 22.70
CA ALA A 180 30.01 -10.80 21.70
C ALA A 180 30.42 -9.33 21.83
N ASN A 181 29.47 -8.47 22.15
CA ASN A 181 29.75 -7.06 22.39
C ASN A 181 30.69 -6.85 23.58
N ASP A 182 30.83 -7.85 24.45
CA ASP A 182 31.71 -7.78 25.61
C ASP A 182 31.55 -6.46 26.33
N PRO A 183 30.36 -6.18 26.87
CA PRO A 183 30.18 -4.93 27.62
C PRO A 183 30.56 -5.06 29.09
N GLU A 184 30.45 -3.98 29.84
CA GLU A 184 30.71 -4.01 31.28
C GLU A 184 29.49 -4.43 32.08
N ILE A 185 28.31 -4.46 31.47
CA ILE A 185 27.08 -4.83 32.16
C ILE A 185 26.25 -5.71 31.23
N LEU A 186 25.72 -6.79 31.77
CA LEU A 186 24.90 -7.73 31.01
C LEU A 186 23.53 -7.82 31.67
N LEU A 187 22.54 -7.18 31.06
CA LEU A 187 21.16 -7.31 31.45
C LEU A 187 20.58 -8.52 30.73
N MET A 188 19.95 -9.42 31.48
CA MET A 188 19.52 -10.70 30.94
C MET A 188 18.14 -11.01 31.49
N ASP A 189 17.17 -11.18 30.61
CA ASP A 189 15.78 -11.41 31.00
C ASP A 189 15.39 -12.83 30.58
N GLN A 190 15.65 -13.78 31.46
CA GLN A 190 15.25 -15.17 31.24
C GLN A 190 15.87 -15.71 29.95
N ALA A 191 17.19 -15.72 29.94
CA ALA A 191 17.95 -16.29 28.83
C ALA A 191 18.13 -17.79 28.94
N PHE A 192 17.66 -18.41 30.03
CA PHE A 192 17.80 -19.84 30.25
C PHE A 192 16.46 -20.54 30.38
N SER A 193 15.37 -19.85 30.03
CA SER A 193 14.04 -20.44 30.19
C SER A 193 13.82 -21.61 29.24
N ALA A 194 14.39 -21.54 28.05
CA ALA A 194 14.16 -22.53 27.00
C ALA A 194 15.43 -23.32 26.69
N LEU A 195 16.16 -23.70 27.73
CA LEU A 195 17.40 -24.45 27.58
C LEU A 195 17.34 -25.73 28.40
N ASP A 196 17.95 -26.78 27.85
CA ASP A 196 18.07 -28.03 28.57
C ASP A 196 19.06 -27.86 29.72
N PRO A 197 18.98 -28.73 30.74
CA PRO A 197 19.89 -28.59 31.88
C PRO A 197 21.36 -28.56 31.50
N LEU A 198 21.78 -29.38 30.54
CA LEU A 198 23.20 -29.45 30.19
C LEU A 198 23.67 -28.13 29.58
N ILE A 199 22.97 -27.64 28.58
CA ILE A 199 23.36 -26.40 27.93
C ILE A 199 23.15 -25.23 28.89
N ARG A 200 22.12 -25.30 29.72
CA ARG A 200 21.93 -24.29 30.74
C ARG A 200 23.15 -24.19 31.64
N ARG A 201 23.72 -25.34 31.99
CA ARG A 201 24.85 -25.34 32.90
C ARG A 201 26.12 -24.90 32.18
N GLU A 202 26.23 -25.24 30.90
CA GLU A 202 27.28 -24.66 30.06
C GLU A 202 27.24 -23.14 30.12
N MET A 203 26.05 -22.56 29.94
CA MET A 203 25.95 -21.10 29.93
C MET A 203 26.23 -20.52 31.30
N GLN A 204 25.79 -21.20 32.37
CA GLN A 204 26.12 -20.72 33.71
C GLN A 204 27.63 -20.69 33.92
N ASP A 205 28.32 -21.74 33.51
CA ASP A 205 29.78 -21.77 33.65
C ASP A 205 30.42 -20.68 32.80
N GLU A 206 29.87 -20.45 31.60
CA GLU A 206 30.30 -19.33 30.78
C GLU A 206 30.24 -18.03 31.56
N LEU A 207 29.10 -17.75 32.19
CA LEU A 207 28.93 -16.50 32.91
C LEU A 207 29.90 -16.39 34.07
N LEU A 208 30.05 -17.48 34.82
CA LEU A 208 30.95 -17.46 35.97
C LEU A 208 32.38 -17.22 35.54
N GLU A 209 32.80 -17.84 34.44
CA GLU A 209 34.12 -17.57 33.88
C GLU A 209 34.26 -16.09 33.53
N LEU A 210 33.27 -15.54 32.83
CA LEU A 210 33.33 -14.13 32.43
C LEU A 210 33.55 -13.25 33.64
N GLN A 211 32.73 -13.43 34.68
CA GLN A 211 32.86 -12.59 35.86
C GLN A 211 34.18 -12.82 36.58
N ALA A 212 34.65 -14.06 36.65
CA ALA A 212 35.89 -14.34 37.37
C ALA A 212 37.06 -13.63 36.71
N LYS A 213 37.18 -13.74 35.39
CA LYS A 213 38.27 -13.09 34.69
C LYS A 213 38.00 -11.61 34.57
N PHE A 214 36.95 -11.27 33.84
CA PHE A 214 36.50 -9.90 33.63
C PHE A 214 35.48 -9.59 34.71
N GLN A 215 35.87 -8.76 35.67
CA GLN A 215 35.01 -8.45 36.80
C GLN A 215 33.85 -7.62 36.27
N LYS A 216 32.75 -8.30 35.94
CA LYS A 216 31.73 -7.77 35.06
C LYS A 216 30.36 -7.90 35.72
N THR A 217 29.61 -6.80 35.71
CA THR A 217 28.30 -6.79 36.34
C THR A 217 27.28 -7.51 35.46
N ILE A 218 26.48 -8.37 36.10
CA ILE A 218 25.46 -9.14 35.42
C ILE A 218 24.17 -9.06 36.23
N ILE A 219 23.09 -8.69 35.57
CA ILE A 219 21.75 -8.73 36.14
C ILE A 219 21.03 -9.84 35.38
N PHE A 220 20.53 -10.83 36.13
CA PHE A 220 20.07 -12.09 35.55
C PHE A 220 18.70 -12.41 36.13
N VAL A 221 17.64 -12.08 35.40
CA VAL A 221 16.30 -12.50 35.77
C VAL A 221 16.19 -14.00 35.59
N SER A 222 15.45 -14.64 36.49
CA SER A 222 15.31 -16.09 36.45
C SER A 222 14.11 -16.49 37.29
N HIS A 223 13.57 -17.65 36.95
CA HIS A 223 12.55 -18.30 37.75
C HIS A 223 13.03 -19.60 38.37
N ASP A 224 14.21 -20.09 37.97
CA ASP A 224 14.78 -21.37 38.47
C ASP A 224 15.55 -21.03 39.74
N LEU A 225 15.13 -21.56 40.89
CA LEU A 225 15.89 -21.33 42.15
C LEU A 225 17.28 -21.91 41.94
N ASN A 226 17.44 -23.16 41.49
CA ASN A 226 18.76 -23.84 41.38
C ASN A 226 19.89 -22.96 40.82
N GLU A 227 19.74 -22.31 39.64
CA GLU A 227 20.75 -21.50 38.99
C GLU A 227 21.03 -20.22 39.77
N ALA A 228 19.98 -19.56 40.28
CA ALA A 228 20.19 -18.35 41.04
C ALA A 228 21.11 -18.59 42.23
N LEU A 229 20.88 -19.68 42.96
CA LEU A 229 21.77 -20.04 44.05
C LEU A 229 23.15 -20.44 43.57
N ARG A 230 23.25 -21.12 42.43
CA ARG A 230 24.56 -21.58 41.99
C ARG A 230 25.46 -20.41 41.59
N ILE A 231 24.90 -19.41 40.90
CA ILE A 231 25.70 -18.31 40.39
C ILE A 231 25.38 -16.98 41.06
N GLY A 232 24.16 -16.77 41.53
CA GLY A 232 23.80 -15.48 42.09
C GLY A 232 24.59 -15.11 43.32
N ASP A 233 25.50 -14.15 43.18
CA ASP A 233 26.20 -13.61 44.32
C ASP A 233 25.26 -12.79 45.20
N ARG A 234 24.13 -12.35 44.66
CA ARG A 234 23.16 -11.57 45.41
C ARG A 234 21.83 -11.73 44.71
N ILE A 235 20.75 -11.80 45.47
CA ILE A 235 19.42 -12.14 44.95
C ILE A 235 18.41 -11.11 45.42
N ALA A 236 17.52 -10.72 44.52
CA ALA A 236 16.44 -9.79 44.81
C ALA A 236 15.14 -10.44 44.39
N ILE A 237 14.15 -10.41 45.27
CA ILE A 237 12.86 -11.05 45.03
C ILE A 237 11.79 -9.96 44.98
N MET A 238 10.86 -10.11 44.04
CA MET A 238 9.87 -9.11 43.75
C MET A 238 8.48 -9.71 43.83
N LYS A 239 7.52 -8.87 44.18
CA LYS A 239 6.11 -9.24 44.20
C LYS A 239 5.26 -8.01 43.95
N ASP A 240 4.32 -8.11 43.02
CA ASP A 240 3.36 -7.05 42.73
C ASP A 240 4.05 -5.72 42.43
N GLY A 241 5.32 -5.75 42.07
CA GLY A 241 6.04 -4.55 41.69
C GLY A 241 6.96 -3.99 42.75
N LYS A 242 7.13 -4.65 43.89
CA LYS A 242 7.99 -4.16 44.96
C LYS A 242 8.97 -5.25 45.37
N ILE A 243 10.14 -4.82 45.81
CA ILE A 243 11.14 -5.72 46.35
C ILE A 243 10.71 -6.19 47.73
N MET A 244 11.14 -7.38 48.10
CA MET A 244 10.90 -7.92 49.43
C MET A 244 12.16 -8.35 50.16
N GLN A 245 13.16 -8.85 49.45
CA GLN A 245 14.47 -9.12 50.05
C GLN A 245 15.52 -9.06 48.95
N ILE A 246 16.72 -8.64 49.33
CA ILE A 246 17.80 -8.47 48.38
C ILE A 246 19.04 -9.19 48.89
N GLY A 247 18.83 -10.27 49.65
CA GLY A 247 19.92 -11.05 50.18
C GLY A 247 20.50 -12.02 49.16
N THR A 248 21.55 -12.73 49.59
CA THR A 248 22.26 -13.68 48.74
C THR A 248 21.88 -15.13 49.03
N GLY A 249 22.02 -15.56 50.28
CA GLY A 249 21.71 -16.93 50.64
C GLY A 249 20.96 -17.04 51.96
N GLU A 250 20.79 -15.91 52.65
CA GLU A 250 20.05 -15.92 53.90
C GLU A 250 18.55 -16.04 53.67
N GLU A 251 18.09 -15.76 52.45
CA GLU A 251 16.66 -15.84 52.16
C GLU A 251 16.08 -17.20 52.55
N ILE A 252 16.83 -18.27 52.35
CA ILE A 252 16.36 -19.60 52.71
C ILE A 252 16.23 -19.78 54.23
N LEU A 253 16.93 -18.96 55.02
CA LEU A 253 16.86 -19.04 56.46
C LEU A 253 15.77 -18.12 57.02
N THR A 254 15.83 -16.84 56.65
CA THR A 254 14.90 -15.83 57.12
C THR A 254 14.11 -15.31 55.93
N ASN A 255 12.79 -15.25 56.07
CA ASN A 255 11.98 -14.72 54.99
C ASN A 255 10.57 -14.33 55.45
N PRO A 256 10.04 -13.18 55.00
CA PRO A 256 8.64 -12.81 55.30
C PRO A 256 7.61 -13.47 54.39
N ALA A 257 7.25 -14.70 54.74
CA ALA A 257 6.22 -15.46 54.02
C ALA A 257 6.63 -15.68 52.56
N ASN A 258 7.87 -16.10 52.37
CA ASN A 258 8.36 -16.46 51.04
C ASN A 258 8.29 -17.98 50.90
N ASP A 259 7.08 -18.47 50.67
CA ASP A 259 6.89 -19.81 50.15
C ASP A 259 7.41 -19.92 48.73
N TYR A 260 7.82 -18.80 48.13
CA TYR A 260 8.43 -18.82 46.81
C TYR A 260 9.55 -19.82 46.74
N VAL A 261 10.33 -19.90 47.84
CA VAL A 261 11.47 -20.85 47.92
C VAL A 261 10.95 -22.26 48.25
N LYS A 262 10.01 -22.40 49.20
CA LYS A 262 9.42 -23.71 49.60
C LYS A 262 7.99 -23.48 50.09
N GLY B 7 4.83 -0.87 -39.74
CA GLY B 7 3.85 -1.79 -39.19
C GLY B 7 3.66 -3.03 -40.03
N GLN B 8 4.67 -3.90 -40.03
CA GLN B 8 4.59 -5.12 -40.83
C GLN B 8 3.46 -6.02 -40.35
N VAL B 9 3.27 -6.12 -39.04
CA VAL B 9 2.23 -6.95 -38.46
C VAL B 9 0.99 -6.07 -38.29
N PRO B 10 -0.16 -6.46 -38.84
CA PRO B 10 -1.36 -5.60 -38.77
C PRO B 10 -2.21 -5.79 -37.51
N ILE B 11 -1.65 -5.41 -36.37
CA ILE B 11 -2.43 -5.43 -35.13
C ILE B 11 -3.52 -4.37 -35.17
N ALA B 12 -3.23 -3.22 -35.76
CA ALA B 12 -4.24 -2.17 -35.84
C ALA B 12 -5.50 -2.66 -36.53
N ASN B 13 -5.33 -3.29 -37.69
CA ASN B 13 -6.47 -3.76 -38.46
C ASN B 13 -7.20 -4.88 -37.73
N TRP B 14 -6.44 -5.81 -37.13
CA TRP B 14 -7.05 -6.88 -36.35
C TRP B 14 -7.93 -6.31 -35.24
N VAL B 15 -7.40 -5.36 -34.48
CA VAL B 15 -8.14 -4.81 -33.35
C VAL B 15 -9.36 -4.05 -33.84
N SER B 16 -9.22 -3.25 -34.89
CA SER B 16 -10.35 -2.48 -35.39
C SER B 16 -11.46 -3.40 -35.88
N SER B 17 -11.09 -4.45 -36.63
CA SER B 17 -12.09 -5.38 -37.12
C SER B 17 -12.76 -6.12 -35.97
N ALA B 18 -11.98 -6.58 -35.00
CA ALA B 18 -12.56 -7.28 -33.86
C ALA B 18 -13.52 -6.37 -33.11
N THR B 19 -13.15 -5.11 -32.91
CA THR B 19 -13.99 -4.18 -32.16
C THR B 19 -15.28 -3.90 -32.92
N ASP B 20 -15.18 -3.68 -34.23
CA ASP B 20 -16.39 -3.49 -35.04
C ASP B 20 -17.31 -4.69 -34.91
N TRP B 21 -16.76 -5.89 -35.05
CA TRP B 21 -17.58 -7.10 -34.99
C TRP B 21 -18.24 -7.24 -33.63
N ILE B 22 -17.47 -7.06 -32.56
CA ILE B 22 -18.00 -7.28 -31.21
C ILE B 22 -19.09 -6.27 -30.90
N THR B 23 -18.85 -4.99 -31.21
CA THR B 23 -19.88 -3.99 -30.95
C THR B 23 -21.05 -4.09 -31.91
N SER B 24 -20.88 -4.81 -33.02
CA SER B 24 -21.99 -5.12 -33.90
C SER B 24 -22.81 -6.29 -33.41
N THR B 25 -22.24 -7.14 -32.56
CA THR B 25 -22.93 -8.33 -32.07
C THR B 25 -23.49 -8.19 -30.66
N PHE B 26 -22.88 -7.36 -29.81
CA PHE B 26 -23.18 -7.35 -28.38
C PHE B 26 -23.82 -6.05 -27.93
N SER B 27 -24.81 -5.54 -28.67
CA SER B 27 -25.40 -4.25 -28.36
C SER B 27 -26.61 -4.34 -27.43
N SER B 28 -27.41 -5.40 -27.55
CA SER B 28 -28.72 -5.42 -26.89
C SER B 28 -28.59 -5.40 -25.37
N GLY B 29 -27.98 -6.43 -24.81
CA GLY B 29 -27.86 -6.50 -23.36
C GLY B 29 -27.15 -5.28 -22.80
N PHE B 30 -26.11 -4.83 -23.48
CA PHE B 30 -25.42 -3.63 -23.05
C PHE B 30 -26.32 -2.41 -23.15
N ASP B 31 -27.22 -2.36 -24.14
CA ASP B 31 -28.17 -1.26 -24.23
C ASP B 31 -29.09 -1.24 -23.02
N VAL B 32 -29.63 -2.40 -22.65
CA VAL B 32 -30.55 -2.41 -21.52
C VAL B 32 -29.83 -2.04 -20.24
N ILE B 33 -28.60 -2.53 -20.05
CA ILE B 33 -27.91 -2.24 -18.80
C ILE B 33 -27.47 -0.78 -18.76
N GLN B 34 -27.06 -0.20 -19.90
CA GLN B 34 -26.70 1.21 -19.89
C GLN B 34 -27.91 2.06 -19.54
N LYS B 35 -29.08 1.73 -20.10
CA LYS B 35 -30.29 2.47 -19.72
C LYS B 35 -30.56 2.33 -18.23
N SER B 36 -30.47 1.10 -17.71
CA SER B 36 -30.78 0.87 -16.30
C SER B 36 -29.82 1.63 -15.40
N GLY B 37 -28.52 1.52 -15.67
CA GLY B 37 -27.54 2.20 -14.85
C GLY B 37 -27.64 3.71 -14.96
N THR B 38 -27.93 4.21 -16.17
CA THR B 38 -28.08 5.64 -16.35
C THR B 38 -29.26 6.17 -15.54
N VAL B 39 -30.40 5.48 -15.59
CA VAL B 39 -31.56 5.95 -14.83
C VAL B 39 -31.29 5.85 -13.34
N LEU B 40 -30.64 4.76 -12.90
CA LEU B 40 -30.31 4.62 -11.49
C LEU B 40 -29.42 5.76 -11.01
N MET B 41 -28.34 6.02 -11.74
CA MET B 41 -27.39 7.05 -11.34
C MET B 41 -28.01 8.43 -11.41
N ASN B 42 -28.86 8.68 -12.42
CA ASN B 42 -29.56 9.95 -12.50
C ASN B 42 -30.49 10.13 -11.31
N GLY B 43 -31.18 9.07 -10.91
CA GLY B 43 -32.04 9.17 -9.74
C GLY B 43 -31.25 9.45 -8.48
N ILE B 44 -30.10 8.79 -8.32
CA ILE B 44 -29.24 9.04 -7.17
C ILE B 44 -28.81 10.50 -7.13
N THR B 45 -28.34 11.00 -8.27
CA THR B 45 -27.87 12.38 -8.32
C THR B 45 -29.02 13.37 -8.07
N GLY B 46 -30.19 13.08 -8.62
CA GLY B 46 -31.33 13.96 -8.38
C GLY B 46 -31.71 13.99 -6.92
N ALA B 47 -31.68 12.84 -6.26
CA ALA B 47 -31.97 12.81 -4.83
C ALA B 47 -30.94 13.62 -4.06
N LEU B 48 -29.66 13.44 -4.40
CA LEU B 48 -28.62 14.18 -3.68
C LEU B 48 -28.67 15.67 -3.94
N THR B 49 -29.18 16.08 -5.09
CA THR B 49 -29.28 17.50 -5.42
C THR B 49 -30.54 18.13 -4.85
N ALA B 50 -31.61 17.36 -4.67
CA ALA B 50 -32.82 17.91 -4.11
C ALA B 50 -32.60 18.42 -2.69
N VAL B 51 -31.87 17.65 -1.89
CA VAL B 51 -31.60 18.04 -0.51
C VAL B 51 -30.80 19.33 -0.51
N PRO B 52 -31.22 20.36 0.21
CA PRO B 52 -30.52 21.65 0.15
C PRO B 52 -29.06 21.51 0.59
N PHE B 53 -28.25 22.45 0.12
CA PHE B 53 -26.82 22.36 0.42
C PHE B 53 -26.53 22.64 1.88
N TRP B 54 -27.27 23.55 2.50
CA TRP B 54 -27.03 23.86 3.91
C TRP B 54 -27.27 22.63 4.77
N LEU B 55 -28.35 21.91 4.50
CA LEU B 55 -28.67 20.73 5.31
C LEU B 55 -27.60 19.67 5.17
N MET B 56 -27.14 19.41 3.95
CA MET B 56 -26.10 18.41 3.76
C MET B 56 -24.80 18.85 4.41
N ILE B 57 -24.49 20.14 4.34
CA ILE B 57 -23.26 20.64 4.98
C ILE B 57 -23.32 20.40 6.48
N ALA B 58 -24.46 20.77 7.08
CA ALA B 58 -24.63 20.57 8.52
C ALA B 58 -24.52 19.10 8.88
N VAL B 59 -25.16 18.23 8.09
CA VAL B 59 -25.14 16.81 8.39
C VAL B 59 -23.73 16.24 8.27
N VAL B 60 -22.99 16.64 7.24
CA VAL B 60 -21.66 16.10 7.06
C VAL B 60 -20.74 16.57 8.18
N THR B 61 -20.82 17.84 8.56
CA THR B 61 -19.99 18.30 9.66
C THR B 61 -20.40 17.64 10.98
N ILE B 62 -21.69 17.39 11.17
CA ILE B 62 -22.15 16.65 12.34
C ILE B 62 -21.52 15.28 12.38
N LEU B 63 -21.56 14.57 11.25
CA LEU B 63 -21.01 13.22 11.20
C LEU B 63 -19.51 13.25 11.43
N ALA B 64 -18.84 14.28 10.90
CA ALA B 64 -17.40 14.43 11.15
C ALA B 64 -17.13 14.62 12.63
N ILE B 65 -17.95 15.41 13.31
CA ILE B 65 -17.78 15.61 14.74
C ILE B 65 -17.97 14.29 15.47
N LEU B 66 -19.02 13.55 15.13
CA LEU B 66 -19.28 12.28 15.78
C LEU B 66 -18.12 11.31 15.60
N VAL B 67 -17.56 11.28 14.39
CA VAL B 67 -16.49 10.34 14.07
C VAL B 67 -15.13 10.76 14.60
N SER B 68 -14.90 12.06 14.79
CA SER B 68 -13.60 12.54 15.23
C SER B 68 -13.47 12.56 16.75
N GLY B 69 -14.54 12.94 17.44
CA GLY B 69 -14.54 12.98 18.89
C GLY B 69 -14.40 14.37 19.45
N LYS B 70 -13.23 14.66 20.04
CA LYS B 70 -12.98 15.98 20.62
C LYS B 70 -12.11 16.86 19.74
N LYS B 71 -11.56 16.34 18.65
CA LYS B 71 -10.84 17.17 17.70
C LYS B 71 -11.81 17.90 16.79
N ILE B 72 -11.37 19.04 16.28
CA ILE B 72 -12.21 19.94 15.49
C ILE B 72 -11.60 20.29 14.15
N ALA B 73 -10.55 19.58 13.75
CA ALA B 73 -9.90 19.88 12.47
C ALA B 73 -10.78 19.46 11.31
N PHE B 74 -11.09 18.17 11.22
CA PHE B 74 -11.80 17.62 10.08
C PHE B 74 -13.19 18.22 9.96
N PRO B 75 -13.95 18.37 11.05
CA PRO B 75 -15.28 18.98 10.91
C PRO B 75 -15.24 20.42 10.43
N LEU B 76 -14.33 21.23 10.96
CA LEU B 76 -14.24 22.61 10.50
C LEU B 76 -13.80 22.67 9.05
N PHE B 77 -12.86 21.80 8.66
CA PHE B 77 -12.46 21.74 7.27
C PHE B 77 -13.63 21.37 6.38
N THR B 78 -14.44 20.40 6.82
CA THR B 78 -15.62 20.00 6.06
C THR B 78 -16.56 21.17 5.86
N PHE B 79 -16.93 21.84 6.96
CA PHE B 79 -17.85 22.97 6.86
C PHE B 79 -17.27 24.05 5.96
N ILE B 80 -16.01 24.42 6.19
CA ILE B 80 -15.39 25.48 5.41
C ILE B 80 -15.39 25.14 3.93
N GLY B 81 -14.90 23.96 3.59
CA GLY B 81 -14.77 23.60 2.18
C GLY B 81 -16.11 23.48 1.49
N LEU B 82 -17.07 22.82 2.15
CA LEU B 82 -18.37 22.61 1.49
C LEU B 82 -19.11 23.92 1.33
N SER B 83 -19.05 24.81 2.34
CA SER B 83 -19.70 26.11 2.19
C SER B 83 -19.02 26.92 1.10
N LEU B 84 -17.68 26.85 1.03
CA LEU B 84 -16.95 27.47 -0.07
C LEU B 84 -17.48 26.98 -1.41
N ILE B 85 -17.62 25.67 -1.56
CA ILE B 85 -18.07 25.11 -2.83
C ILE B 85 -19.49 25.59 -3.14
N ALA B 86 -20.38 25.53 -2.15
CA ALA B 86 -21.73 26.05 -2.35
C ALA B 86 -21.70 27.52 -2.77
N ASN B 87 -20.68 28.25 -2.32
CA ASN B 87 -20.52 29.64 -2.75
C ASN B 87 -20.08 29.73 -4.21
N GLN B 88 -19.14 28.89 -4.62
CA GLN B 88 -18.63 28.92 -5.98
C GLN B 88 -19.62 28.40 -7.01
N GLY B 89 -20.74 27.85 -6.57
CA GLY B 89 -21.76 27.38 -7.49
C GLY B 89 -21.52 25.98 -8.03
N LEU B 90 -20.72 25.18 -7.35
CA LEU B 90 -20.36 23.84 -7.79
C LEU B 90 -21.02 22.78 -6.93
N TRP B 91 -22.28 22.99 -6.57
CA TRP B 91 -22.97 22.02 -5.72
C TRP B 91 -23.48 20.84 -6.53
N SER B 92 -24.26 21.09 -7.59
CA SER B 92 -24.82 20.00 -8.38
C SER B 92 -23.71 19.17 -9.01
N ASP B 93 -22.67 19.83 -9.51
CA ASP B 93 -21.52 19.11 -10.03
C ASP B 93 -20.91 18.23 -8.96
N LEU B 94 -20.83 18.74 -7.73
CA LEU B 94 -20.32 17.95 -6.62
C LEU B 94 -21.20 16.72 -6.37
N MET B 95 -22.51 16.89 -6.47
CA MET B 95 -23.41 15.76 -6.24
C MET B 95 -23.19 14.68 -7.31
N SER B 96 -23.10 15.08 -8.57
CA SER B 96 -22.85 14.10 -9.63
C SER B 96 -21.51 13.42 -9.44
N THR B 97 -20.49 14.19 -9.05
CA THR B 97 -19.18 13.62 -8.80
C THR B 97 -19.21 12.63 -7.66
N ILE B 98 -19.93 12.96 -6.59
CA ILE B 98 -20.13 12.01 -5.49
C ILE B 98 -20.76 10.73 -6.01
N THR B 99 -21.83 10.86 -6.79
CA THR B 99 -22.47 9.70 -7.36
C THR B 99 -21.45 8.78 -8.01
N LEU B 100 -20.74 9.29 -9.03
CA LEU B 100 -19.90 8.40 -9.81
C LEU B 100 -18.70 7.92 -9.00
N VAL B 101 -18.18 8.76 -8.10
CA VAL B 101 -17.02 8.39 -7.32
C VAL B 101 -17.36 7.27 -6.34
N LEU B 102 -18.50 7.39 -5.64
CA LEU B 102 -18.91 6.32 -4.74
C LEU B 102 -19.23 5.04 -5.50
N LEU B 103 -19.91 5.13 -6.64
CA LEU B 103 -20.14 3.90 -7.40
C LEU B 103 -18.83 3.25 -7.80
N SER B 104 -17.91 4.04 -8.34
CA SER B 104 -16.62 3.49 -8.77
C SER B 104 -15.89 2.86 -7.59
N SER B 105 -15.83 3.56 -6.46
CA SER B 105 -15.09 3.06 -5.31
C SER B 105 -15.73 1.81 -4.74
N LEU B 106 -17.05 1.80 -4.59
CA LEU B 106 -17.74 0.62 -4.08
C LEU B 106 -17.48 -0.59 -4.96
N LEU B 107 -17.71 -0.45 -6.26
CA LEU B 107 -17.48 -1.58 -7.16
C LEU B 107 -16.02 -2.00 -7.15
N SER B 108 -15.11 -1.03 -7.12
CA SER B 108 -13.69 -1.33 -7.14
C SER B 108 -13.28 -2.11 -5.90
N ILE B 109 -13.72 -1.67 -4.73
CA ILE B 109 -13.38 -2.36 -3.49
C ILE B 109 -13.99 -3.76 -3.50
N ILE B 110 -15.26 -3.86 -3.88
CA ILE B 110 -15.96 -5.14 -3.89
C ILE B 110 -15.30 -6.14 -4.82
N ILE B 111 -14.79 -5.67 -5.96
CA ILE B 111 -14.15 -6.57 -6.90
C ILE B 111 -12.66 -6.74 -6.61
N GLY B 112 -12.09 -5.92 -5.73
CA GLY B 112 -10.69 -6.02 -5.42
C GLY B 112 -10.39 -6.87 -4.22
N VAL B 113 -11.02 -6.59 -3.09
CA VAL B 113 -10.71 -7.30 -1.85
C VAL B 113 -10.92 -8.80 -2.02
N PRO B 114 -12.05 -9.29 -2.51
CA PRO B 114 -12.14 -10.72 -2.83
C PRO B 114 -11.08 -11.19 -3.80
N LEU B 115 -10.79 -10.38 -4.82
CA LEU B 115 -9.78 -10.76 -5.80
C LEU B 115 -8.39 -10.74 -5.20
N GLY B 116 -8.10 -9.75 -4.34
CA GLY B 116 -6.82 -9.73 -3.66
C GLY B 116 -6.63 -10.93 -2.76
N ILE B 117 -7.70 -11.33 -2.07
CA ILE B 117 -7.64 -12.53 -1.24
C ILE B 117 -7.38 -13.76 -2.10
N TRP B 118 -8.10 -13.89 -3.20
CA TRP B 118 -7.88 -15.00 -4.12
C TRP B 118 -6.43 -15.04 -4.57
N MET B 119 -5.88 -13.88 -4.94
CA MET B 119 -4.48 -13.80 -5.31
C MET B 119 -3.57 -14.26 -4.18
N ALA B 120 -3.93 -13.93 -2.94
CA ALA B 120 -3.09 -14.29 -1.81
C ALA B 120 -3.18 -15.78 -1.49
N LYS B 121 -4.32 -16.41 -1.73
CA LYS B 121 -4.51 -17.82 -1.44
C LYS B 121 -4.18 -18.72 -2.62
N SER B 122 -3.75 -18.15 -3.74
CA SER B 122 -3.33 -18.94 -4.90
C SER B 122 -2.13 -18.26 -5.53
N ASP B 123 -0.96 -18.89 -5.43
CA ASP B 123 0.24 -18.35 -6.05
C ASP B 123 0.15 -18.36 -7.57
N LEU B 124 -0.82 -19.07 -8.14
CA LEU B 124 -1.09 -19.02 -9.57
C LEU B 124 -1.83 -17.75 -9.94
N VAL B 125 -2.96 -17.49 -9.29
CA VAL B 125 -3.81 -16.38 -9.65
C VAL B 125 -3.07 -15.06 -9.52
N ALA B 126 -2.09 -14.99 -8.61
CA ALA B 126 -1.30 -13.78 -8.47
C ALA B 126 -0.61 -13.43 -9.77
N LYS B 127 0.09 -14.40 -10.37
CA LYS B 127 0.77 -14.16 -11.63
C LYS B 127 -0.20 -14.07 -12.79
N ILE B 128 -1.37 -14.70 -12.68
CA ILE B 128 -2.36 -14.63 -13.74
C ILE B 128 -3.11 -13.30 -13.74
N VAL B 129 -3.03 -12.52 -12.65
CA VAL B 129 -3.76 -11.28 -12.53
C VAL B 129 -2.84 -10.06 -12.51
N GLN B 130 -1.60 -10.20 -12.04
CA GLN B 130 -0.69 -9.08 -11.93
C GLN B 130 -0.53 -8.37 -13.27
N PRO B 131 -0.25 -9.09 -14.36
CA PRO B 131 -0.19 -8.41 -15.66
C PRO B 131 -1.49 -7.75 -16.05
N ILE B 132 -2.63 -8.34 -15.70
CA ILE B 132 -3.91 -7.72 -16.00
C ILE B 132 -4.05 -6.41 -15.24
N LEU B 133 -3.63 -6.39 -13.98
CA LEU B 133 -3.68 -5.15 -13.21
C LEU B 133 -2.74 -4.12 -13.82
N ASP B 134 -1.56 -4.55 -14.24
CA ASP B 134 -0.63 -3.62 -14.89
C ASP B 134 -1.27 -2.99 -16.11
N PHE B 135 -1.89 -3.82 -16.96
CA PHE B 135 -2.58 -3.32 -18.14
C PHE B 135 -3.66 -2.33 -17.77
N MET B 136 -4.53 -2.72 -16.83
CA MET B 136 -5.67 -1.88 -16.48
C MET B 136 -5.23 -0.55 -15.91
N GLN B 137 -4.15 -0.55 -15.13
CA GLN B 137 -3.69 0.62 -14.42
C GLN B 137 -2.81 1.54 -15.27
N THR B 138 -2.17 0.98 -16.29
CA THR B 138 -1.19 1.72 -17.09
C THR B 138 -1.66 2.01 -18.49
N MET B 139 -2.51 1.15 -19.05
CA MET B 139 -3.00 1.35 -20.39
C MET B 139 -3.81 2.65 -20.42
N PRO B 140 -3.57 3.55 -21.38
CA PRO B 140 -4.35 4.79 -21.42
C PRO B 140 -5.83 4.49 -21.53
N GLY B 141 -6.63 5.26 -20.79
CA GLY B 141 -8.06 5.08 -20.82
C GLY B 141 -8.70 5.53 -22.11
N PHE B 142 -8.00 6.36 -22.88
CA PHE B 142 -8.57 6.89 -24.11
C PHE B 142 -8.83 5.79 -25.13
N VAL B 143 -7.92 4.81 -25.20
CA VAL B 143 -7.96 3.83 -26.28
C VAL B 143 -9.24 3.00 -26.24
N TYR B 144 -9.63 2.54 -25.06
CA TYR B 144 -10.89 1.81 -24.89
C TYR B 144 -12.01 2.72 -24.43
N LEU B 145 -11.81 4.03 -24.54
CA LEU B 145 -12.86 5.03 -24.33
C LEU B 145 -13.91 4.97 -25.42
N ILE B 146 -13.48 4.83 -26.67
CA ILE B 146 -14.35 4.87 -27.85
C ILE B 146 -15.19 3.60 -27.91
N PRO B 147 -14.61 2.40 -27.79
CA PRO B 147 -15.45 1.20 -27.67
C PRO B 147 -16.30 1.19 -26.42
N ALA B 148 -15.81 1.77 -25.32
CA ALA B 148 -16.62 1.86 -24.12
C ALA B 148 -17.87 2.69 -24.38
N VAL B 149 -17.72 3.77 -25.12
CA VAL B 149 -18.88 4.57 -25.52
C VAL B 149 -19.77 3.76 -26.44
N ALA B 150 -19.17 2.94 -27.32
CA ALA B 150 -19.96 2.13 -28.22
C ALA B 150 -20.89 1.20 -27.44
N PHE B 151 -20.37 0.57 -26.38
CA PHE B 151 -21.18 -0.38 -25.62
C PHE B 151 -22.10 0.33 -24.63
N PHE B 152 -21.51 1.03 -23.67
CA PHE B 152 -22.26 1.65 -22.58
C PHE B 152 -22.83 3.01 -22.93
N GLY B 153 -22.47 3.59 -24.06
CA GLY B 153 -23.03 4.86 -24.46
C GLY B 153 -22.62 5.98 -23.53
N ILE B 154 -23.02 7.21 -23.86
CA ILE B 154 -22.63 8.35 -23.05
C ILE B 154 -23.24 8.21 -21.66
N GLY B 155 -22.71 8.99 -20.72
CA GLY B 155 -23.31 9.14 -19.41
C GLY B 155 -22.34 8.78 -18.31
N VAL B 156 -22.91 8.38 -17.17
CA VAL B 156 -22.12 8.07 -15.98
C VAL B 156 -21.54 6.67 -16.01
N VAL B 157 -22.14 5.76 -16.77
CA VAL B 157 -21.79 4.35 -16.74
C VAL B 157 -20.37 4.12 -17.22
N PRO B 158 -19.95 4.68 -18.35
CA PRO B 158 -18.57 4.45 -18.81
C PRO B 158 -17.55 5.15 -17.93
N GLY B 159 -17.90 6.31 -17.37
CA GLY B 159 -17.04 6.91 -16.37
C GLY B 159 -16.84 5.99 -15.18
N VAL B 160 -17.92 5.36 -14.73
CA VAL B 160 -17.82 4.39 -13.64
C VAL B 160 -16.91 3.24 -14.04
N PHE B 161 -17.10 2.71 -15.25
CA PHE B 161 -16.33 1.56 -15.69
C PHE B 161 -14.85 1.90 -15.73
N ALA B 162 -14.50 3.04 -16.32
CA ALA B 162 -13.11 3.44 -16.45
C ALA B 162 -12.50 3.72 -15.08
N SER B 163 -13.21 4.45 -14.22
CA SER B 163 -12.71 4.71 -12.88
C SER B 163 -12.48 3.39 -12.14
N VAL B 164 -13.38 2.43 -12.32
CA VAL B 164 -13.25 1.14 -11.67
C VAL B 164 -11.98 0.44 -12.13
N ILE B 165 -11.76 0.38 -13.43
CA ILE B 165 -10.67 -0.43 -13.95
C ILE B 165 -9.37 0.35 -13.91
N PHE B 166 -9.42 1.58 -13.40
CA PHE B 166 -8.20 2.31 -13.08
C PHE B 166 -7.91 2.37 -11.59
N ALA B 167 -8.92 2.19 -10.74
CA ALA B 167 -8.77 2.32 -9.31
C ALA B 167 -8.83 1.00 -8.55
N LEU B 168 -9.09 -0.12 -9.23
CA LEU B 168 -9.11 -1.44 -8.62
C LEU B 168 -7.71 -2.00 -8.33
N PRO B 169 -6.74 -1.76 -9.21
CA PRO B 169 -5.42 -2.38 -9.06
C PRO B 169 -4.79 -2.13 -7.70
N PRO B 170 -4.85 -0.91 -7.16
CA PRO B 170 -4.16 -0.68 -5.88
C PRO B 170 -4.80 -1.40 -4.72
N THR B 171 -6.13 -1.33 -4.62
CA THR B 171 -6.83 -2.12 -3.62
C THR B 171 -6.40 -3.58 -3.72
N VAL B 172 -6.39 -4.13 -4.92
CA VAL B 172 -6.09 -5.54 -5.09
C VAL B 172 -4.66 -5.83 -4.62
N ARG B 173 -3.70 -5.04 -5.08
CA ARG B 173 -2.30 -5.32 -4.78
C ARG B 173 -2.03 -5.25 -3.29
N MET B 174 -2.51 -4.19 -2.64
CA MET B 174 -2.20 -4.05 -1.23
C MET B 174 -3.00 -5.04 -0.39
N THR B 175 -4.19 -5.44 -0.85
CA THR B 175 -4.90 -6.52 -0.18
C THR B 175 -4.11 -7.82 -0.24
N ASN B 176 -3.55 -8.11 -1.41
CA ASN B 176 -2.73 -9.31 -1.56
C ASN B 176 -1.54 -9.27 -0.61
N LEU B 177 -0.84 -8.13 -0.57
CA LEU B 177 0.28 -7.99 0.35
C LEU B 177 -0.16 -8.20 1.79
N GLY B 178 -1.20 -7.49 2.22
CA GLY B 178 -1.63 -7.59 3.60
C GLY B 178 -2.02 -8.99 4.00
N ILE B 179 -2.69 -9.71 3.11
CA ILE B 179 -3.02 -11.10 3.39
C ILE B 179 -1.77 -11.98 3.37
N ARG B 180 -0.71 -11.56 2.67
CA ARG B 180 0.52 -12.33 2.61
C ARG B 180 1.55 -11.92 3.64
N GLN B 181 1.46 -10.71 4.19
CA GLN B 181 2.46 -10.19 5.10
C GLN B 181 2.14 -10.48 6.56
N VAL B 182 1.05 -11.18 6.84
CA VAL B 182 0.69 -11.52 8.21
C VAL B 182 1.54 -12.70 8.67
N SER B 183 1.76 -12.76 9.99
CA SER B 183 2.65 -13.78 10.53
C SER B 183 2.08 -15.17 10.28
N THR B 184 2.96 -16.09 9.90
CA THR B 184 2.57 -17.47 9.68
C THR B 184 2.32 -18.23 10.97
N GLU B 185 2.97 -17.82 12.07
CA GLU B 185 2.75 -18.50 13.34
C GLU B 185 1.31 -18.34 13.79
N LEU B 186 0.74 -17.15 13.65
CA LEU B 186 -0.67 -16.96 14.00
C LEU B 186 -1.57 -17.79 13.11
N VAL B 187 -1.19 -17.95 11.84
CA VAL B 187 -1.99 -18.78 10.95
C VAL B 187 -1.94 -20.24 11.40
N GLU B 188 -0.77 -20.71 11.82
CA GLU B 188 -0.68 -22.05 12.37
C GLU B 188 -1.56 -22.19 13.61
N ALA B 189 -1.55 -21.17 14.47
CA ALA B 189 -2.37 -21.22 15.66
C ALA B 189 -3.85 -21.27 15.31
N ALA B 190 -4.27 -20.53 14.29
CA ALA B 190 -5.66 -20.53 13.89
C ALA B 190 -6.05 -21.83 13.21
N ASP B 191 -5.12 -22.46 12.50
CA ASP B 191 -5.39 -23.76 11.91
C ASP B 191 -5.53 -24.82 12.98
N SER B 192 -4.68 -24.77 14.01
CA SER B 192 -4.72 -25.78 15.07
C SER B 192 -6.05 -25.79 15.79
N PHE B 193 -6.82 -24.71 15.70
CA PHE B 193 -8.09 -24.58 16.38
C PHE B 193 -9.27 -24.72 15.43
N GLY B 194 -9.06 -25.36 14.27
CA GLY B 194 -10.16 -25.66 13.37
C GLY B 194 -10.87 -24.42 12.87
N SER B 195 -10.11 -23.49 12.34
CA SER B 195 -10.64 -22.27 11.77
C SER B 195 -10.67 -22.42 10.25
N THR B 196 -11.88 -22.49 9.70
CA THR B 196 -12.02 -22.50 8.25
C THR B 196 -11.42 -21.21 7.69
N ALA B 197 -11.07 -21.26 6.40
CA ALA B 197 -10.44 -20.11 5.78
C ALA B 197 -11.30 -18.86 5.95
N ARG B 198 -12.62 -19.02 5.98
CA ARG B 198 -13.51 -17.87 6.19
C ARG B 198 -13.31 -17.28 7.58
N GLN B 199 -13.32 -18.12 8.61
CA GLN B 199 -13.20 -17.62 9.97
C GLN B 199 -11.81 -17.06 10.23
N LYS B 200 -10.79 -17.73 9.73
CA LYS B 200 -9.44 -17.20 9.83
C LYS B 200 -9.26 -15.92 9.02
N LEU B 201 -10.05 -15.74 7.97
CA LEU B 201 -9.98 -14.54 7.16
C LEU B 201 -10.68 -13.36 7.82
N PHE B 202 -11.76 -13.64 8.55
CA PHE B 202 -12.52 -12.58 9.19
C PHE B 202 -12.02 -12.24 10.58
N LYS B 203 -11.31 -13.16 11.23
CA LYS B 203 -10.88 -12.98 12.60
C LYS B 203 -9.40 -12.66 12.74
N LEU B 204 -8.57 -13.15 11.83
CA LEU B 204 -7.13 -12.96 11.92
C LEU B 204 -6.56 -12.17 10.75
N GLU B 205 -6.89 -12.55 9.52
CA GLU B 205 -6.23 -11.95 8.36
C GLU B 205 -6.63 -10.49 8.19
N PHE B 206 -7.93 -10.22 8.07
CA PHE B 206 -8.42 -8.90 7.72
C PHE B 206 -8.05 -7.86 8.76
N PRO B 207 -8.27 -8.13 10.06
CA PRO B 207 -7.92 -7.13 11.07
C PRO B 207 -6.45 -6.76 11.08
N LEU B 208 -5.56 -7.72 10.84
CA LEU B 208 -4.13 -7.44 10.80
C LEU B 208 -3.71 -6.78 9.50
N ALA B 209 -4.41 -7.05 8.40
CA ALA B 209 -4.07 -6.45 7.12
C ALA B 209 -4.79 -5.13 6.87
N LYS B 210 -5.66 -4.71 7.79
CA LYS B 210 -6.44 -3.49 7.58
C LYS B 210 -5.57 -2.29 7.20
N GLY B 211 -4.38 -2.19 7.76
CA GLY B 211 -3.54 -1.05 7.43
C GLY B 211 -3.24 -0.97 5.95
N THR B 212 -2.70 -2.05 5.39
CA THR B 212 -2.38 -2.08 3.97
C THR B 212 -3.65 -1.99 3.14
N ILE B 213 -4.70 -2.69 3.55
CA ILE B 213 -5.93 -2.70 2.77
C ILE B 213 -6.52 -1.30 2.69
N MET B 214 -6.49 -0.57 3.80
CA MET B 214 -7.07 0.77 3.83
C MET B 214 -6.17 1.78 3.13
N ALA B 215 -4.86 1.57 3.13
CA ALA B 215 -4.01 2.37 2.27
C ALA B 215 -4.37 2.14 0.81
N GLY B 216 -4.61 0.89 0.44
CA GLY B 216 -5.05 0.59 -0.91
C GLY B 216 -6.38 1.24 -1.24
N VAL B 217 -7.29 1.27 -0.27
CA VAL B 217 -8.60 1.89 -0.50
C VAL B 217 -8.45 3.39 -0.69
N ASN B 218 -7.60 4.03 0.11
CA ASN B 218 -7.31 5.45 -0.08
C ASN B 218 -6.74 5.70 -1.46
N GLN B 219 -5.80 4.86 -1.88
CA GLN B 219 -5.23 4.99 -3.21
C GLN B 219 -6.31 4.86 -4.27
N THR B 220 -7.20 3.88 -4.11
CA THR B 220 -8.30 3.68 -5.03
C THR B 220 -9.17 4.93 -5.13
N ILE B 221 -9.51 5.51 -3.98
CA ILE B 221 -10.37 6.68 -3.99
C ILE B 221 -9.69 7.85 -4.69
N MET B 222 -8.42 8.08 -4.38
CA MET B 222 -7.71 9.17 -5.04
C MET B 222 -7.64 8.97 -6.54
N LEU B 223 -7.36 7.74 -7.00
CA LEU B 223 -7.30 7.49 -8.43
C LEU B 223 -8.67 7.71 -9.08
N ALA B 224 -9.72 7.18 -8.46
CA ALA B 224 -11.05 7.33 -9.04
C ALA B 224 -11.49 8.79 -9.07
N LEU B 225 -10.98 9.60 -8.15
CA LEU B 225 -11.27 11.03 -8.20
C LEU B 225 -10.43 11.74 -9.25
N SER B 226 -9.20 11.26 -9.49
CA SER B 226 -8.41 11.81 -10.59
C SER B 226 -9.04 11.46 -11.92
N MET B 227 -9.66 10.29 -12.01
CA MET B 227 -10.22 9.81 -13.26
C MET B 227 -11.65 10.30 -13.42
N VAL B 228 -11.85 11.60 -13.25
CA VAL B 228 -13.15 12.24 -13.44
C VAL B 228 -13.17 12.91 -14.80
N VAL B 229 -12.10 13.64 -15.13
CA VAL B 229 -12.04 14.31 -16.42
C VAL B 229 -12.11 13.30 -17.56
N ILE B 230 -11.40 12.17 -17.41
CA ILE B 230 -11.53 11.10 -18.38
C ILE B 230 -12.94 10.55 -18.41
N ALA B 231 -13.72 10.81 -17.35
CA ALA B 231 -15.13 10.47 -17.33
C ALA B 231 -16.01 11.61 -17.79
N SER B 232 -15.59 12.86 -17.54
CA SER B 232 -16.39 14.01 -17.90
C SER B 232 -16.25 14.41 -19.35
N MET B 233 -15.27 13.85 -20.08
CA MET B 233 -15.20 14.08 -21.51
C MET B 233 -16.06 13.11 -22.30
N ILE B 234 -16.86 12.29 -21.63
CA ILE B 234 -17.77 11.37 -22.29
C ILE B 234 -19.17 11.51 -21.70
N GLY B 235 -19.51 12.71 -21.25
CA GLY B 235 -20.86 13.06 -20.88
C GLY B 235 -21.13 13.06 -19.40
N ALA B 236 -20.25 12.45 -18.60
CA ALA B 236 -20.47 12.38 -17.17
C ALA B 236 -20.43 13.78 -16.57
N PRO B 237 -21.51 14.27 -15.97
CA PRO B 237 -21.46 15.59 -15.36
C PRO B 237 -20.55 15.62 -14.14
N GLY B 238 -20.40 16.78 -13.53
CA GLY B 238 -19.56 16.95 -12.37
C GLY B 238 -18.56 18.06 -12.58
N LEU B 239 -17.52 18.05 -11.75
CA LEU B 239 -16.48 19.07 -11.81
C LEU B 239 -15.49 18.81 -12.94
N GLY B 240 -15.50 17.62 -13.53
CA GLY B 240 -14.66 17.38 -14.69
C GLY B 240 -15.02 18.27 -15.85
N ARG B 241 -16.31 18.51 -16.05
CA ARG B 241 -16.73 19.46 -17.09
C ARG B 241 -16.14 20.84 -16.82
N GLY B 242 -16.14 21.27 -15.56
CA GLY B 242 -15.53 22.54 -15.22
C GLY B 242 -14.04 22.57 -15.53
N VAL B 243 -13.35 21.48 -15.20
CA VAL B 243 -11.91 21.42 -15.48
C VAL B 243 -11.67 21.53 -16.97
N LEU B 244 -12.43 20.78 -17.78
CA LEU B 244 -12.24 20.82 -19.22
C LEU B 244 -12.54 22.21 -19.79
N ALA B 245 -13.62 22.83 -19.32
CA ALA B 245 -13.94 24.17 -19.80
C ALA B 245 -12.91 25.20 -19.37
N ALA B 246 -12.24 24.98 -18.24
CA ALA B 246 -11.18 25.87 -17.82
C ALA B 246 -9.92 25.66 -18.65
N VAL B 247 -9.60 24.41 -18.97
CA VAL B 247 -8.46 24.11 -19.82
C VAL B 247 -8.66 24.75 -21.19
N GLN B 248 -9.86 24.58 -21.76
CA GLN B 248 -10.15 25.21 -23.04
C GLN B 248 -10.00 26.71 -22.94
N SER B 249 -10.55 27.32 -21.89
CA SER B 249 -10.40 28.75 -21.69
C SER B 249 -9.02 29.14 -21.19
N ALA B 250 -8.17 28.17 -20.87
CA ALA B 250 -6.84 28.45 -20.35
C ALA B 250 -6.91 29.33 -19.11
N ASP B 251 -7.91 29.08 -18.28
CA ASP B 251 -8.18 29.86 -17.08
C ASP B 251 -7.87 28.98 -15.88
N ILE B 252 -6.70 29.20 -15.26
CA ILE B 252 -6.30 28.36 -14.15
C ILE B 252 -7.16 28.62 -12.92
N GLY B 253 -7.89 29.73 -12.90
CA GLY B 253 -8.75 30.01 -11.76
C GLY B 253 -9.85 28.98 -11.59
N LYS B 254 -10.66 28.83 -12.64
CA LYS B 254 -11.74 27.84 -12.60
C LYS B 254 -11.20 26.42 -12.49
N GLY B 255 -10.12 26.13 -13.22
CA GLY B 255 -9.53 24.81 -13.12
C GLY B 255 -9.08 24.50 -11.71
N PHE B 256 -8.42 25.46 -11.06
CA PHE B 256 -7.95 25.25 -9.69
C PHE B 256 -9.12 25.12 -8.73
N VAL B 257 -10.18 25.90 -8.96
CA VAL B 257 -11.36 25.80 -8.11
C VAL B 257 -11.98 24.41 -8.19
N SER B 258 -12.19 23.92 -9.40
CA SER B 258 -12.76 22.58 -9.56
C SER B 258 -11.84 21.53 -8.98
N GLY B 259 -10.53 21.66 -9.22
CA GLY B 259 -9.59 20.70 -8.68
C GLY B 259 -9.56 20.70 -7.16
N ILE B 260 -9.66 21.88 -6.55
CA ILE B 260 -9.59 21.96 -5.11
C ILE B 260 -10.89 21.44 -4.50
N SER B 261 -12.00 21.61 -5.21
CA SER B 261 -13.24 20.97 -4.79
C SER B 261 -13.10 19.46 -4.80
N LEU B 262 -12.50 18.92 -5.86
CA LEU B 262 -12.24 17.49 -5.92
C LEU B 262 -11.34 17.06 -4.77
N VAL B 263 -10.33 17.86 -4.47
CA VAL B 263 -9.40 17.55 -3.38
C VAL B 263 -10.13 17.54 -2.05
N ILE B 264 -11.00 18.52 -1.83
CA ILE B 264 -11.76 18.58 -0.59
C ILE B 264 -12.61 17.33 -0.44
N LEU B 265 -13.29 16.94 -1.53
CA LEU B 265 -14.10 15.73 -1.48
C LEU B 265 -13.22 14.51 -1.19
N ALA B 266 -12.04 14.46 -1.79
CA ALA B 266 -11.15 13.33 -1.58
C ALA B 266 -10.74 13.25 -0.11
N ILE B 267 -10.37 14.37 0.48
CA ILE B 267 -9.95 14.37 1.87
C ILE B 267 -11.12 13.98 2.77
N ILE B 268 -12.31 14.50 2.48
CA ILE B 268 -13.47 14.17 3.29
C ILE B 268 -13.71 12.67 3.28
N ILE B 269 -13.75 12.07 2.08
CA ILE B 269 -14.00 10.64 1.97
C ILE B 269 -12.88 9.86 2.64
N ASP B 270 -11.63 10.30 2.45
CA ASP B 270 -10.50 9.58 3.01
C ASP B 270 -10.56 9.57 4.53
N ARG B 271 -10.91 10.70 5.14
CA ARG B 271 -11.01 10.75 6.59
C ARG B 271 -12.16 9.89 7.09
N PHE B 272 -13.33 10.03 6.47
CA PHE B 272 -14.48 9.23 6.88
C PHE B 272 -14.25 7.75 6.66
N THR B 273 -13.28 7.39 5.81
CA THR B 273 -12.98 5.99 5.57
C THR B 273 -11.88 5.48 6.51
N GLN B 274 -10.84 6.27 6.73
CA GLN B 274 -9.78 5.89 7.66
C GLN B 274 -10.29 5.84 9.08
N LYS B 275 -11.40 6.50 9.39
CA LYS B 275 -12.03 6.34 10.69
C LYS B 275 -12.73 5.01 10.85
N LEU B 276 -12.54 4.09 9.89
CA LEU B 276 -13.09 2.76 9.97
C LEU B 276 -12.03 1.69 10.24
N ASN B 277 -10.76 2.08 10.32
CA ASN B 277 -9.72 1.12 10.67
C ASN B 277 -9.86 0.64 12.11
N VAL B 278 -9.83 1.56 13.07
CA VAL B 278 -10.10 1.24 14.46
C VAL B 278 -11.14 2.21 15.02
N VAL B 289 -21.93 7.73 25.59
CA VAL B 289 -22.00 8.65 24.48
C VAL B 289 -22.23 7.89 23.18
N LYS B 290 -21.74 6.66 23.14
CA LYS B 290 -21.77 5.88 21.90
C LYS B 290 -23.19 5.73 21.36
N LYS B 291 -24.13 5.38 22.23
CA LYS B 291 -25.51 5.21 21.77
C LYS B 291 -26.12 6.55 21.39
N TRP B 292 -25.86 7.59 22.19
CA TRP B 292 -26.27 8.94 21.81
C TRP B 292 -25.69 9.34 20.46
N LYS B 293 -24.38 9.14 20.29
CA LYS B 293 -23.71 9.48 19.04
C LYS B 293 -24.38 8.78 17.86
N ARG B 294 -24.61 7.48 17.99
CA ARG B 294 -25.17 6.71 16.90
C ARG B 294 -26.61 7.13 16.60
N GLY B 295 -27.41 7.38 17.64
CA GLY B 295 -28.75 7.86 17.41
C GLY B 295 -28.77 9.21 16.71
N ILE B 296 -27.84 10.09 17.08
CA ILE B 296 -27.75 11.38 16.41
C ILE B 296 -27.40 11.21 14.94
N ALA B 297 -26.47 10.28 14.64
CA ALA B 297 -26.12 10.04 13.24
C ALA B 297 -27.32 9.52 12.45
N LEU B 298 -28.06 8.57 13.02
CA LEU B 298 -29.24 8.07 12.33
C LEU B 298 -30.28 9.18 12.13
N VAL B 299 -30.45 10.04 13.14
CA VAL B 299 -31.40 11.14 13.00
C VAL B 299 -30.96 12.08 11.87
N SER B 300 -29.65 12.32 11.76
CA SER B 300 -29.17 13.18 10.68
C SER B 300 -29.48 12.57 9.32
N LEU B 301 -29.26 11.26 9.17
CA LEU B 301 -29.56 10.62 7.89
C LEU B 301 -31.05 10.67 7.59
N LEU B 302 -31.90 10.44 8.60
CA LEU B 302 -33.34 10.53 8.41
C LEU B 302 -33.73 11.94 7.99
N ALA B 303 -33.10 12.96 8.58
CA ALA B 303 -33.40 14.33 8.19
C ALA B 303 -32.98 14.60 6.75
N LEU B 304 -31.83 14.06 6.34
CA LEU B 304 -31.44 14.16 4.93
C LEU B 304 -32.53 13.61 4.03
N ILE B 305 -33.03 12.42 4.36
CA ILE B 305 -34.05 11.78 3.51
C ILE B 305 -35.33 12.61 3.50
N ILE B 306 -35.74 13.11 4.66
CA ILE B 306 -36.95 13.95 4.72
C ILE B 306 -36.79 15.17 3.84
N GLY B 307 -35.64 15.85 3.95
CA GLY B 307 -35.41 17.02 3.12
C GLY B 307 -35.42 16.69 1.65
N ALA B 308 -34.87 15.54 1.28
CA ALA B 308 -34.88 15.13 -0.12
C ALA B 308 -36.30 14.92 -0.62
N PHE B 309 -37.16 14.31 0.20
CA PHE B 309 -38.54 14.08 -0.23
C PHE B 309 -39.30 15.38 -0.46
N SER B 310 -38.73 16.53 -0.11
CA SER B 310 -39.40 17.80 -0.36
C SER B 310 -39.54 18.03 -1.87
N ASP B 320 -44.08 14.63 -25.60
CA ASP B 320 -43.48 15.92 -25.93
C ASP B 320 -42.22 15.73 -26.77
N LYS B 321 -42.07 16.59 -27.78
CA LYS B 321 -40.93 16.46 -28.68
C LYS B 321 -39.63 16.70 -27.93
N LYS B 322 -38.57 16.06 -28.39
CA LYS B 322 -37.28 16.10 -27.69
C LYS B 322 -36.17 15.83 -28.68
N VAL B 323 -34.93 16.05 -28.24
CA VAL B 323 -33.76 15.78 -29.06
C VAL B 323 -32.54 15.76 -28.15
N ASP B 324 -31.63 14.83 -28.42
CA ASP B 324 -30.40 14.66 -27.67
C ASP B 324 -29.24 15.10 -28.56
N LEU B 325 -28.50 16.10 -28.12
CA LEU B 325 -27.38 16.64 -28.87
C LEU B 325 -26.08 16.46 -28.11
N VAL B 326 -25.00 16.33 -28.88
CA VAL B 326 -23.66 16.18 -28.34
C VAL B 326 -22.78 17.27 -28.91
N TYR B 327 -22.02 17.92 -28.05
CA TYR B 327 -21.17 19.03 -28.47
C TYR B 327 -19.90 19.03 -27.62
N MET B 328 -18.98 19.91 -27.99
CA MET B 328 -17.65 19.96 -27.40
C MET B 328 -17.51 21.17 -26.49
N ASN B 329 -16.51 21.11 -25.61
CA ASN B 329 -16.31 22.14 -24.61
C ASN B 329 -15.51 23.31 -25.18
N TRP B 330 -15.94 23.83 -26.33
CA TRP B 330 -15.37 25.03 -26.93
C TRP B 330 -16.43 26.12 -26.93
N ASP B 331 -15.98 27.37 -26.81
CA ASP B 331 -16.92 28.46 -26.65
C ASP B 331 -17.86 28.57 -27.85
N SER B 332 -17.34 28.36 -29.05
CA SER B 332 -18.15 28.44 -30.26
C SER B 332 -19.35 27.51 -30.17
N GLU B 333 -19.07 26.20 -30.03
CA GLU B 333 -20.14 25.22 -29.99
C GLU B 333 -21.02 25.38 -28.76
N VAL B 334 -20.45 25.84 -27.64
CA VAL B 334 -21.27 26.11 -26.46
C VAL B 334 -22.33 27.15 -26.80
N ALA B 335 -21.91 28.26 -27.42
CA ALA B 335 -22.86 29.30 -27.80
C ALA B 335 -23.90 28.75 -28.77
N SER B 336 -23.43 28.05 -29.81
CA SER B 336 -24.34 27.54 -30.83
C SER B 336 -25.39 26.63 -30.22
N ILE B 337 -24.95 25.67 -29.40
CA ILE B 337 -25.86 24.68 -28.86
C ILE B 337 -26.80 25.31 -27.84
N ASN B 338 -26.34 26.28 -27.04
CA ASN B 338 -27.24 26.93 -26.10
C ASN B 338 -28.30 27.72 -26.84
N VAL B 339 -27.91 28.42 -27.92
CA VAL B 339 -28.89 29.16 -28.71
C VAL B 339 -29.92 28.21 -29.29
N LEU B 340 -29.45 27.10 -29.86
CA LEU B 340 -30.36 26.11 -30.41
C LEU B 340 -31.30 25.57 -29.35
N THR B 341 -30.76 25.26 -28.17
CA THR B 341 -31.56 24.69 -27.09
C THR B 341 -32.66 25.65 -26.68
N GLN B 342 -32.34 26.94 -26.56
CA GLN B 342 -33.38 27.91 -26.22
C GLN B 342 -34.42 28.02 -27.33
N ALA B 343 -33.98 28.10 -28.58
CA ALA B 343 -34.94 28.19 -29.67
C ALA B 343 -35.88 27.00 -29.66
N MET B 344 -35.38 25.82 -29.27
CA MET B 344 -36.24 24.65 -29.15
C MET B 344 -37.18 24.78 -27.96
N LYS B 345 -36.64 25.12 -26.80
CA LYS B 345 -37.43 25.12 -25.57
C LYS B 345 -38.61 26.07 -25.68
N GLU B 346 -38.36 27.33 -26.04
CA GLU B 346 -39.46 28.27 -26.22
C GLU B 346 -40.25 28.03 -27.51
N HIS B 347 -40.02 26.91 -28.20
CA HIS B 347 -40.91 26.47 -29.27
C HIS B 347 -41.27 25.00 -29.14
N GLY B 348 -41.51 24.52 -27.92
CA GLY B 348 -42.11 23.22 -27.71
C GLY B 348 -41.18 22.04 -27.86
N PHE B 349 -40.15 21.98 -27.03
CA PHE B 349 -39.18 20.89 -27.04
C PHE B 349 -38.71 20.59 -25.63
N ASP B 350 -37.99 19.48 -25.50
CA ASP B 350 -37.32 19.10 -24.25
C ASP B 350 -35.97 18.51 -24.65
N VAL B 351 -34.96 19.35 -24.68
CA VAL B 351 -33.66 19.01 -25.23
C VAL B 351 -32.76 18.44 -24.16
N LYS B 352 -31.79 17.63 -24.59
CA LYS B 352 -30.79 17.03 -23.73
C LYS B 352 -29.43 17.25 -24.40
N THR B 353 -28.76 18.32 -24.01
CA THR B 353 -27.44 18.62 -24.55
C THR B 353 -26.36 18.06 -23.64
N THR B 354 -25.36 17.43 -24.25
CA THR B 354 -24.30 16.76 -23.52
C THR B 354 -22.96 17.20 -24.08
N ALA B 355 -22.06 17.59 -23.19
CA ALA B 355 -20.74 18.06 -23.58
C ALA B 355 -19.75 16.89 -23.55
N LEU B 356 -19.15 16.59 -24.69
CA LEU B 356 -18.28 15.45 -24.88
C LEU B 356 -16.97 15.91 -25.49
N ASP B 357 -16.12 14.94 -25.83
CA ASP B 357 -14.98 15.17 -26.69
C ASP B 357 -15.42 15.08 -28.15
N ASN B 358 -14.51 15.46 -29.04
CA ASN B 358 -14.81 15.43 -30.47
C ASN B 358 -15.15 14.02 -30.94
N ALA B 359 -14.18 13.11 -30.86
CA ALA B 359 -14.37 11.79 -31.45
C ALA B 359 -15.48 11.03 -30.75
N VAL B 360 -15.61 11.23 -29.43
CA VAL B 360 -16.70 10.58 -28.70
C VAL B 360 -18.04 11.06 -29.24
N ALA B 361 -18.17 12.37 -29.48
CA ALA B 361 -19.41 12.90 -30.02
C ALA B 361 -19.70 12.33 -31.39
N TRP B 362 -18.68 12.24 -32.25
CA TRP B 362 -18.89 11.67 -33.57
C TRP B 362 -19.34 10.22 -33.49
N GLN B 363 -18.70 9.44 -32.61
CA GLN B 363 -19.11 8.05 -32.47
C GLN B 363 -20.55 7.95 -31.98
N THR B 364 -20.90 8.78 -31.00
CA THR B 364 -22.25 8.73 -30.45
C THR B 364 -23.28 9.04 -31.52
N VAL B 365 -22.99 10.02 -32.37
CA VAL B 365 -23.93 10.33 -33.45
C VAL B 365 -23.98 9.20 -34.45
N ALA B 366 -22.83 8.59 -34.76
CA ALA B 366 -22.80 7.51 -35.73
C ALA B 366 -23.61 6.32 -35.28
N ASN B 367 -23.47 5.93 -34.01
CA ASN B 367 -24.16 4.77 -33.49
C ASN B 367 -25.64 5.01 -33.25
N GLY B 368 -26.12 6.23 -33.45
CA GLY B 368 -27.51 6.54 -33.28
C GLY B 368 -27.92 6.89 -31.86
N GLN B 369 -27.00 6.83 -30.91
CA GLN B 369 -27.34 7.17 -29.53
C GLN B 369 -27.75 8.63 -29.42
N ALA B 370 -27.04 9.51 -30.11
CA ALA B 370 -27.34 10.94 -30.12
C ALA B 370 -28.06 11.32 -31.41
N ASP B 371 -28.96 12.28 -31.30
CA ASP B 371 -29.80 12.68 -32.42
C ASP B 371 -29.12 13.66 -33.36
N GLY B 372 -27.90 14.08 -33.05
CA GLY B 372 -27.13 14.88 -33.99
C GLY B 372 -26.22 15.86 -33.27
N MET B 373 -25.39 16.50 -34.08
CA MET B 373 -24.46 17.52 -33.60
C MET B 373 -24.33 18.61 -34.64
N VAL B 374 -23.93 19.79 -34.18
CA VAL B 374 -23.89 21.00 -35.00
C VAL B 374 -22.48 21.54 -35.02
N SER B 375 -21.49 20.66 -34.98
CA SER B 375 -20.12 21.03 -34.67
C SER B 375 -19.14 20.37 -35.64
N ALA B 376 -19.54 20.18 -36.90
CA ALA B 376 -18.70 19.50 -37.87
C ALA B 376 -17.93 20.56 -38.66
N TRP B 377 -16.74 20.91 -38.17
CA TRP B 377 -15.90 21.91 -38.81
C TRP B 377 -15.25 21.31 -40.05
N LEU B 378 -16.04 21.19 -41.10
CA LEU B 378 -15.60 20.51 -42.30
C LEU B 378 -15.11 21.50 -43.35
N PRO B 379 -14.30 21.04 -44.31
CA PRO B 379 -13.80 19.68 -44.50
C PRO B 379 -12.33 19.52 -44.15
N ASN B 380 -11.77 20.48 -43.43
CA ASN B 380 -10.33 20.50 -43.17
C ASN B 380 -9.97 20.23 -41.72
N THR B 381 -10.87 20.46 -40.77
CA THR B 381 -10.56 20.27 -39.36
C THR B 381 -10.95 18.88 -38.88
N HIS B 382 -12.16 18.45 -39.18
CA HIS B 382 -12.67 17.14 -38.79
C HIS B 382 -12.67 16.17 -39.96
N LYS B 383 -11.66 16.23 -40.82
CA LYS B 383 -11.67 15.40 -42.02
C LYS B 383 -11.45 13.93 -41.67
N THR B 384 -10.58 13.63 -40.71
CA THR B 384 -10.37 12.24 -40.31
C THR B 384 -11.66 11.64 -39.79
N GLN B 385 -12.35 12.38 -38.93
CA GLN B 385 -13.62 11.92 -38.39
C GLN B 385 -14.69 11.79 -39.48
N TRP B 386 -14.76 12.75 -40.39
CA TRP B 386 -15.74 12.64 -41.46
C TRP B 386 -15.45 11.45 -42.36
N GLN B 387 -14.18 11.16 -42.58
CA GLN B 387 -13.79 10.06 -43.47
C GLN B 387 -14.04 8.71 -42.81
N LYS B 388 -13.59 8.52 -41.59
CA LYS B 388 -13.84 7.26 -40.89
C LYS B 388 -15.34 7.03 -40.75
N TYR B 389 -16.04 8.01 -40.21
CA TYR B 389 -17.49 8.04 -40.23
C TYR B 389 -17.92 8.59 -41.57
N GLY B 390 -19.19 9.00 -41.68
CA GLY B 390 -19.68 9.55 -42.93
C GLY B 390 -20.58 8.56 -43.64
N LYS B 391 -20.19 7.29 -43.59
CA LYS B 391 -21.04 6.22 -44.07
C LYS B 391 -22.10 5.81 -43.06
N SER B 392 -22.05 6.37 -41.85
CA SER B 392 -23.02 6.05 -40.80
C SER B 392 -23.64 7.29 -40.18
N VAL B 393 -23.51 8.46 -40.83
CA VAL B 393 -24.15 9.69 -40.41
C VAL B 393 -24.78 10.34 -41.63
N ASP B 394 -25.36 11.52 -41.44
CA ASP B 394 -25.93 12.28 -42.53
C ASP B 394 -25.52 13.74 -42.37
N LEU B 395 -24.88 14.28 -43.40
CA LEU B 395 -24.42 15.67 -43.41
C LEU B 395 -25.56 16.57 -43.87
N LEU B 396 -26.03 17.43 -42.99
CA LEU B 396 -27.15 18.32 -43.27
C LEU B 396 -26.71 19.66 -43.84
N GLY B 397 -25.43 19.85 -44.07
CA GLY B 397 -24.95 21.06 -44.71
C GLY B 397 -24.40 22.06 -43.71
N PRO B 398 -23.77 23.12 -44.23
CA PRO B 398 -23.24 24.17 -43.35
C PRO B 398 -24.34 24.84 -42.56
N ASN B 399 -24.01 25.19 -41.32
CA ASN B 399 -24.88 25.99 -40.47
C ASN B 399 -24.26 27.33 -40.14
N LEU B 400 -23.00 27.55 -40.51
CA LEU B 400 -22.35 28.84 -40.34
C LEU B 400 -21.18 28.90 -41.31
N LYS B 401 -21.08 30.00 -42.05
CA LYS B 401 -20.02 30.20 -43.03
C LYS B 401 -19.25 31.46 -42.66
N GLY B 402 -17.92 31.37 -42.72
CA GLY B 402 -17.07 32.45 -42.28
C GLY B 402 -15.97 31.95 -41.36
N ALA B 403 -16.02 30.67 -41.03
CA ALA B 403 -14.98 30.07 -40.20
C ALA B 403 -13.71 29.90 -41.02
N LYS B 404 -12.58 30.08 -40.34
CA LYS B 404 -11.28 30.01 -41.00
C LYS B 404 -10.33 29.18 -40.15
N VAL B 405 -9.33 28.62 -40.80
CA VAL B 405 -8.26 27.88 -40.14
C VAL B 405 -6.95 28.37 -40.73
N GLY B 406 -5.92 28.41 -39.90
CA GLY B 406 -4.61 28.76 -40.43
C GLY B 406 -3.64 29.13 -39.33
N PHE B 407 -2.47 29.59 -39.77
CA PHE B 407 -1.47 30.09 -38.83
C PHE B 407 -1.94 31.42 -38.25
N VAL B 408 -1.56 31.65 -37.00
CA VAL B 408 -2.00 32.81 -36.25
C VAL B 408 -0.81 33.38 -35.50
N VAL B 409 -0.69 34.70 -35.51
CA VAL B 409 0.42 35.38 -34.87
C VAL B 409 -0.14 36.61 -34.16
N PRO B 410 0.40 37.04 -33.03
CA PRO B 410 -0.14 38.22 -32.35
C PRO B 410 -0.10 39.44 -33.26
N SER B 411 -1.11 40.30 -33.10
CA SER B 411 -1.28 41.43 -34.01
C SER B 411 -0.13 42.43 -33.93
N TYR B 412 0.71 42.34 -32.91
CA TYR B 412 1.77 43.32 -32.70
C TYR B 412 3.04 43.01 -33.48
N MET B 413 3.09 41.91 -34.22
CA MET B 413 4.32 41.51 -34.89
C MET B 413 4.36 42.03 -36.32
N ASN B 414 5.57 42.34 -36.78
CA ASN B 414 5.75 42.89 -38.12
C ASN B 414 5.29 41.90 -39.19
N VAL B 415 5.45 40.60 -38.95
CA VAL B 415 5.12 39.61 -39.96
C VAL B 415 3.65 39.73 -40.33
N ASN B 416 3.37 39.61 -41.63
CA ASN B 416 2.01 39.71 -42.14
C ASN B 416 1.66 38.64 -43.16
N SER B 417 2.60 37.79 -43.56
CA SER B 417 2.32 36.68 -44.44
C SER B 417 3.30 35.55 -44.15
N ILE B 418 2.92 34.34 -44.52
CA ILE B 418 3.76 33.18 -44.24
C ILE B 418 5.08 33.28 -45.00
N GLU B 419 5.05 33.90 -46.18
CA GLU B 419 6.25 33.96 -47.00
C GLU B 419 7.38 34.73 -46.34
N ASP B 420 7.09 35.52 -45.30
CA ASP B 420 8.08 36.36 -44.66
C ASP B 420 8.62 35.80 -43.36
N LEU B 421 8.22 34.59 -42.96
CA LEU B 421 8.73 34.01 -41.72
C LEU B 421 10.17 33.58 -41.92
N THR B 422 11.08 34.13 -41.10
CA THR B 422 12.50 33.83 -41.21
C THR B 422 13.04 33.09 -39.99
N ASN B 423 12.93 33.68 -38.80
CA ASN B 423 13.52 33.07 -37.60
C ASN B 423 12.65 33.26 -36.37
N GLN B 424 11.35 33.49 -36.55
CA GLN B 424 10.48 33.81 -35.44
C GLN B 424 10.08 32.55 -34.67
N ALA B 425 9.69 32.75 -33.41
CA ALA B 425 9.30 31.65 -32.54
C ALA B 425 10.39 30.59 -32.45
N ASN B 426 11.64 31.03 -32.55
CA ASN B 426 12.79 30.12 -32.55
C ASN B 426 12.64 29.04 -33.61
N LYS B 427 12.07 29.39 -34.75
CA LYS B 427 11.84 28.45 -35.84
C LYS B 427 11.01 27.27 -35.35
N THR B 428 10.02 27.56 -34.52
CA THR B 428 9.20 26.51 -33.91
C THR B 428 7.74 26.93 -33.99
N ILE B 429 6.95 26.17 -34.72
CA ILE B 429 5.51 26.35 -34.72
C ILE B 429 4.93 25.73 -33.45
N THR B 430 3.72 26.16 -33.11
CA THR B 430 2.96 25.58 -32.00
C THR B 430 1.71 24.90 -32.53
N GLY B 431 1.54 23.64 -32.17
CA GLY B 431 0.43 22.84 -32.66
C GLY B 431 -0.78 22.92 -31.76
N ILE B 432 -1.74 22.03 -32.04
CA ILE B 432 -3.02 22.00 -31.33
C ILE B 432 -3.27 20.63 -30.72
N GLU B 433 -3.14 19.57 -31.53
CA GLU B 433 -3.20 18.19 -31.07
C GLU B 433 -2.92 17.27 -32.26
N PRO B 434 -2.20 16.17 -32.07
CA PRO B 434 -1.87 15.32 -33.22
C PRO B 434 -3.10 14.79 -33.91
N GLY B 435 -2.98 14.60 -35.23
CA GLY B 435 -4.04 14.04 -36.03
C GLY B 435 -5.12 15.02 -36.43
N ALA B 436 -5.31 16.10 -35.67
CA ALA B 436 -6.27 17.11 -36.06
C ALA B 436 -5.93 17.65 -37.44
N GLY B 437 -6.96 17.85 -38.26
CA GLY B 437 -6.73 18.28 -39.62
C GLY B 437 -5.87 19.52 -39.71
N VAL B 438 -5.92 20.36 -38.69
CA VAL B 438 -5.06 21.54 -38.66
C VAL B 438 -3.60 21.14 -38.68
N MET B 439 -3.23 20.11 -37.90
CA MET B 439 -1.84 19.71 -37.85
C MET B 439 -1.40 19.04 -39.14
N ALA B 440 -2.26 18.26 -39.77
CA ALA B 440 -1.93 17.69 -41.07
C ALA B 440 -1.71 18.79 -42.10
N ALA B 441 -2.60 19.79 -42.10
CA ALA B 441 -2.43 20.92 -43.00
C ALA B 441 -1.15 21.68 -42.69
N SER B 442 -0.78 21.77 -41.41
CA SER B 442 0.47 22.43 -41.05
C SER B 442 1.68 21.66 -41.55
N GLU B 443 1.65 20.33 -41.44
CA GLU B 443 2.73 19.52 -41.99
C GLU B 443 2.83 19.69 -43.50
N LYS B 444 1.68 19.75 -44.18
CA LYS B 444 1.68 20.03 -45.61
C LYS B 444 2.24 21.41 -45.91
N THR B 445 1.92 22.39 -45.09
CA THR B 445 2.42 23.75 -45.30
C THR B 445 3.93 23.80 -45.14
N LEU B 446 4.46 23.10 -44.14
CA LEU B 446 5.90 23.08 -43.91
C LEU B 446 6.68 22.39 -45.03
N ASN B 447 6.00 21.65 -45.90
CA ASN B 447 6.66 21.00 -47.03
C ASN B 447 6.37 21.71 -48.35
N SER B 448 5.27 22.45 -48.43
CA SER B 448 4.94 23.18 -49.65
C SER B 448 5.83 24.42 -49.81
N TYR B 449 6.14 25.08 -48.71
CA TYR B 449 6.91 26.31 -48.76
C TYR B 449 8.41 26.01 -48.62
N ASP B 450 9.20 27.06 -48.67
CA ASP B 450 10.65 26.96 -48.51
C ASP B 450 11.22 27.80 -47.39
N ASN B 451 10.64 28.98 -47.14
CA ASN B 451 11.14 29.85 -46.08
C ASN B 451 11.19 29.15 -44.73
N LEU B 452 10.22 28.28 -44.46
CA LEU B 452 10.11 27.61 -43.18
C LEU B 452 10.20 26.09 -43.32
N LYS B 453 10.88 25.62 -44.37
CA LYS B 453 11.20 24.21 -44.49
C LYS B 453 11.90 23.68 -43.24
N ASP B 454 12.78 24.49 -42.66
CA ASP B 454 13.56 24.10 -41.49
C ASP B 454 12.86 24.43 -40.17
N TRP B 455 11.67 25.01 -40.22
CA TRP B 455 10.88 25.21 -39.01
C TRP B 455 10.41 23.87 -38.47
N LYS B 456 9.74 23.91 -37.32
CA LYS B 456 9.29 22.71 -36.63
C LYS B 456 7.80 22.80 -36.37
N LEU B 457 7.26 21.70 -35.84
CA LEU B 457 5.85 21.61 -35.50
C LEU B 457 5.73 20.70 -34.28
N VAL B 458 5.49 21.31 -33.12
CA VAL B 458 5.41 20.57 -31.87
C VAL B 458 3.93 20.28 -31.59
N PRO B 459 3.51 19.02 -31.54
CA PRO B 459 2.11 18.73 -31.20
C PRO B 459 1.89 18.79 -29.69
N SER B 460 0.94 19.61 -29.27
CA SER B 460 0.53 19.72 -27.88
C SER B 460 -0.99 19.66 -27.82
N SER B 461 -1.57 20.02 -26.69
CA SER B 461 -3.01 20.15 -26.59
C SER B 461 -3.41 21.60 -26.85
N SER B 462 -4.71 21.82 -27.06
CA SER B 462 -5.20 23.18 -27.28
C SER B 462 -4.95 24.05 -26.06
N GLY B 463 -5.14 23.49 -24.86
CA GLY B 463 -4.91 24.27 -23.66
C GLY B 463 -3.47 24.75 -23.55
N ALA B 464 -2.51 23.88 -23.85
CA ALA B 464 -1.11 24.28 -23.81
C ALA B 464 -0.84 25.39 -24.80
N MET B 465 -1.39 25.29 -26.01
CA MET B 465 -1.19 26.33 -27.00
C MET B 465 -1.73 27.66 -26.51
N THR B 466 -2.94 27.64 -25.96
CA THR B 466 -3.54 28.87 -25.48
C THR B 466 -2.75 29.48 -24.33
N VAL B 467 -2.28 28.65 -23.41
CA VAL B 467 -1.51 29.16 -22.28
C VAL B 467 -0.19 29.74 -22.75
N ALA B 468 0.49 29.07 -23.68
CA ALA B 468 1.73 29.60 -24.21
C ALA B 468 1.49 30.93 -24.91
N LEU B 469 0.41 31.02 -25.66
CA LEU B 469 0.06 32.27 -26.31
C LEU B 469 -0.14 33.38 -25.30
N GLY B 470 -0.90 33.10 -24.24
CA GLY B 470 -1.13 34.11 -23.22
C GLY B 470 0.15 34.56 -22.57
N GLU B 471 1.03 33.63 -22.20
CA GLU B 471 2.29 34.01 -21.58
C GLU B 471 3.14 34.83 -22.52
N ALA B 472 3.22 34.43 -23.80
CA ALA B 472 4.01 35.19 -24.75
C ALA B 472 3.47 36.60 -24.92
N ILE B 473 2.14 36.76 -24.96
CA ILE B 473 1.56 38.09 -25.03
C ILE B 473 1.95 38.90 -23.80
N LYS B 474 1.90 38.27 -22.62
CA LYS B 474 2.36 38.94 -21.42
C LYS B 474 3.80 39.38 -21.57
N GLN B 475 4.66 38.48 -22.06
CA GLN B 475 6.08 38.76 -22.21
C GLN B 475 6.40 39.40 -23.55
N HIS B 476 5.40 39.69 -24.38
CA HIS B 476 5.55 40.40 -25.64
C HIS B 476 6.35 39.58 -26.65
N LYS B 477 6.64 38.33 -26.36
CA LYS B 477 7.49 37.52 -27.22
C LYS B 477 6.76 36.93 -28.42
N ASP B 478 7.50 36.68 -29.48
CA ASP B 478 6.95 36.14 -30.71
C ASP B 478 6.44 34.72 -30.57
N ILE B 479 5.29 34.45 -31.20
CA ILE B 479 4.67 33.15 -31.14
C ILE B 479 3.87 32.95 -32.41
N VAL B 480 3.90 31.72 -32.93
CA VAL B 480 3.09 31.33 -34.08
C VAL B 480 2.34 30.06 -33.71
N ILE B 481 1.04 30.03 -34.00
CA ILE B 481 0.19 28.93 -33.60
C ILE B 481 -0.62 28.46 -34.81
N THR B 482 -1.19 27.28 -34.68
CA THR B 482 -2.09 26.71 -35.68
C THR B 482 -3.50 26.84 -35.13
N GLY B 483 -4.14 27.98 -35.42
CA GLY B 483 -5.42 28.32 -34.84
C GLY B 483 -6.54 28.39 -35.84
N TRP B 484 -7.70 28.82 -35.34
CA TRP B 484 -8.89 28.92 -36.17
C TRP B 484 -9.79 30.00 -35.59
N SER B 485 -10.74 30.43 -36.43
CA SER B 485 -11.79 31.35 -36.06
C SER B 485 -13.12 30.71 -36.43
N PRO B 486 -14.17 30.93 -35.63
CA PRO B 486 -14.20 31.72 -34.40
C PRO B 486 -13.55 31.05 -33.20
N HIS B 487 -13.08 31.85 -32.25
CA HIS B 487 -12.40 31.34 -31.07
C HIS B 487 -12.20 32.52 -30.13
N TRP B 488 -11.95 32.21 -28.85
CA TRP B 488 -11.81 33.28 -27.86
C TRP B 488 -10.48 33.98 -27.95
N MET B 489 -9.50 33.42 -28.65
CA MET B 489 -8.19 34.06 -28.77
C MET B 489 -8.33 35.44 -29.38
N PHE B 490 -9.03 35.52 -30.50
CA PHE B 490 -9.16 36.78 -31.23
C PHE B 490 -9.96 37.81 -30.46
N ASN B 491 -10.69 37.40 -29.43
CA ASN B 491 -11.43 38.32 -28.57
C ASN B 491 -10.64 38.70 -27.32
N LYS B 492 -10.03 37.73 -26.65
CA LYS B 492 -9.27 37.99 -25.45
C LYS B 492 -7.91 38.61 -25.74
N TYR B 493 -7.27 38.21 -26.82
CA TYR B 493 -6.01 38.78 -27.27
C TYR B 493 -6.19 39.37 -28.67
N ASP B 494 -5.20 40.12 -29.10
CA ASP B 494 -5.19 40.76 -30.42
C ASP B 494 -4.23 39.98 -31.32
N LEU B 495 -4.78 39.28 -32.30
CA LEU B 495 -4.01 38.42 -33.17
C LEU B 495 -4.30 38.76 -34.63
N LYS B 496 -3.68 38.01 -35.52
CA LYS B 496 -3.85 38.17 -36.96
C LYS B 496 -3.59 36.83 -37.62
N TYR B 497 -4.32 36.54 -38.68
CA TYR B 497 -4.01 35.41 -39.51
C TYR B 497 -2.80 35.72 -40.39
N LEU B 498 -2.24 34.67 -40.97
CA LEU B 498 -1.15 34.81 -41.92
C LEU B 498 -1.62 34.38 -43.31
N ALA B 499 -1.12 35.06 -44.32
CA ALA B 499 -1.54 34.78 -45.68
C ALA B 499 -1.05 33.41 -46.14
N ASP B 500 -1.88 32.74 -46.93
CA ASP B 500 -1.58 31.43 -47.48
C ASP B 500 -1.82 31.47 -48.99
N PRO B 501 -0.90 32.06 -49.75
CA PRO B 501 -1.09 32.08 -51.21
C PRO B 501 -1.25 30.70 -51.81
N LYS B 502 -0.50 29.70 -51.31
CA LYS B 502 -0.61 28.36 -51.86
C LYS B 502 -1.86 27.63 -51.39
N GLY B 503 -2.53 28.13 -50.37
CA GLY B 503 -3.77 27.52 -49.92
C GLY B 503 -3.62 26.08 -49.48
N THR B 504 -2.45 25.72 -48.94
CA THR B 504 -2.21 24.37 -48.45
C THR B 504 -2.78 24.14 -47.06
N MET B 505 -3.19 25.21 -46.37
CA MET B 505 -3.52 25.11 -44.96
C MET B 505 -5.04 25.01 -44.76
N GLY B 506 -5.78 25.94 -45.35
CA GLY B 506 -7.23 25.87 -45.28
C GLY B 506 -7.83 27.01 -46.07
N THR B 507 -9.07 26.80 -46.49
CA THR B 507 -9.82 27.76 -47.29
C THR B 507 -11.21 27.95 -46.68
N SER B 508 -11.30 28.83 -45.69
CA SER B 508 -12.57 29.26 -45.10
C SER B 508 -13.54 28.09 -44.95
N GLU B 509 -13.09 27.07 -44.21
CA GLU B 509 -13.93 25.92 -43.95
C GLU B 509 -15.23 26.35 -43.28
N ASN B 510 -16.23 25.47 -43.34
CA ASN B 510 -17.56 25.76 -42.82
C ASN B 510 -17.92 24.80 -41.71
N ILE B 511 -18.60 25.34 -40.70
CA ILE B 511 -19.25 24.52 -39.69
C ILE B 511 -20.50 23.92 -40.29
N ASN B 512 -20.69 22.62 -40.07
CA ASN B 512 -21.79 21.88 -40.67
C ASN B 512 -22.51 21.09 -39.61
N THR B 513 -23.81 20.90 -39.83
CA THR B 513 -24.67 20.13 -38.95
C THR B 513 -24.60 18.65 -39.31
N ILE B 514 -24.75 17.81 -38.28
CA ILE B 514 -24.66 16.37 -38.42
C ILE B 514 -25.79 15.73 -37.63
N VAL B 515 -26.34 14.66 -38.17
CA VAL B 515 -27.40 13.89 -37.51
C VAL B 515 -27.10 12.40 -37.68
N ARG B 516 -27.83 11.60 -36.93
CA ARG B 516 -27.68 10.16 -36.97
C ARG B 516 -28.55 9.57 -38.07
N LYS B 517 -28.08 8.46 -38.62
CA LYS B 517 -28.78 7.80 -39.72
C LYS B 517 -30.12 7.27 -39.21
N GLY B 518 -31.20 7.97 -39.52
CA GLY B 518 -32.53 7.52 -39.15
C GLY B 518 -33.33 8.50 -38.35
N LEU B 519 -32.97 9.78 -38.43
CA LEU B 519 -33.74 10.82 -37.76
C LEU B 519 -34.89 11.35 -38.61
N LYS B 520 -34.75 11.25 -39.93
CA LYS B 520 -35.81 11.70 -40.83
C LYS B 520 -37.11 10.93 -40.62
N LYS B 521 -37.02 9.70 -40.13
CA LYS B 521 -38.19 8.86 -39.92
C LYS B 521 -38.71 8.88 -38.49
N GLU B 522 -37.85 9.04 -37.50
CA GLU B 522 -38.24 8.94 -36.10
C GLU B 522 -38.60 10.29 -35.49
N ASN B 523 -37.74 11.29 -35.62
CA ASN B 523 -37.98 12.62 -35.05
C ASN B 523 -37.76 13.67 -36.12
N PRO B 524 -38.64 13.72 -37.12
CA PRO B 524 -38.48 14.69 -38.20
C PRO B 524 -38.76 16.11 -37.75
N GLU B 525 -39.55 16.26 -36.69
CA GLU B 525 -39.87 17.59 -36.19
C GLU B 525 -38.62 18.33 -35.73
N ALA B 526 -37.56 17.60 -35.40
CA ALA B 526 -36.26 18.20 -35.10
C ALA B 526 -35.30 18.15 -36.28
N TYR B 527 -35.48 17.19 -37.18
CA TYR B 527 -34.71 17.19 -38.42
C TYR B 527 -34.97 18.45 -39.22
N LYS B 528 -36.21 18.91 -39.27
CA LYS B 528 -36.51 20.17 -39.94
C LYS B 528 -35.66 21.29 -39.35
N VAL B 529 -35.62 21.37 -38.03
CA VAL B 529 -34.87 22.43 -37.35
C VAL B 529 -33.39 22.33 -37.70
N LEU B 530 -32.83 21.13 -37.58
CA LEU B 530 -31.38 20.99 -37.77
C LEU B 530 -30.96 21.17 -39.21
N ASP B 531 -31.81 20.79 -40.17
CA ASP B 531 -31.49 21.04 -41.57
C ASP B 531 -31.71 22.50 -41.95
N LYS B 532 -32.63 23.18 -41.28
CA LYS B 532 -32.90 24.59 -41.52
C LYS B 532 -32.09 25.50 -40.61
N PHE B 533 -31.20 24.94 -39.80
CA PHE B 533 -30.48 25.72 -38.81
C PHE B 533 -29.31 26.44 -39.47
N ASN B 534 -29.19 27.74 -39.18
CA ASN B 534 -28.17 28.55 -39.82
C ASN B 534 -28.11 29.91 -39.13
N TRP B 535 -26.89 30.42 -38.96
CA TRP B 535 -26.70 31.71 -38.32
C TRP B 535 -25.22 32.06 -38.39
N THR B 536 -24.95 33.36 -38.40
CA THR B 536 -23.67 33.89 -38.87
C THR B 536 -22.63 33.96 -37.77
N THR B 537 -21.37 33.93 -38.19
CA THR B 537 -20.25 33.97 -37.24
C THR B 537 -20.24 35.25 -36.42
N LYS B 538 -20.68 36.37 -37.01
CA LYS B 538 -20.74 37.61 -36.25
C LYS B 538 -21.60 37.45 -35.00
N ASP B 539 -22.74 36.77 -35.16
CA ASP B 539 -23.59 36.49 -34.02
C ASP B 539 -22.86 35.64 -32.99
N MET B 540 -22.07 34.67 -33.45
CA MET B 540 -21.35 33.81 -32.53
C MET B 540 -20.32 34.60 -31.74
N GLU B 541 -19.59 35.49 -32.41
CA GLU B 541 -18.62 36.33 -31.71
C GLU B 541 -19.31 37.27 -30.75
N ALA B 542 -20.48 37.79 -31.12
CA ALA B 542 -21.23 38.64 -30.19
C ALA B 542 -21.62 37.86 -28.94
N VAL B 543 -22.09 36.64 -29.11
CA VAL B 543 -22.51 35.84 -27.97
C VAL B 543 -21.31 35.47 -27.09
N MET B 544 -20.19 35.11 -27.71
CA MET B 544 -18.99 34.83 -26.92
C MET B 544 -18.54 36.06 -26.16
N LEU B 545 -18.61 37.24 -26.80
CA LEU B 545 -18.25 38.47 -26.11
C LEU B 545 -19.17 38.70 -24.92
N ASP B 546 -20.47 38.42 -25.10
CA ASP B 546 -21.42 38.56 -24.00
C ASP B 546 -21.07 37.62 -22.86
N ILE B 547 -20.71 36.37 -23.19
CA ILE B 547 -20.38 35.40 -22.15
C ILE B 547 -19.12 35.83 -21.40
N GLN B 548 -18.08 36.20 -22.14
CA GLN B 548 -16.79 36.45 -21.51
C GLN B 548 -16.88 37.59 -20.50
N ASN B 549 -17.74 38.57 -20.74
CA ASN B 549 -17.96 39.62 -19.76
C ASN B 549 -18.54 39.07 -18.46
N GLY B 550 -19.18 37.90 -18.51
CA GLY B 550 -19.59 37.22 -17.30
C GLY B 550 -20.96 36.56 -17.38
N LYS B 551 -21.77 36.96 -18.35
CA LYS B 551 -23.12 36.42 -18.46
C LYS B 551 -23.07 34.92 -18.75
N THR B 552 -24.05 34.20 -18.22
CA THR B 552 -24.16 32.79 -18.48
C THR B 552 -24.61 32.54 -19.92
N PRO B 553 -24.23 31.39 -20.50
CA PRO B 553 -24.61 31.15 -21.90
C PRO B 553 -26.11 31.20 -22.15
N GLU B 554 -26.93 30.73 -21.22
CA GLU B 554 -28.37 30.72 -21.42
C GLU B 554 -28.91 32.14 -21.55
N GLU B 555 -28.43 33.04 -20.69
CA GLU B 555 -28.86 34.44 -20.78
C GLU B 555 -28.40 35.06 -22.10
N ALA B 556 -27.20 34.71 -22.56
CA ALA B 556 -26.73 35.19 -23.84
C ALA B 556 -27.64 34.73 -24.97
N ALA B 557 -28.04 33.45 -24.92
CA ALA B 557 -28.96 32.94 -25.93
C ALA B 557 -30.29 33.67 -25.88
N LYS B 558 -30.82 33.89 -24.68
CA LYS B 558 -32.05 34.67 -24.56
C LYS B 558 -31.91 36.04 -25.20
N ASN B 559 -30.81 36.73 -24.89
CA ASN B 559 -30.60 38.07 -25.43
C ASN B 559 -30.54 38.04 -26.95
N TRP B 560 -29.69 37.19 -27.52
CA TRP B 560 -29.50 37.19 -28.96
C TRP B 560 -30.75 36.72 -29.69
N ILE B 561 -31.56 35.87 -29.04
CA ILE B 561 -32.80 35.44 -29.68
C ILE B 561 -33.83 36.55 -29.61
N LYS B 562 -33.83 37.33 -28.55
CA LYS B 562 -34.69 38.51 -28.49
C LYS B 562 -34.31 39.51 -29.57
N ASP B 563 -33.02 39.69 -29.81
CA ASP B 563 -32.56 40.59 -30.87
C ASP B 563 -32.74 40.01 -32.27
N HIS B 564 -32.73 38.68 -32.41
CA HIS B 564 -32.75 38.01 -33.70
C HIS B 564 -33.87 36.99 -33.76
N GLN B 565 -35.08 37.42 -33.38
CA GLN B 565 -36.19 36.49 -33.27
C GLN B 565 -36.67 35.97 -34.62
N LYS B 566 -36.69 36.82 -35.65
CA LYS B 566 -37.26 36.41 -36.93
C LYS B 566 -36.45 35.27 -37.54
N GLU B 567 -35.12 35.30 -37.41
CA GLU B 567 -34.32 34.20 -37.91
C GLU B 567 -34.66 32.91 -37.18
N VAL B 568 -34.84 32.99 -35.87
CA VAL B 568 -35.20 31.81 -35.08
C VAL B 568 -36.51 31.23 -35.61
N ASP B 569 -37.52 32.08 -35.75
CA ASP B 569 -38.79 31.62 -36.31
C ASP B 569 -38.62 31.06 -37.71
N LYS B 570 -37.64 31.58 -38.45
CA LYS B 570 -37.38 31.06 -39.79
C LYS B 570 -36.86 29.63 -39.73
N TRP B 571 -36.00 29.33 -38.75
CA TRP B 571 -35.46 27.99 -38.67
C TRP B 571 -36.54 26.94 -38.45
N PHE B 572 -37.66 27.33 -37.86
CA PHE B 572 -38.77 26.40 -37.65
C PHE B 572 -39.80 26.53 -38.76
N VAL C 3 -5.38 -47.48 23.92
CA VAL C 3 -4.45 -46.79 23.03
C VAL C 3 -5.16 -45.65 22.31
N LYS C 4 -4.46 -44.53 22.16
CA LYS C 4 -5.02 -43.35 21.53
C LYS C 4 -4.25 -42.92 20.30
N ILE C 5 -2.92 -42.90 20.36
CA ILE C 5 -2.10 -42.45 19.25
C ILE C 5 -1.04 -43.50 18.93
N LYS C 6 -0.81 -43.70 17.64
CA LYS C 6 0.33 -44.46 17.15
C LYS C 6 1.19 -43.57 16.28
N ILE C 7 2.48 -43.85 16.28
CA ILE C 7 3.45 -43.18 15.42
C ILE C 7 4.39 -44.25 14.90
N GLU C 8 4.50 -44.35 13.57
CA GLU C 8 5.28 -45.41 12.95
C GLU C 8 6.21 -44.80 11.91
N HIS C 9 7.52 -45.04 12.10
CA HIS C 9 8.56 -44.56 11.21
C HIS C 9 8.32 -43.11 10.81
N LEU C 10 7.89 -42.33 11.78
CA LEU C 10 7.67 -40.91 11.55
C LEU C 10 9.00 -40.21 11.29
N THR C 11 9.03 -39.37 10.27
CA THR C 11 10.25 -38.68 9.87
C THR C 11 9.89 -37.37 9.21
N LYS C 12 10.66 -36.34 9.52
CA LYS C 12 10.45 -35.01 8.95
C LYS C 12 11.82 -34.35 8.82
N ILE C 13 12.20 -34.04 7.59
CA ILE C 13 13.50 -33.46 7.28
C ILE C 13 13.27 -32.15 6.53
N PHE C 14 13.90 -31.08 7.02
CA PHE C 14 13.67 -29.75 6.50
C PHE C 14 14.65 -29.45 5.38
N GLY C 15 14.61 -28.22 4.89
CA GLY C 15 15.51 -27.83 3.85
C GLY C 15 15.24 -28.63 2.59
N LYS C 16 16.31 -28.81 1.82
CA LYS C 16 16.21 -29.50 0.56
C LYS C 16 17.31 -30.55 0.50
N ARG C 17 17.48 -31.17 -0.66
CA ARG C 17 18.40 -32.30 -0.79
C ARG C 17 18.00 -33.42 0.16
N ILE C 18 16.69 -33.53 0.44
CA ILE C 18 16.20 -34.45 1.46
C ILE C 18 16.63 -35.88 1.16
N LYS C 19 16.84 -36.21 -0.12
CA LYS C 19 17.15 -37.58 -0.47
C LYS C 19 18.49 -38.02 0.13
N THR C 20 19.54 -37.23 -0.13
CA THR C 20 20.86 -37.61 0.40
C THR C 20 20.89 -37.56 1.91
N ALA C 21 20.20 -36.58 2.52
CA ALA C 21 20.15 -36.52 3.97
C ALA C 21 19.47 -37.75 4.55
N LEU C 22 18.37 -38.17 3.94
CA LEU C 22 17.68 -39.36 4.41
C LEU C 22 18.57 -40.59 4.27
N THR C 23 19.33 -40.67 3.16
CA THR C 23 20.28 -41.76 2.99
C THR C 23 21.34 -41.73 4.09
N MET C 24 21.85 -40.53 4.38
CA MET C 24 22.89 -40.37 5.40
C MET C 24 22.39 -40.90 6.74
N VAL C 25 21.19 -40.49 7.14
CA VAL C 25 20.65 -40.95 8.41
C VAL C 25 20.41 -42.46 8.36
N GLU C 26 20.00 -42.96 7.19
CA GLU C 26 19.86 -44.40 7.05
C GLU C 26 21.17 -45.11 7.35
N LYS C 27 22.31 -44.50 7.01
CA LYS C 27 23.58 -45.06 7.47
C LYS C 27 23.77 -44.83 8.96
N GLY C 28 23.35 -43.65 9.46
CA GLY C 28 23.49 -43.34 10.86
C GLY C 28 24.47 -42.22 11.14
N GLU C 29 24.70 -41.35 10.17
CA GLU C 29 25.57 -40.20 10.37
C GLU C 29 24.88 -39.17 11.25
N PRO C 30 25.66 -38.36 11.97
CA PRO C 30 25.05 -37.38 12.87
C PRO C 30 24.39 -36.24 12.13
N LYS C 31 23.69 -35.38 12.87
CA LYS C 31 22.91 -34.29 12.30
C LYS C 31 23.77 -33.17 11.76
N ASN C 32 24.82 -32.80 12.49
CA ASN C 32 25.63 -31.64 12.11
C ASN C 32 26.38 -31.88 10.81
N GLU C 33 26.95 -33.08 10.63
CA GLU C 33 27.65 -33.39 9.39
C GLU C 33 26.70 -33.34 8.20
N ILE C 34 25.49 -33.89 8.39
CA ILE C 34 24.48 -33.84 7.35
C ILE C 34 24.13 -32.41 6.99
N LEU C 35 23.94 -31.56 7.99
CA LEU C 35 23.68 -30.15 7.74
C LEU C 35 24.84 -29.52 6.98
N LYS C 36 26.07 -29.89 7.34
CA LYS C 36 27.24 -29.30 6.70
C LYS C 36 27.26 -29.61 5.21
N LYS C 37 27.09 -30.88 4.85
CA LYS C 37 27.07 -31.23 3.43
C LYS C 37 25.87 -30.64 2.71
N THR C 38 24.67 -30.83 3.27
CA THR C 38 23.44 -30.61 2.50
C THR C 38 22.66 -29.39 2.94
N GLY C 39 22.81 -28.95 4.19
CA GLY C 39 21.99 -27.88 4.71
C GLY C 39 20.62 -28.33 5.15
N ALA C 40 20.32 -29.62 5.08
CA ALA C 40 19.04 -30.17 5.50
C ALA C 40 19.17 -30.63 6.95
N THR C 41 18.47 -29.95 7.85
CA THR C 41 18.52 -30.27 9.26
C THR C 41 17.45 -31.32 9.58
N VAL C 42 17.88 -32.50 9.98
CA VAL C 42 16.95 -33.58 10.28
C VAL C 42 16.20 -33.24 11.56
N GLY C 43 14.94 -32.84 11.42
CA GLY C 43 14.13 -32.48 12.56
C GLY C 43 13.85 -33.67 13.45
N VAL C 44 13.55 -34.81 12.84
CA VAL C 44 13.22 -36.02 13.59
C VAL C 44 13.32 -37.21 12.64
N TYR C 45 13.77 -38.34 13.18
CA TYR C 45 14.04 -39.53 12.37
C TYR C 45 13.47 -40.76 13.04
N ASP C 46 12.77 -41.58 12.25
CA ASP C 46 12.26 -42.89 12.66
C ASP C 46 11.76 -42.86 14.10
N THR C 47 10.89 -41.90 14.38
CA THR C 47 10.20 -41.85 15.67
C THR C 47 8.98 -42.75 15.62
N ASN C 48 8.98 -43.76 16.48
CA ASN C 48 7.97 -44.80 16.47
C ASN C 48 7.60 -45.08 17.93
N PHE C 49 6.34 -44.86 18.29
CA PHE C 49 5.90 -45.16 19.65
C PHE C 49 4.37 -45.10 19.69
N GLU C 50 3.84 -45.17 20.91
CA GLU C 50 2.41 -45.26 21.17
C GLU C 50 2.08 -44.46 22.41
N ILE C 51 0.94 -43.77 22.37
CA ILE C 51 0.45 -43.01 23.51
C ILE C 51 -0.94 -43.50 23.86
N ASN C 52 -1.14 -43.86 25.13
CA ASN C 52 -2.41 -44.36 25.60
C ASN C 52 -3.27 -43.22 26.15
N GLU C 53 -4.55 -43.52 26.36
CA GLU C 53 -5.50 -42.53 26.83
C GLU C 53 -5.27 -42.24 28.30
N GLY C 54 -5.61 -41.01 28.70
CA GLY C 54 -5.46 -40.61 30.09
C GLY C 54 -4.04 -40.65 30.59
N GLU C 55 -3.09 -40.16 29.79
CA GLU C 55 -1.67 -40.31 30.07
C GLU C 55 -0.94 -39.02 29.75
N ILE C 56 -0.11 -38.56 30.68
CA ILE C 56 0.74 -37.38 30.46
C ILE C 56 2.05 -37.89 29.91
N PHE C 57 2.12 -37.99 28.59
CA PHE C 57 3.35 -38.38 27.90
C PHE C 57 4.26 -37.17 27.82
N VAL C 58 5.20 -37.07 28.76
CA VAL C 58 6.15 -35.96 28.78
C VAL C 58 7.25 -36.25 27.78
N ILE C 59 7.63 -35.24 27.01
CA ILE C 59 8.73 -35.33 26.06
C ILE C 59 9.79 -34.35 26.49
N MET C 60 11.04 -34.77 26.39
CA MET C 60 12.15 -34.03 26.95
C MET C 60 13.36 -34.25 26.04
N GLY C 61 14.28 -33.30 26.06
CA GLY C 61 15.44 -33.42 25.21
C GLY C 61 16.15 -32.10 25.04
N LEU C 62 17.32 -32.18 24.41
CA LEU C 62 18.11 -31.00 24.16
C LEU C 62 17.41 -30.07 23.18
N SER C 63 17.61 -28.77 23.38
CA SER C 63 17.11 -27.78 22.44
C SER C 63 17.78 -28.00 21.09
N GLY C 64 16.98 -28.43 20.11
CA GLY C 64 17.52 -28.82 18.82
C GLY C 64 17.46 -30.32 18.65
N SER C 65 16.43 -30.95 19.21
CA SER C 65 16.28 -32.39 19.16
C SER C 65 14.98 -32.85 18.51
N GLY C 66 14.09 -31.94 18.13
CA GLY C 66 12.90 -32.32 17.41
C GLY C 66 11.71 -32.63 18.28
N LYS C 67 11.34 -31.70 19.15
CA LYS C 67 10.16 -31.85 20.00
C LYS C 67 8.97 -31.08 19.46
N SER C 68 9.13 -29.77 19.23
CA SER C 68 8.05 -28.99 18.66
C SER C 68 7.64 -29.53 17.30
N THR C 69 8.59 -30.05 16.53
CA THR C 69 8.27 -30.61 15.24
C THR C 69 7.34 -31.80 15.39
N LEU C 70 7.60 -32.66 16.37
CA LEU C 70 6.73 -33.82 16.59
C LEU C 70 5.32 -33.37 16.95
N LEU C 71 5.20 -32.40 17.85
CA LEU C 71 3.88 -31.90 18.22
C LEU C 71 3.15 -31.33 17.01
N ARG C 72 3.86 -30.57 16.19
CA ARG C 72 3.25 -30.01 14.99
C ARG C 72 2.82 -31.10 14.03
N LEU C 73 3.64 -32.14 13.86
CA LEU C 73 3.29 -33.25 12.99
C LEU C 73 2.04 -33.96 13.49
N LEU C 74 1.92 -34.14 14.79
CA LEU C 74 0.73 -34.79 15.34
C LEU C 74 -0.52 -34.04 14.96
N ASN C 75 -0.47 -32.71 15.02
CA ASN C 75 -1.59 -31.87 14.61
C ASN C 75 -1.61 -31.61 13.11
N ARG C 76 -0.64 -32.17 12.39
CA ARG C 76 -0.51 -32.03 10.94
C ARG C 76 -0.49 -30.58 10.50
N LEU C 77 0.12 -29.70 11.30
CA LEU C 77 0.43 -28.36 10.81
C LEU C 77 1.55 -28.41 9.79
N ILE C 78 2.31 -29.50 9.76
CA ILE C 78 3.31 -29.74 8.74
C ILE C 78 3.31 -31.22 8.42
N GLU C 79 3.63 -31.55 7.19
CA GLU C 79 3.52 -32.94 6.80
C GLU C 79 4.90 -33.61 6.81
N PRO C 80 4.98 -34.86 7.26
CA PRO C 80 6.26 -35.55 7.27
C PRO C 80 6.67 -36.00 5.87
N THR C 81 7.96 -36.28 5.73
CA THR C 81 8.49 -36.84 4.49
C THR C 81 8.28 -38.34 4.42
N SER C 82 8.09 -38.98 5.56
CA SER C 82 7.91 -40.43 5.60
C SER C 82 7.41 -40.82 6.99
N GLY C 83 6.40 -41.67 7.04
CA GLY C 83 5.89 -42.16 8.31
C GLY C 83 4.40 -41.97 8.46
N LYS C 84 3.82 -42.53 9.51
CA LYS C 84 2.38 -42.53 9.71
C LYS C 84 2.04 -42.13 11.12
N ILE C 85 1.06 -41.25 11.25
CA ILE C 85 0.52 -40.79 12.52
C ILE C 85 -0.93 -41.22 12.57
N PHE C 86 -1.26 -42.10 13.52
CA PHE C 86 -2.62 -42.59 13.69
C PHE C 86 -3.20 -42.00 14.96
N ILE C 87 -4.40 -41.41 14.84
CA ILE C 87 -5.11 -40.81 15.96
C ILE C 87 -6.48 -41.46 15.99
N ASP C 88 -6.68 -42.39 16.91
CA ASP C 88 -7.91 -43.17 16.99
C ASP C 88 -8.08 -44.02 15.73
N ASN C 89 -7.03 -44.73 15.36
CA ASN C 89 -7.03 -45.59 14.18
C ASN C 89 -7.44 -44.80 12.94
N GLN C 90 -6.79 -43.66 12.74
CA GLN C 90 -7.14 -42.75 11.65
C GLN C 90 -5.89 -41.98 11.27
N ASP C 91 -5.31 -42.33 10.13
CA ASP C 91 -4.14 -41.60 9.66
C ASP C 91 -4.53 -40.17 9.31
N VAL C 92 -4.01 -39.22 10.09
CA VAL C 92 -4.37 -37.83 9.90
C VAL C 92 -4.04 -37.35 8.49
N ALA C 93 -3.06 -37.97 7.84
CA ALA C 93 -2.69 -37.57 6.49
C ALA C 93 -3.71 -38.02 5.46
N THR C 94 -4.66 -38.88 5.83
CA THR C 94 -5.72 -39.34 4.95
C THR C 94 -7.08 -38.84 5.42
N LEU C 95 -7.14 -37.60 5.89
CA LEU C 95 -8.36 -37.02 6.42
C LEU C 95 -8.78 -35.85 5.53
N ASN C 96 -10.02 -35.88 5.07
CA ASN C 96 -10.57 -34.75 4.35
C ASN C 96 -10.74 -33.57 5.31
N LYS C 97 -10.88 -32.37 4.74
CA LYS C 97 -10.78 -31.16 5.53
C LYS C 97 -11.79 -31.12 6.66
N GLU C 98 -13.00 -31.64 6.44
CA GLU C 98 -14.03 -31.56 7.48
C GLU C 98 -13.66 -32.42 8.68
N ASP C 99 -13.25 -33.66 8.45
CA ASP C 99 -12.88 -34.53 9.56
C ASP C 99 -11.64 -34.02 10.27
N LEU C 100 -10.65 -33.54 9.51
CA LEU C 100 -9.50 -32.91 10.12
C LEU C 100 -9.91 -31.74 10.99
N LEU C 101 -10.92 -31.00 10.55
CA LEU C 101 -11.34 -29.82 11.29
C LEU C 101 -12.03 -30.22 12.59
N GLN C 102 -12.88 -31.24 12.53
CA GLN C 102 -13.49 -31.76 13.75
C GLN C 102 -12.42 -32.28 14.70
N VAL C 103 -11.40 -32.95 14.16
CA VAL C 103 -10.32 -33.46 14.99
C VAL C 103 -9.59 -32.32 15.68
N ARG C 104 -9.20 -31.30 14.90
CA ARG C 104 -8.46 -30.18 15.45
C ARG C 104 -9.28 -29.37 16.42
N ARG C 105 -10.61 -29.42 16.33
CA ARG C 105 -11.46 -28.70 17.26
C ARG C 105 -11.69 -29.46 18.55
N LYS C 106 -12.01 -30.75 18.45
CA LYS C 106 -12.43 -31.53 19.61
C LYS C 106 -11.35 -32.47 20.13
N THR C 107 -10.68 -33.20 19.24
CA THR C 107 -9.75 -34.23 19.66
C THR C 107 -8.50 -33.66 20.30
N MET C 108 -7.87 -32.67 19.67
CA MET C 108 -6.57 -32.19 20.10
C MET C 108 -6.47 -30.68 19.97
N SER C 109 -5.84 -30.06 20.96
CA SER C 109 -5.56 -28.64 20.94
C SER C 109 -4.11 -28.40 21.36
N MET C 110 -3.51 -27.36 20.80
CA MET C 110 -2.07 -27.14 20.86
C MET C 110 -1.72 -25.87 21.62
N VAL C 111 -0.57 -25.91 22.29
CA VAL C 111 0.01 -24.78 22.99
C VAL C 111 1.46 -24.63 22.52
N PHE C 112 1.81 -23.43 22.10
CA PHE C 112 3.07 -23.19 21.40
C PHE C 112 4.11 -22.55 22.33
N GLN C 113 5.36 -22.61 21.91
CA GLN C 113 6.43 -21.94 22.65
C GLN C 113 6.30 -20.43 22.58
N ASN C 114 5.92 -19.90 21.43
CA ASN C 114 5.81 -18.46 21.19
C ASN C 114 4.44 -17.91 21.54
N PHE C 115 3.55 -18.73 22.07
CA PHE C 115 2.24 -18.40 22.63
C PHE C 115 1.19 -18.14 21.55
N GLY C 116 1.56 -18.04 20.28
CA GLY C 116 0.59 -17.89 19.19
C GLY C 116 -0.60 -17.02 19.52
N LEU C 117 -0.35 -15.76 19.87
CA LEU C 117 -1.39 -14.87 20.36
C LEU C 117 -1.75 -13.82 19.32
N PHE C 118 -3.02 -13.42 19.32
CA PHE C 118 -3.51 -12.42 18.39
C PHE C 118 -3.47 -11.05 19.04
N PRO C 119 -2.62 -10.13 18.56
CA PRO C 119 -2.55 -8.82 19.22
C PRO C 119 -3.85 -8.05 19.20
N HIS C 120 -4.63 -8.16 18.12
CA HIS C 120 -5.82 -7.35 17.96
C HIS C 120 -6.99 -7.83 18.81
N ARG C 121 -6.80 -8.85 19.63
CA ARG C 121 -7.87 -9.42 20.43
C ARG C 121 -7.45 -9.44 21.89
N THR C 122 -8.40 -9.14 22.77
CA THR C 122 -8.12 -9.18 24.20
C THR C 122 -7.86 -10.62 24.64
N ILE C 123 -7.52 -10.77 25.91
CA ILE C 123 -7.33 -12.09 26.48
C ILE C 123 -8.61 -12.89 26.39
N LEU C 124 -9.74 -12.26 26.72
CA LEU C 124 -11.00 -12.96 26.67
C LEU C 124 -11.42 -13.33 25.26
N GLU C 125 -10.79 -12.72 24.25
CA GLU C 125 -11.11 -13.03 22.87
C GLU C 125 -10.14 -14.01 22.24
N ASN C 126 -8.91 -14.07 22.73
CA ASN C 126 -8.00 -15.15 22.38
C ASN C 126 -8.30 -16.43 23.14
N THR C 127 -8.70 -16.30 24.41
CA THR C 127 -9.00 -17.47 25.22
C THR C 127 -10.20 -18.24 24.72
N GLU C 128 -11.14 -17.58 24.05
CA GLU C 128 -12.36 -18.20 23.56
C GLU C 128 -12.34 -18.38 22.04
N TYR C 129 -11.19 -18.18 21.40
CA TYR C 129 -11.09 -18.39 19.97
C TYR C 129 -11.42 -19.83 19.60
N GLY C 130 -10.90 -20.78 20.38
CA GLY C 130 -11.19 -22.18 20.13
C GLY C 130 -12.63 -22.54 20.32
N LEU C 131 -13.43 -21.65 20.91
CA LEU C 131 -14.85 -21.83 21.08
C LEU C 131 -15.68 -21.06 20.07
N GLU C 132 -15.18 -19.90 19.62
CA GLU C 132 -15.87 -19.18 18.56
C GLU C 132 -15.95 -20.01 17.29
N VAL C 133 -14.84 -20.66 16.92
CA VAL C 133 -14.82 -21.46 15.71
C VAL C 133 -15.76 -22.65 15.80
N GLN C 134 -16.08 -23.10 17.00
CA GLN C 134 -16.99 -24.21 17.19
C GLN C 134 -18.45 -23.75 17.18
N ASN C 135 -18.68 -22.46 16.93
CA ASN C 135 -20.02 -21.88 16.89
C ASN C 135 -20.69 -21.94 18.25
N VAL C 136 -19.89 -21.99 19.30
CA VAL C 136 -20.46 -21.94 20.66
C VAL C 136 -21.05 -20.57 20.90
N PRO C 137 -22.17 -20.45 21.61
CA PRO C 137 -22.74 -19.13 21.87
C PRO C 137 -21.78 -18.23 22.63
N LYS C 138 -22.16 -16.95 22.77
CA LYS C 138 -21.26 -15.98 23.38
C LYS C 138 -21.17 -16.26 24.86
N GLU C 139 -22.29 -16.70 25.42
CA GLU C 139 -22.50 -16.72 26.86
C GLU C 139 -21.63 -17.79 27.51
N GLU C 140 -21.83 -19.03 27.07
CA GLU C 140 -21.11 -20.17 27.63
C GLU C 140 -19.61 -20.05 27.36
N ARG C 141 -19.23 -19.65 26.15
CA ARG C 141 -17.81 -19.51 25.84
C ARG C 141 -17.19 -18.39 26.66
N ARG C 142 -17.92 -17.29 26.83
CA ARG C 142 -17.41 -16.17 27.62
C ARG C 142 -17.07 -16.67 29.00
N LYS C 143 -17.99 -17.43 29.59
CA LYS C 143 -17.85 -17.84 30.99
C LYS C 143 -16.77 -18.93 31.13
N ARG C 144 -16.70 -19.85 30.17
CA ARG C 144 -15.63 -20.84 30.19
C ARG C 144 -14.26 -20.17 30.13
N ALA C 145 -14.13 -19.16 29.27
CA ALA C 145 -12.87 -18.43 29.20
C ALA C 145 -12.58 -17.72 30.51
N GLU C 146 -13.59 -17.09 31.11
CA GLU C 146 -13.38 -16.42 32.39
C GLU C 146 -12.93 -17.41 33.45
N LYS C 147 -13.56 -18.59 33.49
CA LYS C 147 -13.22 -19.59 34.49
C LYS C 147 -11.80 -20.08 34.28
N ALA C 148 -11.40 -20.29 33.02
CA ALA C 148 -10.03 -20.70 32.73
C ALA C 148 -9.04 -19.63 33.17
N LEU C 149 -9.34 -18.37 32.89
CA LEU C 149 -8.44 -17.29 33.31
C LEU C 149 -8.32 -17.23 34.82
N ASP C 150 -9.44 -17.39 35.53
CA ASP C 150 -9.38 -17.38 36.98
C ASP C 150 -8.53 -18.53 37.49
N ASN C 151 -8.65 -19.72 36.88
CA ASN C 151 -7.74 -20.79 37.19
C ASN C 151 -6.29 -20.44 36.88
N ALA C 152 -6.07 -19.58 35.88
CA ALA C 152 -4.73 -19.14 35.52
C ALA C 152 -4.35 -17.81 36.14
N ASN C 153 -5.22 -17.25 36.98
CA ASN C 153 -4.96 -15.99 37.67
C ASN C 153 -4.70 -14.86 36.66
N LEU C 154 -5.69 -14.64 35.81
CA LEU C 154 -5.63 -13.54 34.86
C LEU C 154 -6.98 -12.85 34.70
N LEU C 155 -7.97 -13.16 35.54
CA LEU C 155 -9.31 -12.64 35.33
C LEU C 155 -9.37 -11.13 35.42
N ASP C 156 -8.40 -10.51 36.10
CA ASP C 156 -8.34 -9.06 36.16
C ASP C 156 -7.80 -8.45 34.87
N PHE C 157 -7.14 -9.22 34.02
CA PHE C 157 -6.55 -8.73 32.79
C PHE C 157 -7.36 -9.15 31.56
N LYS C 158 -8.57 -9.67 31.77
CA LYS C 158 -9.35 -10.17 30.65
C LYS C 158 -9.63 -9.11 29.60
N ASP C 159 -9.61 -7.83 29.98
CA ASP C 159 -9.89 -6.75 29.05
C ASP C 159 -8.65 -6.14 28.43
N GLN C 160 -7.46 -6.64 28.78
CA GLN C 160 -6.22 -6.09 28.28
C GLN C 160 -5.77 -6.81 27.01
N TYR C 161 -4.72 -6.29 26.40
CA TYR C 161 -4.16 -6.85 25.18
C TYR C 161 -2.78 -7.44 25.45
N PRO C 162 -2.35 -8.40 24.64
CA PRO C 162 -1.07 -9.07 24.92
C PRO C 162 0.11 -8.13 25.07
N LYS C 163 0.18 -7.08 24.25
CA LYS C 163 1.25 -6.10 24.39
C LYS C 163 1.22 -5.42 25.75
N GLN C 164 0.09 -5.46 26.44
CA GLN C 164 -0.01 -4.96 27.81
C GLN C 164 0.33 -6.03 28.83
N LEU C 165 0.91 -7.15 28.39
CA LEU C 165 1.16 -8.30 29.23
C LEU C 165 2.60 -8.76 29.08
N SER C 166 3.02 -9.62 29.99
CA SER C 166 4.37 -10.14 30.02
C SER C 166 4.40 -11.54 29.41
N GLY C 167 5.56 -12.20 29.48
CA GLY C 167 5.71 -13.53 28.94
C GLY C 167 4.91 -14.57 29.66
N GLY C 168 4.93 -14.54 31.00
CA GLY C 168 4.23 -15.55 31.77
C GLY C 168 2.72 -15.47 31.59
N MET C 169 2.18 -14.26 31.62
CA MET C 169 0.74 -14.10 31.44
C MET C 169 0.30 -14.51 30.05
N GLN C 170 1.11 -14.20 29.03
CA GLN C 170 0.79 -14.64 27.69
C GLN C 170 0.85 -16.17 27.56
N GLN C 171 1.83 -16.78 28.22
CA GLN C 171 1.91 -18.23 28.24
C GLN C 171 0.66 -18.83 28.87
N ARG C 172 0.23 -18.27 30.00
CA ARG C 172 -0.97 -18.76 30.64
C ARG C 172 -2.20 -18.52 29.77
N VAL C 173 -2.18 -17.46 28.97
CA VAL C 173 -3.28 -17.22 28.05
C VAL C 173 -3.35 -18.33 27.01
N GLY C 174 -2.21 -18.68 26.42
CA GLY C 174 -2.20 -19.78 25.47
C GLY C 174 -2.67 -21.08 26.10
N LEU C 175 -2.17 -21.35 27.31
CA LEU C 175 -2.59 -22.55 28.03
C LEU C 175 -4.10 -22.57 28.24
N ALA C 176 -4.66 -21.45 28.72
CA ALA C 176 -6.09 -21.40 28.98
C ALA C 176 -6.88 -21.57 27.68
N ARG C 177 -6.44 -20.93 26.61
CA ARG C 177 -7.10 -21.10 25.33
C ARG C 177 -7.13 -22.56 24.91
N ALA C 178 -6.04 -23.29 25.18
CA ALA C 178 -6.06 -24.72 24.92
C ALA C 178 -7.04 -25.45 25.83
N LEU C 179 -7.08 -25.09 27.11
CA LEU C 179 -7.90 -25.81 28.07
C LEU C 179 -9.38 -25.50 27.88
N ALA C 180 -9.71 -24.23 27.64
CA ALA C 180 -11.10 -23.83 27.51
C ALA C 180 -11.83 -24.66 26.49
N ASN C 181 -11.16 -25.00 25.39
CA ASN C 181 -11.72 -25.87 24.36
C ASN C 181 -12.05 -27.26 24.91
N ASP C 182 -11.46 -27.65 26.03
CA ASP C 182 -11.70 -28.94 26.67
C ASP C 182 -11.64 -30.06 25.63
N PRO C 183 -10.50 -30.27 25.00
CA PRO C 183 -10.39 -31.37 24.03
C PRO C 183 -10.01 -32.69 24.68
N GLU C 184 -9.91 -33.74 23.88
CA GLU C 184 -9.48 -35.03 24.38
C GLU C 184 -7.96 -35.18 24.40
N ILE C 185 -7.24 -34.29 23.74
CA ILE C 185 -5.78 -34.34 23.68
C ILE C 185 -5.24 -32.92 23.83
N LEU C 186 -4.21 -32.79 24.66
CA LEU C 186 -3.58 -31.49 24.91
C LEU C 186 -2.11 -31.60 24.54
N LEU C 187 -1.75 -31.03 23.38
CA LEU C 187 -0.36 -30.89 22.98
C LEU C 187 0.17 -29.59 23.58
N MET C 188 1.31 -29.68 24.25
CA MET C 188 1.81 -28.56 25.03
C MET C 188 3.32 -28.48 24.81
N ASP C 189 3.80 -27.35 24.31
CA ASP C 189 5.20 -27.16 23.98
C ASP C 189 5.77 -26.09 24.91
N GLN C 190 6.25 -26.53 26.07
CA GLN C 190 6.91 -25.66 27.03
C GLN C 190 5.98 -24.52 27.45
N ALA C 191 4.87 -24.91 28.06
CA ALA C 191 3.90 -23.96 28.61
C ALA C 191 4.28 -23.49 30.00
N PHE C 192 5.33 -24.04 30.59
CA PHE C 192 5.75 -23.68 31.94
C PHE C 192 7.16 -23.09 31.97
N SER C 193 7.70 -22.73 30.80
CA SER C 193 9.07 -22.23 30.75
C SER C 193 9.18 -20.86 31.42
N ALA C 194 8.16 -20.04 31.32
CA ALA C 194 8.18 -18.67 31.81
C ALA C 194 7.23 -18.47 32.97
N LEU C 195 7.19 -19.43 33.89
CA LEU C 195 6.31 -19.38 35.06
C LEU C 195 7.12 -19.53 36.33
N ASP C 196 6.70 -18.82 37.37
CA ASP C 196 7.31 -18.98 38.67
C ASP C 196 6.94 -20.33 39.27
N PRO C 197 7.73 -20.82 40.22
CA PRO C 197 7.43 -22.14 40.79
C PRO C 197 6.02 -22.28 41.33
N LEU C 198 5.49 -21.26 41.99
CA LEU C 198 4.17 -21.36 42.59
C LEU C 198 3.08 -21.54 41.53
N ILE C 199 3.08 -20.64 40.54
CA ILE C 199 2.08 -20.74 39.48
C ILE C 199 2.31 -21.96 38.63
N ARG C 200 3.58 -22.33 38.43
CA ARG C 200 3.88 -23.56 37.73
C ARG C 200 3.23 -24.74 38.42
N ARG C 201 3.27 -24.76 39.75
CA ARG C 201 2.72 -25.89 40.47
C ARG C 201 1.20 -25.84 40.48
N GLU C 202 0.64 -24.63 40.51
CA GLU C 202 -0.79 -24.49 40.28
C GLU C 202 -1.20 -25.14 38.98
N MET C 203 -0.46 -24.85 37.89
CA MET C 203 -0.82 -25.40 36.60
C MET C 203 -0.63 -26.92 36.56
N GLN C 204 0.43 -27.41 37.21
CA GLN C 204 0.61 -28.86 37.28
C GLN C 204 -0.57 -29.54 37.99
N ASP C 205 -1.01 -28.96 39.11
CA ASP C 205 -2.16 -29.51 39.81
C ASP C 205 -3.42 -29.43 38.95
N GLU C 206 -3.57 -28.33 38.22
CA GLU C 206 -4.64 -28.21 37.23
C GLU C 206 -4.65 -29.40 36.28
N LEU C 207 -3.49 -29.70 35.70
CA LEU C 207 -3.41 -30.78 34.72
C LEU C 207 -3.73 -32.12 35.35
N LEU C 208 -3.19 -32.36 36.55
CA LEU C 208 -3.42 -33.63 37.21
C LEU C 208 -4.90 -33.81 37.53
N GLU C 209 -5.55 -32.74 37.98
CA GLU C 209 -7.00 -32.78 38.20
C GLU C 209 -7.73 -33.13 36.91
N LEU C 210 -7.37 -32.44 35.82
CA LEU C 210 -8.04 -32.70 34.54
C LEU C 210 -7.95 -34.16 34.18
N GLN C 211 -6.74 -34.73 34.22
CA GLN C 211 -6.58 -36.13 33.85
C GLN C 211 -7.30 -37.06 34.82
N ALA C 212 -7.28 -36.75 36.12
CA ALA C 212 -7.90 -37.64 37.09
C ALA C 212 -9.40 -37.74 36.84
N LYS C 213 -10.05 -36.59 36.67
CA LYS C 213 -11.49 -36.58 36.42
C LYS C 213 -11.78 -37.01 34.99
N PHE C 214 -11.31 -36.19 34.05
CA PHE C 214 -11.45 -36.43 32.62
C PHE C 214 -10.21 -37.19 32.16
N GLN C 215 -10.37 -38.47 31.87
CA GLN C 215 -9.23 -39.29 31.50
C GLN C 215 -8.75 -38.82 30.13
N LYS C 216 -7.77 -37.92 30.14
CA LYS C 216 -7.48 -37.07 29.01
C LYS C 216 -5.99 -37.16 28.66
N THR C 217 -5.69 -37.37 27.39
CA THR C 217 -4.32 -37.50 26.95
C THR C 217 -3.63 -36.14 26.89
N ILE C 218 -2.41 -36.10 27.43
CA ILE C 218 -1.64 -34.87 27.46
C ILE C 218 -0.21 -35.20 27.03
N ILE C 219 0.29 -34.45 26.05
CA ILE C 219 1.67 -34.50 25.63
C ILE C 219 2.28 -33.19 26.07
N PHE C 220 3.34 -33.26 26.88
CA PHE C 220 3.86 -32.11 27.62
C PHE C 220 5.37 -32.05 27.42
N VAL C 221 5.82 -31.22 26.48
CA VAL C 221 7.24 -30.96 26.34
C VAL C 221 7.72 -30.16 27.53
N SER C 222 8.94 -30.45 27.97
CA SER C 222 9.48 -29.77 29.13
C SER C 222 10.99 -29.95 29.17
N HIS C 223 11.65 -29.02 29.84
CA HIS C 223 13.06 -29.12 30.13
C HIS C 223 13.34 -29.28 31.61
N ASP C 224 12.31 -29.17 32.47
CA ASP C 224 12.45 -29.23 33.95
C ASP C 224 12.32 -30.67 34.39
N LEU C 225 13.37 -31.26 34.99
CA LEU C 225 13.31 -32.64 35.56
C LEU C 225 12.14 -32.68 36.55
N ASN C 226 12.12 -31.82 37.57
CA ASN C 226 11.12 -31.85 38.68
C ASN C 226 9.66 -32.09 38.23
N GLU C 227 9.12 -31.34 37.27
CA GLU C 227 7.72 -31.42 36.86
C GLU C 227 7.44 -32.69 36.08
N ALA C 228 8.35 -33.08 35.18
CA ALA C 228 8.15 -34.29 34.41
C ALA C 228 7.98 -35.49 35.32
N LEU C 229 8.84 -35.60 36.34
CA LEU C 229 8.70 -36.67 37.32
C LEU C 229 7.45 -36.53 38.16
N ARG C 230 7.05 -35.31 38.50
CA ARG C 230 5.90 -35.13 39.37
C ARG C 230 4.61 -35.55 38.67
N ILE C 231 4.46 -35.20 37.40
CA ILE C 231 3.22 -35.46 36.68
C ILE C 231 3.38 -36.48 35.56
N GLY C 232 4.55 -36.59 34.95
CA GLY C 232 4.71 -37.48 33.82
C GLY C 232 4.49 -38.94 34.17
N ASP C 233 3.36 -39.49 33.72
CA ASP C 233 3.13 -40.91 33.85
C ASP C 233 4.05 -41.71 32.94
N ARG C 234 4.63 -41.07 31.92
CA ARG C 234 5.54 -41.73 31.00
C ARG C 234 6.39 -40.66 30.38
N ILE C 235 7.66 -40.95 30.13
CA ILE C 235 8.63 -39.96 29.70
C ILE C 235 9.38 -40.46 28.48
N ALA C 236 9.59 -39.58 27.52
CA ALA C 236 10.35 -39.87 26.31
C ALA C 236 11.45 -38.85 26.19
N ILE C 237 12.68 -39.31 25.94
CA ILE C 237 13.85 -38.45 25.84
C ILE C 237 14.38 -38.51 24.43
N MET C 238 14.79 -37.36 23.91
CA MET C 238 15.17 -37.20 22.52
C MET C 238 16.57 -36.60 22.44
N LYS C 239 17.27 -36.95 21.37
CA LYS C 239 18.57 -36.38 21.06
C LYS C 239 18.80 -36.40 19.56
N ASP C 240 19.21 -35.28 19.00
CA ASP C 240 19.55 -35.16 17.58
C ASP C 240 18.43 -35.66 16.68
N GLY C 241 17.21 -35.74 17.18
CA GLY C 241 16.07 -36.13 16.37
C GLY C 241 15.59 -37.56 16.57
N LYS C 242 16.17 -38.31 17.50
CA LYS C 242 15.78 -39.69 17.73
C LYS C 242 15.48 -39.91 19.21
N ILE C 243 14.55 -40.81 19.46
CA ILE C 243 14.23 -41.23 20.82
C ILE C 243 15.36 -42.09 21.38
N MET C 244 15.54 -42.05 22.69
CA MET C 244 16.51 -42.89 23.37
C MET C 244 15.90 -43.73 24.48
N GLN C 245 14.89 -43.23 25.19
CA GLN C 245 14.15 -44.03 26.16
C GLN C 245 12.77 -43.44 26.31
N ILE C 246 11.80 -44.31 26.58
CA ILE C 246 10.40 -43.89 26.67
C ILE C 246 9.82 -44.42 27.99
N GLY C 247 10.67 -44.56 29.00
CA GLY C 247 10.24 -45.04 30.30
C GLY C 247 9.59 -43.95 31.13
N THR C 248 9.13 -44.35 32.33
CA THR C 248 8.44 -43.45 33.23
C THR C 248 9.32 -42.99 34.39
N GLY C 249 9.91 -43.92 35.13
CA GLY C 249 10.76 -43.58 36.26
C GLY C 249 12.00 -44.43 36.35
N GLU C 250 12.11 -45.43 35.47
CA GLU C 250 13.30 -46.27 35.46
C GLU C 250 14.49 -45.57 34.83
N GLU C 251 14.25 -44.49 34.08
CA GLU C 251 15.34 -43.76 33.44
C GLU C 251 16.41 -43.37 34.43
N ILE C 252 16.02 -42.99 35.66
CA ILE C 252 16.99 -42.61 36.67
C ILE C 252 17.83 -43.80 37.14
N LEU C 253 17.35 -45.02 36.95
CA LEU C 253 18.09 -46.22 37.34
C LEU C 253 18.96 -46.73 36.20
N THR C 254 18.35 -46.96 35.04
CA THR C 254 19.04 -47.48 33.87
C THR C 254 19.00 -46.44 32.77
N ASN C 255 20.16 -46.17 32.17
CA ASN C 255 20.19 -45.20 31.08
C ASN C 255 21.45 -45.32 30.23
N PRO C 256 21.34 -45.25 28.89
CA PRO C 256 22.53 -45.22 28.02
C PRO C 256 23.19 -43.85 27.90
N ALA C 257 24.04 -43.53 28.88
CA ALA C 257 24.80 -42.29 28.89
C ALA C 257 23.89 -41.08 28.90
N ASN C 258 22.88 -41.12 29.78
CA ASN C 258 21.98 -39.98 29.97
C ASN C 258 22.45 -39.22 31.21
N ASP C 259 23.51 -38.45 31.03
CA ASP C 259 23.84 -37.39 31.97
C ASP C 259 22.80 -36.28 31.94
N TYR C 260 21.85 -36.36 31.01
CA TYR C 260 20.75 -35.42 30.98
C TYR C 260 20.08 -35.29 32.32
N VAL C 261 19.87 -36.44 32.98
CA VAL C 261 19.23 -36.52 34.33
C VAL C 261 20.36 -36.53 35.37
N LYS C 262 20.11 -36.01 36.58
CA LYS C 262 21.10 -35.95 37.68
C LYS C 262 22.16 -37.06 37.51
N GLY D 7 -17.58 32.88 -8.08
CA GLY D 7 -18.58 33.15 -7.05
C GLY D 7 -18.28 34.41 -6.27
N GLN D 8 -18.86 34.50 -5.07
CA GLN D 8 -18.66 35.68 -4.24
C GLN D 8 -17.19 35.86 -3.88
N VAL D 9 -16.53 34.76 -3.50
CA VAL D 9 -15.13 34.80 -3.10
C VAL D 9 -14.28 34.59 -4.35
N PRO D 10 -13.53 35.59 -4.80
CA PRO D 10 -12.81 35.47 -6.09
C PRO D 10 -11.50 34.69 -5.98
N ILE D 11 -11.64 33.38 -5.76
CA ILE D 11 -10.47 32.52 -5.73
C ILE D 11 -9.81 32.46 -7.09
N ALA D 12 -10.60 32.50 -8.16
CA ALA D 12 -10.04 32.42 -9.51
C ALA D 12 -9.14 33.63 -9.78
N ASN D 13 -9.59 34.83 -9.43
CA ASN D 13 -8.78 36.02 -9.66
C ASN D 13 -7.50 35.95 -8.85
N TRP D 14 -7.58 35.51 -7.60
CA TRP D 14 -6.39 35.38 -6.77
C TRP D 14 -5.40 34.40 -7.38
N VAL D 15 -5.91 33.27 -7.87
CA VAL D 15 -5.02 32.26 -8.45
C VAL D 15 -4.36 32.81 -9.71
N SER D 16 -5.13 33.49 -10.55
CA SER D 16 -4.57 34.06 -11.76
C SER D 16 -3.49 35.09 -11.43
N SER D 17 -3.75 35.95 -10.44
CA SER D 17 -2.75 36.94 -10.05
C SER D 17 -1.51 36.26 -9.50
N ALA D 18 -1.69 35.21 -8.69
CA ALA D 18 -0.54 34.52 -8.11
C ALA D 18 0.32 33.90 -9.21
N THR D 19 -0.30 33.20 -10.15
CA THR D 19 0.46 32.56 -11.22
C THR D 19 1.13 33.60 -12.11
N ASP D 20 0.45 34.72 -12.37
CA ASP D 20 1.07 35.79 -13.15
C ASP D 20 2.30 36.32 -12.44
N TRP D 21 2.18 36.61 -11.15
CA TRP D 21 3.31 37.15 -10.40
C TRP D 21 4.47 36.16 -10.36
N ILE D 22 4.18 34.89 -10.09
CA ILE D 22 5.24 33.90 -9.95
C ILE D 22 5.95 33.70 -11.28
N THR D 23 5.21 33.63 -12.39
CA THR D 23 5.87 33.43 -13.68
C THR D 23 6.59 34.67 -14.16
N SER D 24 6.15 35.87 -13.74
CA SER D 24 6.88 37.08 -14.07
C SER D 24 8.11 37.29 -13.19
N THR D 25 8.15 36.65 -12.02
CA THR D 25 9.27 36.80 -11.11
C THR D 25 10.29 35.68 -11.23
N PHE D 26 9.84 34.43 -11.38
CA PHE D 26 10.71 33.27 -11.41
C PHE D 26 11.10 32.89 -12.84
N SER D 27 11.05 33.84 -13.77
CA SER D 27 11.25 33.50 -15.17
C SER D 27 12.65 32.94 -15.41
N SER D 28 13.66 33.53 -14.80
CA SER D 28 15.03 33.10 -15.05
C SER D 28 15.21 31.63 -14.70
N GLY D 29 14.80 31.25 -13.48
CA GLY D 29 14.96 29.86 -13.06
C GLY D 29 14.18 28.90 -13.92
N PHE D 30 12.94 29.26 -14.27
CA PHE D 30 12.12 28.39 -15.08
C PHE D 30 12.74 28.17 -16.45
N ASP D 31 13.21 29.25 -17.09
CA ASP D 31 13.84 29.11 -18.40
C ASP D 31 15.13 28.31 -18.30
N VAL D 32 15.92 28.55 -17.26
CA VAL D 32 17.18 27.84 -17.10
C VAL D 32 16.92 26.34 -16.98
N ILE D 33 16.00 25.96 -16.10
CA ILE D 33 15.74 24.54 -15.91
C ILE D 33 15.09 23.95 -17.16
N GLN D 34 14.24 24.71 -17.85
CA GLN D 34 13.67 24.24 -19.10
C GLN D 34 14.77 23.87 -20.08
N LYS D 35 15.70 24.79 -20.33
CA LYS D 35 16.77 24.54 -21.28
C LYS D 35 17.61 23.35 -20.83
N SER D 36 18.03 23.34 -19.57
CA SER D 36 18.92 22.30 -19.09
C SER D 36 18.26 20.93 -19.17
N GLY D 37 17.04 20.81 -18.66
CA GLY D 37 16.35 19.53 -18.69
C GLY D 37 16.06 19.08 -20.11
N THR D 38 15.65 20.01 -20.97
CA THR D 38 15.37 19.64 -22.35
C THR D 38 16.60 19.10 -23.04
N VAL D 39 17.72 19.82 -22.96
CA VAL D 39 18.93 19.37 -23.64
C VAL D 39 19.41 18.04 -23.06
N LEU D 40 19.40 17.93 -21.73
CA LEU D 40 19.86 16.72 -21.09
C LEU D 40 19.02 15.51 -21.48
N MET D 41 17.70 15.66 -21.42
CA MET D 41 16.81 14.53 -21.71
C MET D 41 16.82 14.18 -23.19
N ASN D 42 16.93 15.18 -24.06
CA ASN D 42 17.05 14.91 -25.48
C ASN D 42 18.36 14.19 -25.78
N GLY D 43 19.43 14.52 -25.07
CA GLY D 43 20.68 13.78 -25.22
C GLY D 43 20.54 12.34 -24.74
N ILE D 44 19.84 12.14 -23.63
CA ILE D 44 19.59 10.78 -23.17
C ILE D 44 18.85 9.99 -24.24
N THR D 45 17.80 10.59 -24.81
CA THR D 45 17.04 9.91 -25.84
C THR D 45 17.90 9.64 -27.07
N GLY D 46 18.77 10.58 -27.43
CA GLY D 46 19.66 10.36 -28.55
C GLY D 46 20.59 9.18 -28.32
N ALA D 47 21.15 9.09 -27.12
CA ALA D 47 22.02 7.96 -26.79
C ALA D 47 21.26 6.66 -26.86
N LEU D 48 20.05 6.64 -26.30
CA LEU D 48 19.25 5.41 -26.31
C LEU D 48 18.88 5.00 -27.74
N THR D 49 18.54 5.96 -28.58
CA THR D 49 18.10 5.64 -29.94
C THR D 49 19.27 5.25 -30.83
N ALA D 50 20.43 5.89 -30.65
CA ALA D 50 21.60 5.54 -31.44
C ALA D 50 21.97 4.08 -31.21
N VAL D 51 21.64 3.55 -30.05
CA VAL D 51 21.85 2.13 -29.75
C VAL D 51 20.86 1.35 -30.59
N PRO D 52 21.32 0.49 -31.51
CA PRO D 52 20.37 -0.19 -32.40
C PRO D 52 19.36 -1.01 -31.63
N PHE D 53 18.14 -1.07 -32.19
CA PHE D 53 17.04 -1.68 -31.46
C PHE D 53 17.29 -3.16 -31.22
N TRP D 54 17.89 -3.86 -32.18
CA TRP D 54 18.18 -5.27 -31.96
C TRP D 54 19.14 -5.46 -30.79
N LEU D 55 20.17 -4.62 -30.71
CA LEU D 55 21.12 -4.73 -29.61
C LEU D 55 20.44 -4.43 -28.27
N MET D 56 19.60 -3.42 -28.23
CA MET D 56 18.91 -3.08 -26.99
C MET D 56 18.01 -4.23 -26.55
N ILE D 57 17.26 -4.81 -27.49
CA ILE D 57 16.40 -5.93 -27.18
C ILE D 57 17.22 -7.10 -26.66
N ALA D 58 18.33 -7.40 -27.33
CA ALA D 58 19.16 -8.52 -26.92
C ALA D 58 19.71 -8.31 -25.52
N VAL D 59 20.21 -7.11 -25.24
CA VAL D 59 20.80 -6.85 -23.93
C VAL D 59 19.74 -6.95 -22.85
N VAL D 60 18.57 -6.38 -23.09
CA VAL D 60 17.53 -6.41 -22.08
C VAL D 60 17.04 -7.84 -21.85
N THR D 61 16.93 -8.63 -22.92
CA THR D 61 16.52 -10.01 -22.77
C THR D 61 17.55 -10.81 -21.98
N ILE D 62 18.83 -10.58 -22.26
CA ILE D 62 19.88 -11.25 -21.50
C ILE D 62 19.82 -10.85 -20.04
N LEU D 63 19.58 -9.56 -19.76
CA LEU D 63 19.50 -9.12 -18.38
C LEU D 63 18.33 -9.79 -17.67
N ALA D 64 17.18 -9.90 -18.35
CA ALA D 64 16.05 -10.59 -17.77
C ALA D 64 16.39 -12.05 -17.50
N ILE D 65 17.12 -12.68 -18.42
CA ILE D 65 17.56 -14.06 -18.22
C ILE D 65 18.39 -14.16 -16.94
N LEU D 66 19.38 -13.28 -16.82
CA LEU D 66 20.27 -13.31 -15.66
C LEU D 66 19.48 -13.08 -14.37
N VAL D 67 18.49 -12.20 -14.43
CA VAL D 67 17.74 -11.85 -13.22
C VAL D 67 16.72 -12.92 -12.84
N SER D 68 16.24 -13.69 -13.80
CA SER D 68 15.20 -14.68 -13.55
C SER D 68 15.76 -16.08 -13.29
N GLY D 69 17.02 -16.32 -13.61
CA GLY D 69 17.62 -17.61 -13.37
C GLY D 69 17.34 -18.58 -14.50
N LYS D 70 16.36 -19.46 -14.31
CA LYS D 70 15.97 -20.42 -15.33
C LYS D 70 14.62 -20.13 -15.95
N LYS D 71 13.70 -19.52 -15.22
CA LYS D 71 12.39 -19.19 -15.79
C LYS D 71 12.58 -18.26 -16.98
N ILE D 72 11.81 -18.51 -18.04
CA ILE D 72 11.97 -17.82 -19.30
C ILE D 72 10.74 -17.02 -19.71
N ALA D 73 9.59 -17.23 -19.08
CA ALA D 73 8.38 -16.54 -19.49
C ALA D 73 8.59 -15.04 -19.50
N PHE D 74 9.24 -14.50 -18.48
CA PHE D 74 9.48 -13.06 -18.44
C PHE D 74 10.45 -12.61 -19.52
N PRO D 75 11.65 -13.19 -19.64
CA PRO D 75 12.54 -12.76 -20.74
C PRO D 75 11.93 -12.99 -22.10
N LEU D 76 11.19 -14.08 -22.29
CA LEU D 76 10.57 -14.34 -23.57
C LEU D 76 9.53 -13.30 -23.90
N PHE D 77 8.70 -12.93 -22.92
CA PHE D 77 7.71 -11.89 -23.12
C PHE D 77 8.38 -10.55 -23.40
N THR D 78 9.48 -10.27 -22.70
CA THR D 78 10.22 -9.04 -22.94
C THR D 78 10.70 -8.97 -24.39
N PHE D 79 11.38 -10.02 -24.83
CA PHE D 79 11.87 -10.07 -26.20
C PHE D 79 10.73 -9.91 -27.19
N ILE D 80 9.64 -10.65 -27.00
CA ILE D 80 8.50 -10.58 -27.90
C ILE D 80 7.92 -9.17 -27.94
N GLY D 81 7.72 -8.57 -26.77
CA GLY D 81 7.09 -7.26 -26.73
C GLY D 81 7.94 -6.19 -27.38
N LEU D 82 9.24 -6.17 -27.05
CA LEU D 82 10.10 -5.16 -27.65
C LEU D 82 10.25 -5.40 -29.15
N SER D 83 10.23 -6.66 -29.61
CA SER D 83 10.29 -6.91 -31.04
C SER D 83 9.02 -6.41 -31.72
N LEU D 84 7.86 -6.65 -31.11
CA LEU D 84 6.62 -6.10 -31.64
C LEU D 84 6.70 -4.58 -31.76
N ILE D 85 7.19 -3.94 -30.71
CA ILE D 85 7.29 -2.48 -30.70
C ILE D 85 8.19 -2.01 -31.84
N ALA D 86 9.39 -2.60 -31.94
CA ALA D 86 10.32 -2.20 -32.98
C ALA D 86 9.74 -2.46 -34.36
N ASN D 87 8.90 -3.49 -34.49
CA ASN D 87 8.29 -3.79 -35.77
C ASN D 87 7.25 -2.77 -36.15
N GLN D 88 6.44 -2.32 -35.20
CA GLN D 88 5.43 -1.31 -35.47
C GLN D 88 6.03 0.08 -35.64
N GLY D 89 7.34 0.23 -35.46
CA GLY D 89 7.98 1.52 -35.68
C GLY D 89 7.92 2.45 -34.49
N LEU D 90 7.65 1.93 -33.29
CA LEU D 90 7.53 2.73 -32.09
C LEU D 90 8.81 2.67 -31.25
N TRP D 91 9.96 2.61 -31.92
CA TRP D 91 11.21 2.54 -31.18
C TRP D 91 11.60 3.91 -30.62
N SER D 92 11.67 4.93 -31.48
CA SER D 92 12.04 6.26 -31.00
C SER D 92 11.03 6.78 -30.00
N ASP D 93 9.74 6.57 -30.28
CA ASP D 93 8.71 6.94 -29.31
C ASP D 93 8.93 6.22 -28.00
N LEU D 94 9.27 4.94 -28.06
CA LEU D 94 9.51 4.19 -26.84
C LEU D 94 10.71 4.74 -26.09
N MET D 95 11.75 5.15 -26.80
CA MET D 95 12.92 5.70 -26.13
C MET D 95 12.58 7.00 -25.40
N SER D 96 11.78 7.85 -26.05
CA SER D 96 11.33 9.08 -25.40
C SER D 96 10.50 8.75 -24.17
N THR D 97 9.60 7.79 -24.30
CA THR D 97 8.78 7.40 -23.15
C THR D 97 9.64 6.83 -22.03
N ILE D 98 10.67 6.06 -22.36
CA ILE D 98 11.57 5.53 -21.35
C ILE D 98 12.27 6.65 -20.60
N THR D 99 12.85 7.61 -21.33
CA THR D 99 13.55 8.66 -20.62
C THR D 99 12.59 9.43 -19.72
N LEU D 100 11.39 9.72 -20.22
CA LEU D 100 10.42 10.47 -19.43
C LEU D 100 10.03 9.69 -18.19
N VAL D 101 9.67 8.42 -18.35
CA VAL D 101 9.19 7.61 -17.24
C VAL D 101 10.30 7.40 -16.21
N LEU D 102 11.51 7.11 -16.67
CA LEU D 102 12.62 6.87 -15.75
C LEU D 102 12.93 8.13 -14.95
N LEU D 103 13.00 9.29 -15.60
CA LEU D 103 13.22 10.52 -14.85
C LEU D 103 12.10 10.75 -13.84
N SER D 104 10.85 10.59 -14.27
CA SER D 104 9.73 10.86 -13.38
C SER D 104 9.74 9.93 -12.18
N SER D 105 9.87 8.62 -12.42
CA SER D 105 9.87 7.66 -11.33
C SER D 105 11.07 7.85 -10.42
N LEU D 106 12.24 8.14 -11.00
CA LEU D 106 13.42 8.35 -10.18
C LEU D 106 13.24 9.54 -9.26
N LEU D 107 12.76 10.66 -9.79
CA LEU D 107 12.55 11.84 -8.96
C LEU D 107 11.48 11.56 -7.90
N SER D 108 10.40 10.87 -8.28
CA SER D 108 9.35 10.56 -7.33
C SER D 108 9.88 9.72 -6.19
N ILE D 109 10.67 8.69 -6.51
CA ILE D 109 11.23 7.83 -5.48
C ILE D 109 12.17 8.63 -4.59
N ILE D 110 13.06 9.42 -5.19
CA ILE D 110 14.04 10.16 -4.43
C ILE D 110 13.36 11.13 -3.47
N ILE D 111 12.24 11.72 -3.87
CA ILE D 111 11.57 12.68 -3.02
C ILE D 111 10.53 12.04 -2.10
N GLY D 112 10.16 10.80 -2.35
CA GLY D 112 9.17 10.14 -1.53
C GLY D 112 9.76 9.30 -0.43
N VAL D 113 10.72 8.43 -0.76
CA VAL D 113 11.30 7.56 0.25
C VAL D 113 11.86 8.37 1.42
N PRO D 114 12.69 9.40 1.21
CA PRO D 114 13.09 10.24 2.34
C PRO D 114 11.93 10.97 2.99
N LEU D 115 11.00 11.48 2.17
CA LEU D 115 9.84 12.17 2.73
C LEU D 115 8.98 11.21 3.54
N GLY D 116 8.76 10.00 3.03
CA GLY D 116 8.00 9.02 3.80
C GLY D 116 8.71 8.63 5.09
N ILE D 117 10.03 8.48 5.02
CA ILE D 117 10.80 8.16 6.22
C ILE D 117 10.61 9.24 7.28
N TRP D 118 10.96 10.48 6.93
CA TRP D 118 10.85 11.57 7.89
C TRP D 118 9.38 11.81 8.27
N MET D 119 8.46 11.27 7.48
CA MET D 119 7.05 11.32 7.82
C MET D 119 6.68 10.22 8.81
N ALA D 120 7.48 9.16 8.87
CA ALA D 120 7.26 8.11 9.86
C ALA D 120 7.84 8.49 11.21
N LYS D 121 9.00 9.13 11.21
CA LYS D 121 9.65 9.56 12.44
C LYS D 121 8.92 10.71 13.12
N SER D 122 7.95 11.33 12.45
CA SER D 122 7.20 12.44 13.02
C SER D 122 5.72 12.22 12.79
N ASP D 123 4.93 12.33 13.86
CA ASP D 123 3.47 12.31 13.73
C ASP D 123 2.90 13.67 13.35
N LEU D 124 3.69 14.74 13.44
CA LEU D 124 3.27 16.05 12.96
C LEU D 124 3.40 16.15 11.44
N VAL D 125 4.52 15.64 10.90
CA VAL D 125 4.73 15.71 9.46
C VAL D 125 3.68 14.90 8.72
N ALA D 126 3.25 13.77 9.30
CA ALA D 126 2.22 12.97 8.66
C ALA D 126 0.93 13.77 8.49
N LYS D 127 0.51 14.47 9.54
CA LYS D 127 -0.73 15.23 9.48
C LYS D 127 -0.59 16.49 8.65
N ILE D 128 0.64 16.91 8.37
CA ILE D 128 0.87 18.05 7.49
C ILE D 128 0.97 17.64 6.03
N VAL D 129 1.37 16.40 5.77
CA VAL D 129 1.63 15.95 4.41
C VAL D 129 0.47 15.15 3.82
N GLN D 130 -0.33 14.48 4.64
CA GLN D 130 -1.49 13.77 4.10
C GLN D 130 -2.37 14.65 3.24
N PRO D 131 -2.80 15.84 3.69
CA PRO D 131 -3.57 16.71 2.80
C PRO D 131 -2.81 17.10 1.55
N ILE D 132 -1.50 17.32 1.67
CA ILE D 132 -0.72 17.70 0.51
C ILE D 132 -0.71 16.57 -0.52
N LEU D 133 -0.49 15.34 -0.08
CA LEU D 133 -0.53 14.21 -1.00
C LEU D 133 -1.91 14.06 -1.62
N ASP D 134 -2.95 14.23 -0.81
CA ASP D 134 -4.31 14.16 -1.34
C ASP D 134 -4.50 15.19 -2.45
N PHE D 135 -3.95 16.39 -2.24
CA PHE D 135 -4.05 17.43 -3.26
C PHE D 135 -3.29 17.06 -4.52
N MET D 136 -2.04 16.63 -4.37
CA MET D 136 -1.23 16.33 -5.54
C MET D 136 -1.75 15.12 -6.31
N GLN D 137 -2.54 14.27 -5.67
CA GLN D 137 -3.00 13.06 -6.33
C GLN D 137 -4.44 13.15 -6.80
N THR D 138 -5.25 14.02 -6.20
CA THR D 138 -6.63 14.17 -6.58
C THR D 138 -6.86 15.28 -7.59
N MET D 139 -6.04 16.32 -7.56
CA MET D 139 -6.14 17.37 -8.56
C MET D 139 -5.92 16.78 -9.94
N PRO D 140 -6.79 17.06 -10.91
CA PRO D 140 -6.60 16.49 -12.25
C PRO D 140 -5.32 16.97 -12.89
N GLY D 141 -4.69 16.10 -13.67
CA GLY D 141 -3.50 16.49 -14.40
C GLY D 141 -3.75 17.55 -15.44
N PHE D 142 -4.99 17.77 -15.83
CA PHE D 142 -5.31 18.83 -16.78
C PHE D 142 -4.98 20.19 -16.19
N VAL D 143 -5.21 20.37 -14.89
CA VAL D 143 -4.95 21.65 -14.26
C VAL D 143 -3.47 21.85 -13.96
N TYR D 144 -2.66 20.81 -14.03
CA TYR D 144 -1.21 20.93 -14.01
C TYR D 144 -0.63 21.23 -15.38
N LEU D 145 -1.46 21.13 -16.42
CA LEU D 145 -1.11 21.53 -17.77
C LEU D 145 -0.94 23.02 -17.92
N ILE D 146 -1.76 23.80 -17.21
CA ILE D 146 -1.79 25.25 -17.38
C ILE D 146 -0.58 25.88 -16.70
N PRO D 147 -0.35 25.65 -15.40
CA PRO D 147 0.76 26.33 -14.74
C PRO D 147 2.12 25.83 -15.19
N ALA D 148 2.27 24.53 -15.45
CA ALA D 148 3.56 24.02 -15.93
C ALA D 148 3.91 24.63 -17.28
N VAL D 149 2.92 24.71 -18.17
CA VAL D 149 3.12 25.35 -19.46
C VAL D 149 3.45 26.82 -19.27
N ALA D 150 2.73 27.49 -18.37
CA ALA D 150 2.96 28.92 -18.15
C ALA D 150 4.34 29.18 -17.59
N PHE D 151 4.90 28.24 -16.83
CA PHE D 151 6.15 28.44 -16.14
C PHE D 151 7.32 27.94 -16.98
N PHE D 152 7.28 26.66 -17.34
CA PHE D 152 8.34 26.00 -18.07
C PHE D 152 8.21 26.14 -19.58
N GLY D 153 6.99 26.11 -20.10
CA GLY D 153 6.77 26.10 -21.53
C GLY D 153 6.70 24.69 -22.08
N ILE D 154 6.10 24.57 -23.26
CA ILE D 154 5.90 23.28 -23.91
C ILE D 154 7.23 22.56 -24.04
N GLY D 155 7.19 21.24 -23.93
CA GLY D 155 8.37 20.43 -24.10
C GLY D 155 8.26 19.16 -23.27
N VAL D 156 9.38 18.79 -22.65
CA VAL D 156 9.45 17.59 -21.85
C VAL D 156 9.33 17.88 -20.36
N VAL D 157 9.99 18.93 -19.86
CA VAL D 157 10.08 19.13 -18.41
C VAL D 157 8.71 19.23 -17.78
N PRO D 158 7.73 19.93 -18.35
CA PRO D 158 6.40 19.99 -17.72
C PRO D 158 5.80 18.61 -17.50
N GLY D 159 6.01 17.69 -18.44
CA GLY D 159 5.50 16.34 -18.27
C GLY D 159 6.13 15.65 -17.07
N VAL D 160 7.44 15.83 -16.90
CA VAL D 160 8.13 15.26 -15.74
C VAL D 160 7.56 15.86 -14.46
N PHE D 161 7.37 17.18 -14.44
CA PHE D 161 6.85 17.83 -13.25
C PHE D 161 5.49 17.27 -12.86
N ALA D 162 4.58 17.17 -13.83
CA ALA D 162 3.24 16.63 -13.55
C ALA D 162 3.31 15.17 -13.13
N SER D 163 4.12 14.37 -13.82
CA SER D 163 4.20 12.95 -13.50
C SER D 163 4.75 12.74 -12.09
N VAL D 164 5.74 13.53 -11.70
CA VAL D 164 6.25 13.47 -10.33
C VAL D 164 5.13 13.81 -9.36
N ILE D 165 4.39 14.87 -9.65
CA ILE D 165 3.35 15.35 -8.75
C ILE D 165 2.32 14.26 -8.54
N PHE D 166 2.03 13.49 -9.60
CA PHE D 166 1.00 12.47 -9.53
C PHE D 166 1.50 11.10 -9.08
N ALA D 167 2.81 10.86 -9.09
CA ALA D 167 3.35 9.55 -8.74
C ALA D 167 4.07 9.51 -7.41
N LEU D 168 4.34 10.66 -6.79
CA LEU D 168 4.95 10.66 -5.46
C LEU D 168 4.09 10.02 -4.37
N PRO D 169 2.78 10.27 -4.30
CA PRO D 169 2.00 9.91 -3.11
C PRO D 169 2.11 8.44 -2.76
N PRO D 170 2.06 7.53 -3.74
CA PRO D 170 2.12 6.11 -3.38
C PRO D 170 3.40 5.73 -2.68
N THR D 171 4.54 6.15 -3.22
CA THR D 171 5.80 5.84 -2.56
C THR D 171 5.83 6.45 -1.17
N VAL D 172 5.40 7.71 -1.05
CA VAL D 172 5.41 8.36 0.26
C VAL D 172 4.60 7.56 1.27
N ARG D 173 3.35 7.24 0.91
CA ARG D 173 2.44 6.58 1.83
C ARG D 173 2.96 5.19 2.20
N MET D 174 3.41 4.43 1.20
CA MET D 174 3.83 3.06 1.48
C MET D 174 5.12 3.03 2.28
N THR D 175 6.04 3.95 2.03
CA THR D 175 7.23 4.05 2.88
C THR D 175 6.84 4.35 4.31
N ASN D 176 5.96 5.33 4.52
CA ASN D 176 5.50 5.64 5.87
C ASN D 176 4.89 4.41 6.52
N LEU D 177 4.04 3.69 5.79
CA LEU D 177 3.34 2.55 6.37
C LEU D 177 4.31 1.43 6.73
N GLY D 178 5.24 1.12 5.83
CA GLY D 178 6.18 0.06 6.10
C GLY D 178 7.12 0.38 7.25
N ILE D 179 7.54 1.64 7.36
CA ILE D 179 8.40 2.01 8.47
C ILE D 179 7.61 2.21 9.77
N ARG D 180 6.29 2.33 9.68
CA ARG D 180 5.43 2.38 10.85
C ARG D 180 4.91 1.01 11.26
N GLN D 181 5.28 -0.04 10.54
CA GLN D 181 4.75 -1.37 10.77
C GLN D 181 5.78 -2.35 11.33
N VAL D 182 7.07 -2.05 11.20
CA VAL D 182 8.08 -2.95 11.72
C VAL D 182 7.85 -3.16 13.21
N SER D 183 8.00 -4.41 13.66
CA SER D 183 7.65 -4.79 15.02
C SER D 183 8.43 -3.96 16.04
N THR D 184 7.72 -3.44 17.04
CA THR D 184 8.36 -2.65 18.08
C THR D 184 9.48 -3.39 18.77
N GLU D 185 9.36 -4.71 18.92
CA GLU D 185 10.38 -5.47 19.64
C GLU D 185 11.73 -5.35 18.95
N LEU D 186 11.75 -5.45 17.62
CA LEU D 186 13.01 -5.30 16.90
C LEU D 186 13.58 -3.91 17.08
N VAL D 187 12.72 -2.88 17.09
CA VAL D 187 13.19 -1.52 17.28
C VAL D 187 13.81 -1.36 18.66
N GLU D 188 13.16 -1.92 19.69
CA GLU D 188 13.73 -1.88 21.03
C GLU D 188 15.07 -2.60 21.07
N ALA D 189 15.16 -3.74 20.39
CA ALA D 189 16.42 -4.48 20.35
C ALA D 189 17.52 -3.65 19.71
N ALA D 190 17.23 -3.01 18.58
CA ALA D 190 18.24 -2.20 17.90
C ALA D 190 18.62 -0.99 18.73
N ASP D 191 17.66 -0.34 19.37
CA ASP D 191 17.98 0.78 20.25
C ASP D 191 18.87 0.33 21.40
N SER D 192 18.58 -0.84 21.97
CA SER D 192 19.31 -1.31 23.13
C SER D 192 20.77 -1.60 22.83
N PHE D 193 21.13 -1.77 21.55
CA PHE D 193 22.51 -1.93 21.14
C PHE D 193 23.11 -0.65 20.59
N GLY D 194 22.45 0.48 20.81
CA GLY D 194 22.98 1.76 20.38
C GLY D 194 23.13 1.85 18.88
N SER D 195 22.00 1.78 18.18
CA SER D 195 21.95 1.90 16.72
C SER D 195 21.28 3.21 16.38
N THR D 196 22.02 4.12 15.75
CA THR D 196 21.46 5.40 15.37
C THR D 196 20.28 5.19 14.42
N ALA D 197 19.52 6.26 14.21
CA ALA D 197 18.42 6.18 13.25
C ALA D 197 18.93 5.82 11.87
N ARG D 198 20.15 6.23 11.54
CA ARG D 198 20.74 5.85 10.26
C ARG D 198 20.94 4.35 10.16
N GLN D 199 21.60 3.76 11.15
CA GLN D 199 21.86 2.33 11.12
C GLN D 199 20.57 1.54 11.33
N LYS D 200 19.73 2.02 12.25
CA LYS D 200 18.45 1.38 12.49
C LYS D 200 17.53 1.47 11.28
N LEU D 201 17.84 2.38 10.36
CA LEU D 201 17.03 2.56 9.15
C LEU D 201 17.58 1.73 7.99
N PHE D 202 18.90 1.67 7.86
CA PHE D 202 19.52 0.92 6.78
C PHE D 202 19.62 -0.57 7.09
N LYS D 203 19.46 -0.97 8.34
CA LYS D 203 19.65 -2.37 8.73
C LYS D 203 18.36 -3.06 9.16
N LEU D 204 17.41 -2.33 9.73
CA LEU D 204 16.21 -2.92 10.31
C LEU D 204 14.93 -2.54 9.60
N GLU D 205 14.60 -1.25 9.53
CA GLU D 205 13.27 -0.84 9.09
C GLU D 205 13.09 -1.03 7.60
N PHE D 206 14.05 -0.56 6.80
CA PHE D 206 13.93 -0.61 5.35
C PHE D 206 13.94 -2.05 4.84
N PRO D 207 14.86 -2.90 5.30
CA PRO D 207 14.86 -4.29 4.80
C PRO D 207 13.60 -5.07 5.11
N LEU D 208 12.85 -4.68 6.14
CA LEU D 208 11.61 -5.34 6.48
C LEU D 208 10.39 -4.67 5.85
N ALA D 209 10.48 -3.37 5.54
CA ALA D 209 9.42 -2.66 4.87
C ALA D 209 9.52 -2.75 3.35
N LYS D 210 10.60 -3.31 2.82
CA LYS D 210 10.78 -3.45 1.38
C LYS D 210 9.50 -3.91 0.67
N GLY D 211 8.71 -4.77 1.30
CA GLY D 211 7.48 -5.19 0.68
C GLY D 211 6.59 -4.03 0.31
N THR D 212 6.14 -3.29 1.33
CA THR D 212 5.26 -2.16 1.08
C THR D 212 5.96 -1.09 0.26
N ILE D 213 7.25 -0.86 0.52
CA ILE D 213 7.98 0.18 -0.18
C ILE D 213 7.99 -0.10 -1.68
N MET D 214 8.26 -1.35 -2.06
CA MET D 214 8.31 -1.70 -3.47
C MET D 214 6.91 -1.77 -4.07
N ALA D 215 5.90 -2.08 -3.26
CA ALA D 215 4.53 -1.96 -3.76
C ALA D 215 4.23 -0.51 -4.12
N GLY D 216 4.62 0.41 -3.25
CA GLY D 216 4.43 1.81 -3.54
C GLY D 216 5.23 2.28 -4.74
N VAL D 217 6.42 1.70 -4.91
CA VAL D 217 7.23 2.02 -6.08
C VAL D 217 6.56 1.52 -7.36
N ASN D 218 5.99 0.31 -7.32
CA ASN D 218 5.23 -0.19 -8.45
C ASN D 218 4.07 0.73 -8.78
N GLN D 219 3.36 1.18 -7.75
CA GLN D 219 2.28 2.13 -7.95
C GLN D 219 2.79 3.42 -8.57
N THR D 220 3.91 3.93 -8.07
CA THR D 220 4.51 5.14 -8.61
C THR D 220 4.78 4.98 -10.10
N ILE D 221 5.38 3.86 -10.48
CA ILE D 221 5.74 3.64 -11.87
C ILE D 221 4.50 3.54 -12.74
N MET D 222 3.51 2.77 -12.31
CA MET D 222 2.30 2.63 -13.11
C MET D 222 1.58 3.96 -13.27
N LEU D 223 1.54 4.77 -12.20
CA LEU D 223 0.89 6.07 -12.31
C LEU D 223 1.68 7.01 -13.20
N ALA D 224 3.00 6.98 -13.13
CA ALA D 224 3.80 7.79 -14.04
C ALA D 224 3.55 7.40 -15.49
N LEU D 225 3.43 6.11 -15.76
CA LEU D 225 3.13 5.65 -17.11
C LEU D 225 1.72 6.05 -17.55
N SER D 226 0.75 6.00 -16.63
CA SER D 226 -0.59 6.45 -16.96
C SER D 226 -0.61 7.95 -17.22
N MET D 227 0.26 8.70 -16.57
CA MET D 227 0.42 10.13 -16.80
C MET D 227 1.40 10.39 -17.93
N VAL D 228 1.14 9.74 -19.06
CA VAL D 228 1.92 9.97 -20.27
C VAL D 228 1.09 10.63 -21.36
N VAL D 229 -0.19 10.31 -21.47
CA VAL D 229 -1.06 11.03 -22.40
C VAL D 229 -1.14 12.50 -22.00
N ILE D 230 -1.28 12.77 -20.70
CA ILE D 230 -1.34 14.14 -20.23
C ILE D 230 -0.05 14.88 -20.49
N ALA D 231 1.08 14.17 -20.58
CA ALA D 231 2.35 14.80 -20.89
C ALA D 231 2.55 15.01 -22.38
N SER D 232 2.10 14.06 -23.20
CA SER D 232 2.09 14.24 -24.64
C SER D 232 1.07 15.28 -25.07
N MET D 233 0.18 15.68 -24.17
CA MET D 233 -0.74 16.78 -24.41
C MET D 233 -0.13 18.12 -24.09
N ILE D 234 1.11 18.14 -23.59
CA ILE D 234 1.81 19.40 -23.33
C ILE D 234 3.20 19.34 -23.96
N GLY D 235 3.34 18.57 -25.04
CA GLY D 235 4.51 18.59 -25.89
C GLY D 235 5.46 17.42 -25.68
N ALA D 236 5.35 16.73 -24.56
CA ALA D 236 6.25 15.62 -24.30
C ALA D 236 6.13 14.57 -25.40
N PRO D 237 7.20 14.34 -26.19
CA PRO D 237 7.10 13.33 -27.25
C PRO D 237 7.01 11.92 -26.70
N GLY D 238 6.76 10.94 -27.57
CA GLY D 238 6.67 9.56 -27.15
C GLY D 238 5.44 8.86 -27.65
N LEU D 239 4.95 7.90 -26.86
CA LEU D 239 3.80 7.10 -27.26
C LEU D 239 2.47 7.78 -26.95
N GLY D 240 2.47 8.78 -26.08
CA GLY D 240 1.24 9.54 -25.86
C GLY D 240 0.78 10.24 -27.11
N ARG D 241 1.72 10.69 -27.94
CA ARG D 241 1.35 11.30 -29.21
C ARG D 241 0.59 10.32 -30.09
N GLY D 242 1.02 9.07 -30.12
CA GLY D 242 0.31 8.07 -30.89
C GLY D 242 -1.11 7.86 -30.40
N VAL D 243 -1.29 7.80 -29.09
CA VAL D 243 -2.63 7.62 -28.52
C VAL D 243 -3.50 8.82 -28.87
N LEU D 244 -2.94 10.03 -28.78
CA LEU D 244 -3.72 11.22 -29.09
C LEU D 244 -4.12 11.24 -30.56
N ALA D 245 -3.19 10.87 -31.45
CA ALA D 245 -3.51 10.83 -32.87
C ALA D 245 -4.59 9.80 -33.15
N ALA D 246 -4.52 8.64 -32.49
CA ALA D 246 -5.56 7.64 -32.65
C ALA D 246 -6.91 8.15 -32.16
N VAL D 247 -6.91 8.85 -31.02
CA VAL D 247 -8.16 9.36 -30.46
C VAL D 247 -8.79 10.37 -31.40
N GLN D 248 -7.98 11.29 -31.94
CA GLN D 248 -8.52 12.28 -32.86
C GLN D 248 -8.98 11.63 -34.16
N SER D 249 -8.18 10.70 -34.70
CA SER D 249 -8.56 9.96 -35.88
C SER D 249 -9.53 8.83 -35.59
N ALA D 250 -9.75 8.51 -34.31
CA ALA D 250 -10.70 7.47 -33.92
C ALA D 250 -10.31 6.10 -34.47
N ASP D 251 -9.02 5.88 -34.70
CA ASP D 251 -8.52 4.56 -35.11
C ASP D 251 -8.09 3.83 -33.85
N ILE D 252 -8.93 2.89 -33.43
CA ILE D 252 -8.66 2.15 -32.21
C ILE D 252 -7.37 1.33 -32.33
N GLY D 253 -7.00 0.93 -33.54
CA GLY D 253 -5.86 0.05 -33.70
C GLY D 253 -4.55 0.68 -33.27
N LYS D 254 -4.29 1.90 -33.74
CA LYS D 254 -3.01 2.54 -33.42
C LYS D 254 -2.96 2.96 -31.97
N GLY D 255 -4.07 3.47 -31.44
CA GLY D 255 -4.13 3.76 -30.02
C GLY D 255 -3.87 2.51 -29.19
N PHE D 256 -4.45 1.39 -29.59
CA PHE D 256 -4.22 0.15 -28.87
C PHE D 256 -2.77 -0.29 -28.98
N VAL D 257 -2.15 -0.13 -30.14
CA VAL D 257 -0.74 -0.51 -30.29
C VAL D 257 0.12 0.32 -29.35
N SER D 258 -0.13 1.63 -29.30
CA SER D 258 0.63 2.49 -28.40
C SER D 258 0.39 2.10 -26.95
N GLY D 259 -0.86 1.82 -26.58
CA GLY D 259 -1.15 1.44 -25.22
C GLY D 259 -0.50 0.13 -24.82
N ILE D 260 -0.47 -0.84 -25.73
CA ILE D 260 0.20 -2.10 -25.45
C ILE D 260 1.71 -1.91 -25.33
N SER D 261 2.27 -1.00 -26.13
CA SER D 261 3.69 -0.67 -25.93
C SER D 261 3.91 -0.10 -24.54
N LEU D 262 3.03 0.80 -24.10
CA LEU D 262 3.11 1.34 -22.76
C LEU D 262 3.03 0.23 -21.71
N VAL D 263 2.08 -0.69 -21.90
CA VAL D 263 1.86 -1.75 -20.91
C VAL D 263 3.04 -2.69 -20.86
N ILE D 264 3.62 -3.00 -22.02
CA ILE D 264 4.80 -3.85 -22.07
C ILE D 264 5.94 -3.19 -21.32
N LEU D 265 6.15 -1.89 -21.56
CA LEU D 265 7.19 -1.17 -20.84
C LEU D 265 6.94 -1.20 -19.35
N ALA D 266 5.68 -1.02 -18.94
CA ALA D 266 5.33 -1.04 -17.54
C ALA D 266 5.64 -2.39 -16.92
N ILE D 267 5.27 -3.47 -17.60
CA ILE D 267 5.50 -4.81 -17.08
C ILE D 267 6.98 -5.07 -16.94
N ILE D 268 7.76 -4.68 -17.96
CA ILE D 268 9.20 -4.93 -17.92
C ILE D 268 9.83 -4.19 -16.74
N ILE D 269 9.51 -2.90 -16.62
CA ILE D 269 10.08 -2.11 -15.53
C ILE D 269 9.64 -2.67 -14.19
N ASP D 270 8.37 -3.07 -14.08
CA ASP D 270 7.86 -3.58 -12.82
C ASP D 270 8.55 -4.88 -12.43
N ARG D 271 8.77 -5.77 -13.39
CA ARG D 271 9.46 -7.03 -13.09
C ARG D 271 10.89 -6.77 -12.67
N PHE D 272 11.59 -5.89 -13.39
CA PHE D 272 12.96 -5.56 -13.00
C PHE D 272 13.00 -5.00 -11.58
N THR D 273 12.08 -4.10 -11.25
CA THR D 273 12.06 -3.51 -9.93
C THR D 273 11.76 -4.56 -8.87
N GLN D 274 10.75 -5.40 -9.11
CA GLN D 274 10.40 -6.45 -8.17
C GLN D 274 11.56 -7.40 -7.92
N LYS D 275 12.39 -7.65 -8.92
CA LYS D 275 13.56 -8.50 -8.72
C LYS D 275 14.62 -7.87 -7.82
N LEU D 276 14.37 -6.65 -7.33
CA LEU D 276 15.26 -6.01 -6.38
C LEU D 276 14.83 -6.25 -4.93
N ASN D 277 13.56 -6.57 -4.71
CA ASN D 277 13.08 -6.80 -3.35
C ASN D 277 13.87 -7.92 -2.67
N VAL D 278 13.97 -9.07 -3.34
CA VAL D 278 14.71 -10.20 -2.78
C VAL D 278 15.23 -11.08 -3.91
N VAL D 289 28.23 -17.67 -9.12
CA VAL D 289 27.45 -17.40 -10.31
C VAL D 289 27.12 -15.91 -10.38
N LYS D 290 26.74 -15.34 -9.23
CA LYS D 290 26.43 -13.92 -9.19
C LYS D 290 27.59 -13.08 -9.70
N LYS D 291 28.82 -13.50 -9.41
CA LYS D 291 29.97 -12.80 -9.99
C LYS D 291 29.94 -12.90 -11.51
N TRP D 292 29.63 -14.07 -12.05
CA TRP D 292 29.57 -14.22 -13.49
C TRP D 292 28.43 -13.40 -14.08
N LYS D 293 27.28 -13.36 -13.42
CA LYS D 293 26.19 -12.53 -13.90
C LYS D 293 26.58 -11.05 -13.90
N ARG D 294 27.23 -10.61 -12.84
CA ARG D 294 27.75 -9.23 -12.80
C ARG D 294 28.69 -8.97 -13.95
N GLY D 295 29.59 -9.92 -14.23
CA GLY D 295 30.53 -9.74 -15.32
C GLY D 295 29.84 -9.66 -16.67
N ILE D 296 28.85 -10.52 -16.89
CA ILE D 296 28.13 -10.51 -18.16
C ILE D 296 27.35 -9.21 -18.31
N ALA D 297 26.73 -8.73 -17.24
CA ALA D 297 26.01 -7.46 -17.31
C ALA D 297 26.96 -6.30 -17.59
N LEU D 298 28.16 -6.32 -16.99
CA LEU D 298 29.16 -5.31 -17.29
C LEU D 298 29.57 -5.36 -18.76
N VAL D 299 29.77 -6.57 -19.29
CA VAL D 299 30.08 -6.72 -20.71
C VAL D 299 28.97 -6.12 -21.56
N SER D 300 27.71 -6.38 -21.18
CA SER D 300 26.59 -5.83 -21.93
C SER D 300 26.58 -4.31 -21.88
N LEU D 301 26.87 -3.73 -20.72
CA LEU D 301 26.93 -2.27 -20.62
C LEU D 301 28.04 -1.73 -21.51
N LEU D 302 29.20 -2.41 -21.54
CA LEU D 302 30.27 -1.96 -22.41
C LEU D 302 29.85 -2.01 -23.88
N ALA D 303 29.12 -3.06 -24.26
CA ALA D 303 28.62 -3.13 -25.63
C ALA D 303 27.65 -1.99 -25.92
N LEU D 304 26.79 -1.66 -24.96
CA LEU D 304 25.89 -0.53 -25.14
C LEU D 304 26.66 0.76 -25.32
N ILE D 305 27.75 0.92 -24.56
CA ILE D 305 28.58 2.12 -24.71
C ILE D 305 29.19 2.17 -26.11
N ILE D 306 29.66 1.01 -26.61
CA ILE D 306 30.17 0.99 -27.97
C ILE D 306 29.08 1.41 -28.94
N GLY D 307 27.87 0.89 -28.76
CA GLY D 307 26.78 1.22 -29.65
C GLY D 307 26.45 2.70 -29.64
N ALA D 308 26.49 3.32 -28.45
CA ALA D 308 26.34 4.76 -28.37
C ALA D 308 27.44 5.47 -29.14
N PHE D 309 28.69 5.01 -28.98
CA PHE D 309 29.77 5.56 -29.80
C PHE D 309 29.61 5.20 -31.27
N SER D 310 29.23 3.96 -31.56
CA SER D 310 29.04 3.52 -32.94
C SER D 310 27.95 4.33 -33.62
#